data_2IZZ
#
_entry.id   2IZZ
#
_cell.length_a   110.453
_cell.length_b   177.944
_cell.length_c   87.916
_cell.angle_alpha   90.00
_cell.angle_beta   106.70
_cell.angle_gamma   90.00
#
_symmetry.space_group_name_H-M   'C 1 2 1'
#
loop_
_entity.id
_entity.type
_entity.pdbx_description
1 polymer 'PYRROLINE-5-CARBOXYLATE REDUCTASE 1'
2 non-polymer NICOTINAMIDE-ADENINE-DINUCLEOTIDE
3 non-polymer 1,2-ETHANEDIOL
4 water water
#
_entity_poly.entity_id   1
_entity_poly.type   'polypeptide(L)'
_entity_poly.pdbx_seq_one_letter_code
;MHHHHHHSSGVDLGTENLYFQSMSVGFIGAGQLAFALAKGFTAAGVLAAHKIMASSPDMDLATVSALRKMGVKLTPHNKE
TVQHSDVLFLAVKPHIIPFILDEIGADIEDRHIVVSCAAGVTISSIEKKLSAFRPAPRVIRCMTNTPVVVREGATVYATG
THAQVEDGRLMEQLLSSVGFCTEVEEDLIDAVTGLSGSGPAYAFTALDALADGGVKMGLPRRLAVRLGAQALLGAAKMLL
HSEQHPGQLKDNVSSPGGATIHALHVLESGGFRSLLINAVEASCIRTRELQSMADQEQVSPAAIKKTILDKVKLDSPAGT
AL
;
_entity_poly.pdbx_strand_id   A,B,C,D,E
#
# COMPACT_ATOMS: atom_id res chain seq x y z
N SER A 22 0.21 12.11 37.73
CA SER A 22 -0.11 11.11 38.81
C SER A 22 -0.15 9.65 38.32
N MET A 23 -0.67 9.46 37.10
CA MET A 23 -0.89 8.15 36.52
C MET A 23 0.42 7.47 36.11
N SER A 24 0.54 6.19 36.43
CA SER A 24 1.64 5.36 35.93
C SER A 24 1.11 4.42 34.87
N VAL A 25 1.84 4.33 33.76
CA VAL A 25 1.39 3.54 32.61
C VAL A 25 2.37 2.40 32.40
N GLY A 26 1.83 1.21 32.12
CA GLY A 26 2.65 0.04 31.81
C GLY A 26 2.32 -0.54 30.46
N PHE A 27 3.33 -1.08 29.79
CA PHE A 27 3.11 -1.89 28.59
C PHE A 27 3.69 -3.28 28.79
N ILE A 28 2.85 -4.29 28.66
CA ILE A 28 3.34 -5.65 28.51
C ILE A 28 3.55 -5.86 27.01
N GLY A 29 4.81 -6.01 26.62
CA GLY A 29 5.23 -5.92 25.22
C GLY A 29 5.93 -4.60 25.00
N ALA A 30 7.08 -4.63 24.33
CA ALA A 30 7.89 -3.44 24.12
C ALA A 30 8.24 -3.32 22.64
N GLY A 31 7.21 -3.47 21.81
CA GLY A 31 7.36 -3.44 20.36
C GLY A 31 6.84 -2.15 19.73
N GLN A 32 6.36 -2.27 18.50
CA GLN A 32 5.99 -1.11 17.69
C GLN A 32 4.89 -0.27 18.33
N LEU A 33 3.84 -0.92 18.84
CA LEU A 33 2.71 -0.21 19.44
C LEU A 33 3.07 0.48 20.75
N ALA A 34 3.81 -0.20 21.63
CA ALA A 34 4.25 0.38 22.91
C ALA A 34 5.12 1.61 22.65
N PHE A 35 6.03 1.50 21.69
CA PHE A 35 6.86 2.63 21.30
C PHE A 35 6.01 3.79 20.77
N ALA A 36 5.08 3.49 19.87
CA ALA A 36 4.23 4.51 19.27
C ALA A 36 3.40 5.26 20.31
N LEU A 37 2.73 4.51 21.19
CA LEU A 37 1.93 5.10 22.26
C LEU A 37 2.78 5.86 23.28
N ALA A 38 3.92 5.27 23.67
CA ALA A 38 4.86 5.93 24.58
C ALA A 38 5.30 7.27 24.01
N LYS A 39 5.70 7.25 22.74
CA LYS A 39 6.11 8.46 22.04
C LYS A 39 4.98 9.49 22.00
N GLY A 40 3.76 9.05 21.68
CA GLY A 40 2.62 9.96 21.61
C GLY A 40 2.30 10.61 22.94
N PHE A 41 2.21 9.80 23.99
CA PHE A 41 1.84 10.27 25.33
C PHE A 41 2.84 11.28 25.88
N THR A 42 4.13 11.01 25.69
CA THR A 42 5.19 11.90 26.17
C THR A 42 5.27 13.16 25.32
N ALA A 43 5.07 13.03 24.02
CA ALA A 43 4.98 14.21 23.13
C ALA A 43 3.77 15.08 23.48
N ALA A 44 2.67 14.45 23.88
CA ALA A 44 1.46 15.16 24.33
C ALA A 44 1.65 15.84 25.70
N GLY A 45 2.67 15.45 26.45
CA GLY A 45 2.89 15.97 27.80
C GLY A 45 1.93 15.41 28.83
N VAL A 46 1.21 14.34 28.51
CA VAL A 46 0.31 13.74 29.48
C VAL A 46 1.10 12.93 30.51
N LEU A 47 2.21 12.32 30.07
CA LEU A 47 3.02 11.44 30.93
C LEU A 47 4.47 11.79 30.81
N ALA A 48 5.18 11.73 31.93
CA ALA A 48 6.62 11.73 31.93
C ALA A 48 7.10 10.36 31.46
N ALA A 49 8.11 10.33 30.60
CA ALA A 49 8.66 9.06 30.11
C ALA A 49 8.95 8.07 31.24
N HIS A 50 9.57 8.56 32.33
CA HIS A 50 9.93 7.71 33.47
C HIS A 50 8.73 7.15 34.28
N LYS A 51 7.53 7.67 34.02
CA LYS A 51 6.29 7.10 34.57
C LYS A 51 5.72 5.99 33.69
N ILE A 52 6.42 5.65 32.61
CA ILE A 52 6.08 4.52 31.77
C ILE A 52 7.12 3.41 31.96
N MET A 53 6.62 2.18 32.09
CA MET A 53 7.47 0.98 32.11
C MET A 53 6.96 -0.01 31.06
N ALA A 54 7.87 -0.59 30.29
CA ALA A 54 7.54 -1.60 29.28
C ALA A 54 8.35 -2.85 29.56
N SER A 55 7.76 -4.02 29.31
CA SER A 55 8.47 -5.28 29.47
C SER A 55 8.48 -6.11 28.20
N SER A 56 9.56 -6.87 28.04
CA SER A 56 9.73 -7.77 26.93
C SER A 56 10.76 -8.83 27.31
N PRO A 57 10.54 -10.09 26.88
CA PRO A 57 11.57 -11.10 27.11
C PRO A 57 12.85 -10.87 26.29
N ASP A 58 12.76 -10.19 25.15
CA ASP A 58 13.94 -9.84 24.36
C ASP A 58 14.26 -8.36 24.54
N MET A 59 15.28 -8.07 25.33
CA MET A 59 15.67 -6.69 25.62
C MET A 59 16.70 -6.14 24.63
N ASP A 60 16.91 -6.87 23.53
CA ASP A 60 17.86 -6.51 22.49
C ASP A 60 17.15 -6.20 21.17
N LEU A 61 15.90 -5.73 21.25
CA LEU A 61 15.13 -5.30 20.09
C LEU A 61 15.32 -3.80 19.84
N ALA A 62 15.16 -3.38 18.58
CA ALA A 62 15.25 -1.97 18.19
C ALA A 62 14.23 -1.10 18.91
N THR A 63 13.01 -1.64 19.08
CA THR A 63 11.96 -0.92 19.78
C THR A 63 12.34 -0.67 21.26
N VAL A 64 12.92 -1.67 21.90
CA VAL A 64 13.37 -1.54 23.29
C VAL A 64 14.43 -0.43 23.43
N SER A 65 15.42 -0.41 22.52
CA SER A 65 16.45 0.64 22.51
C SER A 65 15.88 2.04 22.32
N ALA A 66 14.85 2.14 21.49
CA ALA A 66 14.15 3.41 21.24
C ALA A 66 13.39 3.86 22.48
N LEU A 67 12.74 2.93 23.15
CA LEU A 67 12.07 3.22 24.42
C LEU A 67 13.09 3.64 25.49
N ARG A 68 14.22 2.95 25.52
CA ARG A 68 15.29 3.26 26.50
C ARG A 68 15.82 4.68 26.30
N LYS A 69 16.10 5.07 25.05
CA LYS A 69 16.56 6.43 24.74
C LYS A 69 15.56 7.52 25.15
N MET A 70 14.26 7.20 25.02
CA MET A 70 13.15 8.09 25.47
C MET A 70 13.11 8.36 26.98
N GLY A 71 13.70 7.46 27.77
CA GLY A 71 13.64 7.53 29.22
C GLY A 71 12.56 6.64 29.82
N VAL A 72 11.92 5.82 29.00
CA VAL A 72 10.96 4.81 29.50
C VAL A 72 11.68 3.73 30.32
N LYS A 73 11.05 3.29 31.41
CA LYS A 73 11.63 2.24 32.26
C LYS A 73 11.41 0.87 31.60
N LEU A 74 12.45 0.04 31.59
CA LEU A 74 12.41 -1.23 30.89
C LEU A 74 12.77 -2.37 31.83
N THR A 75 12.09 -3.49 31.69
CA THR A 75 12.39 -4.68 32.49
C THR A 75 11.99 -5.94 31.73
N PRO A 76 12.74 -7.04 31.92
CA PRO A 76 12.28 -8.31 31.34
C PRO A 76 11.11 -8.96 32.10
N HIS A 77 10.78 -8.42 33.28
CA HIS A 77 9.80 -9.03 34.19
C HIS A 77 8.43 -8.35 34.11
N ASN A 78 7.44 -9.07 33.60
CA ASN A 78 6.07 -8.56 33.44
C ASN A 78 5.37 -8.21 34.75
N LYS A 79 5.73 -8.93 35.82
CA LYS A 79 5.24 -8.62 37.16
C LYS A 79 5.66 -7.22 37.58
N GLU A 80 6.88 -6.82 37.24
CA GLU A 80 7.36 -5.49 37.60
C GLU A 80 6.53 -4.43 36.88
N THR A 81 6.25 -4.66 35.60
CA THR A 81 5.38 -3.77 34.85
C THR A 81 4.00 -3.65 35.52
N VAL A 82 3.42 -4.78 35.92
CA VAL A 82 2.10 -4.78 36.56
C VAL A 82 2.12 -3.96 37.87
N GLN A 83 3.12 -4.19 38.70
CA GLN A 83 3.18 -3.52 40.01
C GLN A 83 3.46 -2.02 39.89
N HIS A 84 4.20 -1.66 38.85
CA HIS A 84 4.46 -0.25 38.49
C HIS A 84 3.17 0.48 38.06
N SER A 85 2.31 -0.24 37.34
CA SER A 85 1.27 0.39 36.54
C SER A 85 -0.03 0.65 37.28
N ASP A 86 -0.75 1.68 36.83
CA ASP A 86 -2.17 1.89 37.15
C ASP A 86 -3.02 1.54 35.92
N VAL A 87 -2.65 2.10 34.78
CA VAL A 87 -3.25 1.71 33.50
C VAL A 87 -2.25 0.77 32.84
N LEU A 88 -2.68 -0.46 32.56
CA LEU A 88 -1.80 -1.49 32.03
C LEU A 88 -2.23 -1.89 30.62
N PHE A 89 -1.41 -1.52 29.63
CA PHE A 89 -1.67 -1.84 28.23
C PHE A 89 -1.09 -3.19 27.88
N LEU A 90 -1.90 -4.02 27.25
CA LEU A 90 -1.44 -5.30 26.72
C LEU A 90 -1.14 -5.09 25.24
N ALA A 91 0.15 -5.08 24.93
CA ALA A 91 0.72 -4.75 23.62
C ALA A 91 1.57 -5.91 23.11
N VAL A 92 1.00 -7.11 23.20
CA VAL A 92 1.63 -8.31 22.67
C VAL A 92 0.72 -8.88 21.61
N LYS A 93 1.26 -9.84 20.85
CA LYS A 93 0.52 -10.52 19.80
C LYS A 93 -0.63 -11.29 20.43
N PRO A 94 -1.76 -11.41 19.71
CA PRO A 94 -2.98 -12.06 20.21
C PRO A 94 -2.76 -13.41 20.88
N HIS A 95 -1.93 -14.26 20.28
CA HIS A 95 -1.71 -15.61 20.80
C HIS A 95 -0.90 -15.61 22.11
N ILE A 96 -0.16 -14.54 22.35
CA ILE A 96 0.61 -14.37 23.60
C ILE A 96 -0.30 -13.91 24.76
N ILE A 97 -1.43 -13.31 24.45
CA ILE A 97 -2.29 -12.74 25.50
C ILE A 97 -2.70 -13.73 26.61
N PRO A 98 -3.29 -14.89 26.27
CA PRO A 98 -3.64 -15.85 27.33
C PRO A 98 -2.46 -16.31 28.19
N PHE A 99 -1.27 -16.40 27.61
CA PHE A 99 -0.06 -16.76 28.36
C PHE A 99 0.26 -15.71 29.42
N ILE A 100 0.26 -14.44 29.03
CA ILE A 100 0.61 -13.39 30.00
C ILE A 100 -0.52 -13.14 31.02
N LEU A 101 -1.78 -13.37 30.64
CA LEU A 101 -2.90 -13.32 31.61
C LEU A 101 -2.75 -14.40 32.72
N ASP A 102 -2.37 -15.61 32.33
CA ASP A 102 -2.01 -16.67 33.29
C ASP A 102 -0.87 -16.22 34.20
N GLU A 103 0.16 -15.65 33.58
CA GLU A 103 1.39 -15.25 34.29
C GLU A 103 1.14 -14.18 35.34
N ILE A 104 0.53 -13.07 34.96
CA ILE A 104 0.40 -11.93 35.88
C ILE A 104 -0.99 -11.71 36.46
N GLY A 105 -1.91 -12.64 36.17
CA GLY A 105 -3.29 -12.56 36.66
C GLY A 105 -3.40 -12.38 38.16
N ALA A 106 -2.52 -13.06 38.90
CA ALA A 106 -2.46 -12.99 40.35
C ALA A 106 -1.96 -11.65 40.87
N ASP A 107 -1.30 -10.87 40.01
CA ASP A 107 -0.69 -9.60 40.39
C ASP A 107 -1.60 -8.41 40.07
N ILE A 108 -2.70 -8.68 39.37
CA ILE A 108 -3.68 -7.64 39.04
C ILE A 108 -4.38 -7.22 40.33
N GLU A 109 -4.36 -5.92 40.60
CA GLU A 109 -4.94 -5.34 41.78
C GLU A 109 -6.25 -4.65 41.43
N ASP A 110 -6.98 -4.23 42.45
CA ASP A 110 -8.25 -3.56 42.25
C ASP A 110 -8.05 -2.21 41.54
N ARG A 111 -6.90 -1.56 41.78
CA ARG A 111 -6.58 -0.26 41.16
C ARG A 111 -6.38 -0.30 39.64
N HIS A 112 -6.08 -1.48 39.12
CA HIS A 112 -5.69 -1.63 37.71
C HIS A 112 -6.83 -1.48 36.72
N ILE A 113 -6.56 -0.72 35.66
CA ILE A 113 -7.36 -0.77 34.44
C ILE A 113 -6.52 -1.48 33.40
N VAL A 114 -7.01 -2.62 32.92
CA VAL A 114 -6.28 -3.44 31.98
C VAL A 114 -6.82 -3.12 30.61
N VAL A 115 -5.94 -2.60 29.75
CA VAL A 115 -6.33 -2.13 28.41
C VAL A 115 -5.68 -3.03 27.36
N SER A 116 -6.48 -3.89 26.75
CA SER A 116 -5.98 -4.79 25.72
C SER A 116 -5.99 -4.09 24.36
N CYS A 117 -4.82 -4.01 23.74
CA CYS A 117 -4.68 -3.47 22.40
C CYS A 117 -4.57 -4.55 21.33
N ALA A 118 -4.59 -5.81 21.75
CA ALA A 118 -4.39 -6.92 20.84
C ALA A 118 -5.53 -7.06 19.82
N ALA A 119 -5.16 -7.24 18.55
CA ALA A 119 -6.14 -7.49 17.48
C ALA A 119 -7.01 -8.70 17.82
N GLY A 120 -8.33 -8.55 17.74
CA GLY A 120 -9.23 -9.68 17.80
C GLY A 120 -9.61 -10.21 19.18
N VAL A 121 -8.77 -9.98 20.19
CA VAL A 121 -8.95 -10.63 21.49
C VAL A 121 -10.09 -9.99 22.26
N THR A 122 -11.06 -10.80 22.65
CA THR A 122 -12.31 -10.32 23.18
C THR A 122 -12.20 -9.96 24.67
N ILE A 123 -12.95 -8.95 25.07
CA ILE A 123 -13.13 -8.61 26.50
C ILE A 123 -13.54 -9.86 27.30
N SER A 124 -14.49 -10.63 26.80
CA SER A 124 -14.93 -11.86 27.45
C SER A 124 -13.78 -12.81 27.81
N SER A 125 -12.89 -13.06 26.84
CA SER A 125 -11.78 -14.00 27.02
C SER A 125 -10.79 -13.51 28.07
N ILE A 126 -10.59 -12.19 28.12
CA ILE A 126 -9.68 -11.57 29.06
C ILE A 126 -10.27 -11.61 30.47
N GLU A 127 -11.53 -11.25 30.61
CA GLU A 127 -12.21 -11.27 31.90
C GLU A 127 -12.31 -12.70 32.43
N LYS A 128 -12.52 -13.68 31.55
CA LYS A 128 -12.59 -15.09 31.98
C LYS A 128 -11.29 -15.53 32.67
N LYS A 129 -10.15 -15.20 32.09
CA LYS A 129 -8.85 -15.55 32.65
C LYS A 129 -8.59 -14.80 33.96
N LEU A 130 -8.78 -13.48 33.93
CA LEU A 130 -8.46 -12.63 35.09
C LEU A 130 -9.41 -12.83 36.27
N SER A 131 -10.67 -13.14 35.97
CA SER A 131 -11.71 -13.36 36.99
C SER A 131 -11.45 -14.61 37.87
N ALA A 132 -10.60 -15.52 37.41
CA ALA A 132 -10.14 -16.64 38.23
C ALA A 132 -9.30 -16.17 39.44
N PHE A 133 -8.73 -14.96 39.37
CA PHE A 133 -7.84 -14.45 40.42
C PHE A 133 -8.50 -13.42 41.35
N ARG A 134 -9.06 -12.35 40.81
CA ARG A 134 -9.90 -11.40 41.58
C ARG A 134 -11.20 -11.27 40.81
N PRO A 135 -12.34 -11.09 41.51
CA PRO A 135 -13.66 -11.18 40.87
C PRO A 135 -14.07 -10.08 39.86
N ALA A 136 -13.52 -8.87 39.96
CA ALA A 136 -14.04 -7.75 39.17
C ALA A 136 -12.93 -6.99 38.40
N PRO A 137 -12.19 -7.70 37.52
CA PRO A 137 -11.13 -7.02 36.75
C PRO A 137 -11.72 -5.94 35.85
N ARG A 138 -11.11 -4.77 35.86
CA ARG A 138 -11.54 -3.64 35.03
C ARG A 138 -10.82 -3.71 33.68
N VAL A 139 -11.57 -4.06 32.64
CA VAL A 139 -11.01 -4.37 31.34
C VAL A 139 -11.60 -3.41 30.31
N ILE A 140 -10.71 -2.80 29.54
CA ILE A 140 -11.07 -2.02 28.36
C ILE A 140 -10.35 -2.65 27.15
N ARG A 141 -11.10 -2.79 26.04
CA ARG A 141 -10.52 -3.21 24.77
C ARG A 141 -10.38 -1.98 23.85
N CYS A 142 -9.24 -1.93 23.18
CA CYS A 142 -8.84 -0.77 22.40
C CYS A 142 -8.39 -1.21 20.99
N MET A 143 -8.68 -0.40 19.97
CA MET A 143 -7.96 -0.50 18.69
C MET A 143 -7.46 0.89 18.35
N THR A 144 -6.16 0.98 18.10
CA THR A 144 -5.53 2.24 17.78
C THR A 144 -4.62 2.02 16.56
N ASN A 145 -3.72 2.95 16.30
CA ASN A 145 -2.80 2.82 15.17
C ASN A 145 -1.52 3.61 15.41
N THR A 146 -0.53 3.41 14.55
CA THR A 146 0.80 3.95 14.79
C THR A 146 0.88 5.50 14.74
N PRO A 147 0.03 6.18 13.93
CA PRO A 147 0.06 7.67 13.99
C PRO A 147 -0.21 8.37 15.32
N VAL A 148 -0.51 7.61 16.37
CA VAL A 148 -0.44 8.15 17.73
C VAL A 148 0.93 8.79 17.98
N VAL A 149 1.98 8.32 17.29
CA VAL A 149 3.33 8.90 17.43
C VAL A 149 3.38 10.36 17.03
N VAL A 150 2.52 10.80 16.11
CA VAL A 150 2.43 12.24 15.77
C VAL A 150 1.12 12.87 16.26
N ARG A 151 0.53 12.23 17.28
CA ARG A 151 -0.71 12.66 17.92
C ARG A 151 -1.90 12.78 16.95
N GLU A 152 -1.95 11.90 15.96
CA GLU A 152 -3.06 11.88 15.00
C GLU A 152 -3.55 10.46 14.82
N GLY A 153 -3.56 9.71 15.91
CA GLY A 153 -4.11 8.36 15.90
C GLY A 153 -5.61 8.33 15.69
N ALA A 154 -6.12 7.15 15.40
CA ALA A 154 -7.54 6.87 15.33
C ALA A 154 -7.77 5.73 16.29
N THR A 155 -8.49 6.01 17.38
CA THR A 155 -8.62 5.04 18.46
C THR A 155 -10.08 4.82 18.80
N VAL A 156 -10.45 3.56 18.99
CA VAL A 156 -11.75 3.24 19.55
C VAL A 156 -11.53 2.34 20.77
N TYR A 157 -12.49 2.35 21.68
CA TYR A 157 -12.45 1.49 22.86
C TYR A 157 -13.85 1.02 23.25
N ALA A 158 -13.88 -0.15 23.87
CA ALA A 158 -15.09 -0.67 24.50
C ALA A 158 -14.75 -1.03 25.95
N THR A 159 -15.66 -0.68 26.86
CA THR A 159 -15.54 -0.95 28.27
C THR A 159 -16.09 -2.33 28.64
N GLY A 160 -15.39 -3.01 29.52
CA GLY A 160 -15.81 -4.31 30.01
C GLY A 160 -16.88 -4.23 31.07
N THR A 161 -17.27 -5.42 31.55
CA THR A 161 -18.30 -5.61 32.54
C THR A 161 -18.10 -4.80 33.82
N HIS A 162 -16.86 -4.73 34.30
CA HIS A 162 -16.55 -4.10 35.59
C HIS A 162 -15.84 -2.76 35.47
N ALA A 163 -15.67 -2.27 34.24
CA ALA A 163 -15.11 -0.95 33.99
C ALA A 163 -16.12 0.11 34.44
N GLN A 164 -15.72 0.98 35.36
CA GLN A 164 -16.58 2.09 35.77
C GLN A 164 -16.74 3.16 34.67
N VAL A 165 -17.75 4.01 34.82
CA VAL A 165 -17.98 5.10 33.87
C VAL A 165 -16.76 6.01 33.81
N GLU A 166 -16.16 6.27 34.98
CA GLU A 166 -14.93 7.06 35.00
C GLU A 166 -13.71 6.36 34.41
N ASP A 167 -13.74 5.03 34.28
CA ASP A 167 -12.66 4.30 33.61
C ASP A 167 -12.70 4.63 32.12
N GLY A 168 -13.89 4.59 31.52
CA GLY A 168 -14.08 4.97 30.12
C GLY A 168 -13.68 6.41 29.86
N ARG A 169 -14.03 7.30 30.77
CA ARG A 169 -13.69 8.72 30.64
C ARG A 169 -12.19 8.97 30.72
N LEU A 170 -11.54 8.32 31.68
CA LEU A 170 -10.08 8.37 31.80
C LEU A 170 -9.43 7.86 30.52
N MET A 171 -9.90 6.75 30.00
CA MET A 171 -9.30 6.19 28.80
C MET A 171 -9.52 7.11 27.58
N GLU A 172 -10.69 7.71 27.47
CA GLU A 172 -10.93 8.65 26.38
C GLU A 172 -10.03 9.88 26.48
N GLN A 173 -9.88 10.43 27.68
CA GLN A 173 -8.97 11.54 27.91
C GLN A 173 -7.54 11.19 27.53
N LEU A 174 -7.08 10.01 27.96
CA LEU A 174 -5.72 9.59 27.67
C LEU A 174 -5.49 9.39 26.16
N LEU A 175 -6.37 8.63 25.51
CA LEU A 175 -6.17 8.33 24.09
C LEU A 175 -6.52 9.50 23.16
N SER A 176 -7.36 10.43 23.60
CA SER A 176 -7.63 11.66 22.86
C SER A 176 -6.44 12.63 22.81
N SER A 177 -5.51 12.48 23.74
CA SER A 177 -4.28 13.30 23.72
C SER A 177 -3.35 12.95 22.56
N VAL A 178 -3.58 11.80 21.94
CA VAL A 178 -2.78 11.33 20.79
C VAL A 178 -3.57 11.13 19.52
N GLY A 179 -4.79 11.66 19.46
CA GLY A 179 -5.58 11.60 18.25
C GLY A 179 -7.07 11.54 18.48
N PHE A 180 -7.79 11.09 17.46
CA PHE A 180 -9.20 10.80 17.59
C PHE A 180 -9.45 9.60 18.50
N CYS A 181 -10.45 9.73 19.35
CA CYS A 181 -10.85 8.64 20.21
C CYS A 181 -12.35 8.66 20.47
N THR A 182 -12.98 7.50 20.35
CA THR A 182 -14.40 7.39 20.65
C THR A 182 -14.70 5.99 21.20
N GLU A 183 -15.72 5.92 22.03
CA GLU A 183 -16.26 4.65 22.49
C GLU A 183 -17.10 4.02 21.39
N VAL A 184 -16.99 2.70 21.26
CA VAL A 184 -17.85 1.91 20.41
C VAL A 184 -18.33 0.65 21.14
N GLU A 185 -19.38 0.03 20.61
CA GLU A 185 -19.71 -1.35 20.97
C GLU A 185 -18.56 -2.25 20.55
N GLU A 186 -18.25 -3.25 21.37
CA GLU A 186 -17.14 -4.16 21.09
C GLU A 186 -17.27 -4.89 19.74
N ASP A 187 -18.49 -5.17 19.31
CA ASP A 187 -18.69 -5.89 18.05
C ASP A 187 -18.28 -5.14 16.79
N LEU A 188 -17.95 -3.86 16.91
CA LEU A 188 -17.40 -3.08 15.83
C LEU A 188 -15.88 -3.12 15.72
N ILE A 189 -15.17 -3.60 16.75
CA ILE A 189 -13.71 -3.42 16.82
C ILE A 189 -12.93 -4.22 15.76
N ASP A 190 -13.37 -5.43 15.42
CA ASP A 190 -12.69 -6.19 14.34
C ASP A 190 -12.69 -5.42 13.01
N ALA A 191 -13.81 -4.77 12.70
CA ALA A 191 -13.97 -3.96 11.49
C ALA A 191 -13.13 -2.68 11.52
N VAL A 192 -13.05 -2.06 12.70
CA VAL A 192 -12.18 -0.90 12.88
C VAL A 192 -10.72 -1.25 12.65
N THR A 193 -10.33 -2.41 13.15
CA THR A 193 -8.98 -2.96 12.94
C THR A 193 -8.64 -3.00 11.45
N GLY A 194 -9.59 -3.49 10.66
CA GLY A 194 -9.47 -3.54 9.20
C GLY A 194 -9.37 -2.21 8.49
N LEU A 195 -9.99 -1.18 9.07
CA LEU A 195 -10.03 0.16 8.49
C LEU A 195 -8.90 1.03 9.01
N SER A 196 -8.97 1.45 10.28
CA SER A 196 -7.98 2.38 10.85
C SER A 196 -6.78 1.71 11.48
N GLY A 197 -6.92 0.48 12.00
CA GLY A 197 -5.80 -0.25 12.52
C GLY A 197 -4.78 -0.56 11.43
N SER A 198 -5.26 -1.16 10.34
CA SER A 198 -4.43 -1.51 9.19
C SER A 198 -4.24 -0.31 8.22
N GLY A 199 -5.16 0.66 8.31
CA GLY A 199 -5.20 1.83 7.44
C GLY A 199 -3.90 2.59 7.12
N PRO A 200 -3.08 2.89 8.15
CA PRO A 200 -1.80 3.52 7.84
C PRO A 200 -0.91 2.73 6.86
N ALA A 201 -0.93 1.40 6.92
CA ALA A 201 -0.15 0.58 5.97
C ALA A 201 -0.65 0.69 4.52
N TYR A 202 -1.97 0.83 4.33
CA TYR A 202 -2.54 1.07 3.01
C TYR A 202 -2.07 2.43 2.49
N ALA A 203 -2.08 3.42 3.37
CA ALA A 203 -1.61 4.77 3.06
C ALA A 203 -0.12 4.80 2.73
N PHE A 204 0.71 4.08 3.48
CA PHE A 204 2.15 4.04 3.18
C PHE A 204 2.40 3.39 1.82
N THR A 205 1.66 2.32 1.52
CA THR A 205 1.72 1.68 0.20
C THR A 205 1.34 2.63 -0.94
N ALA A 206 0.23 3.33 -0.74
CA ALA A 206 -0.28 4.32 -1.69
C ALA A 206 0.74 5.43 -1.91
N LEU A 207 1.35 5.89 -0.82
CA LEU A 207 2.31 7.00 -0.90
C LEU A 207 3.59 6.61 -1.65
N ASP A 208 4.09 5.40 -1.39
CA ASP A 208 5.24 4.84 -2.12
C ASP A 208 4.95 4.78 -3.65
N ALA A 209 3.76 4.33 -3.99
CA ALA A 209 3.31 4.14 -5.39
C ALA A 209 3.08 5.49 -6.08
N LEU A 210 2.44 6.43 -5.37
CA LEU A 210 2.28 7.78 -5.88
C LEU A 210 3.64 8.45 -6.15
N ALA A 211 4.59 8.28 -5.24
CA ALA A 211 5.94 8.79 -5.42
C ALA A 211 6.61 8.14 -6.65
N ASP A 212 6.43 6.81 -6.83
CA ASP A 212 6.95 6.10 -8.02
C ASP A 212 6.38 6.72 -9.30
N GLY A 213 5.09 7.03 -9.26
CA GLY A 213 4.44 7.72 -10.36
C GLY A 213 5.03 9.09 -10.65
N GLY A 214 5.29 9.89 -9.61
CA GLY A 214 5.93 11.20 -9.80
C GLY A 214 7.32 11.07 -10.41
N VAL A 215 8.07 10.10 -9.91
CA VAL A 215 9.42 9.81 -10.39
C VAL A 215 9.35 9.37 -11.86
N LYS A 216 8.39 8.51 -12.20
CA LYS A 216 8.23 8.11 -13.60
C LYS A 216 8.03 9.31 -14.52
N MET A 217 7.26 10.30 -14.06
CA MET A 217 6.93 11.50 -14.86
C MET A 217 7.99 12.61 -14.75
N GLY A 218 9.09 12.34 -14.03
CA GLY A 218 10.25 13.20 -14.04
C GLY A 218 10.58 13.93 -12.74
N LEU A 219 9.81 13.67 -11.68
CA LEU A 219 10.08 14.32 -10.39
C LEU A 219 11.21 13.64 -9.61
N PRO A 220 12.05 14.43 -8.91
CA PRO A 220 12.95 13.86 -7.93
C PRO A 220 12.16 13.11 -6.85
N ARG A 221 12.68 11.96 -6.40
CA ARG A 221 12.02 11.14 -5.39
C ARG A 221 11.64 11.94 -4.12
N ARG A 222 12.57 12.72 -3.60
CA ARG A 222 12.32 13.45 -2.34
C ARG A 222 11.12 14.40 -2.48
N LEU A 223 11.09 15.16 -3.57
CA LEU A 223 9.92 16.01 -3.89
C LEU A 223 8.64 15.22 -4.10
N ALA A 224 8.72 14.10 -4.83
CA ALA A 224 7.53 13.27 -5.11
C ALA A 224 6.90 12.71 -3.81
N VAL A 225 7.74 12.23 -2.89
CA VAL A 225 7.31 11.79 -1.55
C VAL A 225 6.61 12.89 -0.75
N ARG A 226 7.25 14.06 -0.67
CA ARG A 226 6.72 15.23 0.05
C ARG A 226 5.36 15.66 -0.50
N LEU A 227 5.27 15.80 -1.82
CA LEU A 227 4.06 16.26 -2.49
C LEU A 227 2.91 15.27 -2.34
N GLY A 228 3.19 13.99 -2.54
CA GLY A 228 2.18 12.94 -2.37
C GLY A 228 1.62 12.88 -0.97
N ALA A 229 2.51 12.87 0.03
CA ALA A 229 2.10 12.90 1.43
C ALA A 229 1.31 14.16 1.77
N GLN A 230 1.77 15.32 1.31
CA GLN A 230 1.04 16.56 1.57
C GLN A 230 -0.36 16.54 0.94
N ALA A 231 -0.46 16.02 -0.27
CA ALA A 231 -1.73 15.86 -0.98
C ALA A 231 -2.73 15.00 -0.18
N LEU A 232 -2.25 13.89 0.37
CA LEU A 232 -3.08 12.99 1.17
C LEU A 232 -3.51 13.61 2.49
N LEU A 233 -2.56 14.25 3.20
CA LEU A 233 -2.85 14.92 4.45
C LEU A 233 -3.91 16.00 4.26
N GLY A 234 -3.67 16.86 3.28
CA GLY A 234 -4.58 17.95 2.96
C GLY A 234 -5.97 17.46 2.58
N ALA A 235 -6.03 16.41 1.78
CA ALA A 235 -7.31 15.85 1.33
C ALA A 235 -8.12 15.25 2.51
N ALA A 236 -7.46 14.45 3.33
CA ALA A 236 -8.04 13.93 4.59
C ALA A 236 -8.56 15.04 5.48
N LYS A 237 -7.73 16.07 5.69
CA LYS A 237 -8.14 17.19 6.54
C LYS A 237 -9.37 17.89 5.96
N MET A 238 -9.42 18.05 4.64
CA MET A 238 -10.58 18.64 3.97
C MET A 238 -11.87 17.88 4.26
N LEU A 239 -11.81 16.56 4.07
CA LEU A 239 -12.95 15.69 4.36
C LEU A 239 -13.40 15.79 5.82
N LEU A 240 -12.47 15.74 6.76
CA LEU A 240 -12.80 15.86 8.18
C LEU A 240 -13.42 17.22 8.55
N HIS A 241 -13.06 18.28 7.86
CA HIS A 241 -13.63 19.60 8.11
C HIS A 241 -14.83 19.96 7.22
N SER A 242 -15.23 19.08 6.33
CA SER A 242 -16.34 19.32 5.40
C SER A 242 -17.59 18.55 5.79
N GLU A 243 -18.76 19.10 5.43
CA GLU A 243 -20.03 18.38 5.61
C GLU A 243 -20.41 17.66 4.32
N GLN A 244 -19.49 17.64 3.35
CA GLN A 244 -19.82 17.14 2.03
C GLN A 244 -19.32 15.73 1.82
N HIS A 245 -20.00 15.05 0.91
CA HIS A 245 -19.69 13.67 0.59
C HIS A 245 -18.32 13.68 -0.10
N PRO A 246 -17.47 12.68 0.19
CA PRO A 246 -16.20 12.58 -0.55
C PRO A 246 -16.34 12.59 -2.10
N GLY A 247 -17.46 12.10 -2.61
CA GLY A 247 -17.78 12.23 -4.04
C GLY A 247 -17.91 13.66 -4.52
N GLN A 248 -18.47 14.54 -3.68
CA GLN A 248 -18.60 15.93 -4.06
C GLN A 248 -17.26 16.67 -4.02
N LEU A 249 -16.42 16.37 -3.03
CA LEU A 249 -15.07 16.91 -2.98
C LEU A 249 -14.26 16.48 -4.25
N LYS A 250 -14.38 15.22 -4.64
CA LYS A 250 -13.80 14.70 -5.90
C LYS A 250 -14.26 15.54 -7.12
N ASP A 251 -15.57 15.76 -7.24
CA ASP A 251 -16.14 16.62 -8.28
C ASP A 251 -15.53 18.02 -8.37
N ASN A 252 -15.19 18.61 -7.23
CA ASN A 252 -14.60 19.95 -7.18
C ASN A 252 -13.18 20.02 -7.69
N VAL A 253 -12.53 18.87 -7.79
CA VAL A 253 -11.19 18.76 -8.38
C VAL A 253 -11.24 18.33 -9.85
N SER A 254 -12.36 17.77 -10.27
CA SER A 254 -12.43 17.12 -11.60
C SER A 254 -13.05 18.02 -12.65
N SER A 255 -12.26 18.92 -13.22
CA SER A 255 -12.75 19.77 -14.30
C SER A 255 -13.09 18.91 -15.55
N PRO A 256 -14.16 19.30 -16.25
CA PRO A 256 -14.53 18.60 -17.47
C PRO A 256 -13.41 18.48 -18.50
N GLY A 257 -13.20 17.24 -18.95
CA GLY A 257 -12.23 16.93 -20.00
C GLY A 257 -10.78 16.94 -19.54
N GLY A 258 -10.56 17.19 -18.26
CA GLY A 258 -9.26 17.49 -17.71
C GLY A 258 -8.45 16.33 -17.20
N ALA A 259 -7.30 16.69 -16.64
CA ALA A 259 -6.27 15.75 -16.16
C ALA A 259 -6.79 14.81 -15.08
N THR A 260 -7.47 15.38 -14.08
CA THR A 260 -7.89 14.61 -12.93
C THR A 260 -8.92 13.53 -13.33
N ILE A 261 -9.93 13.90 -14.10
CA ILE A 261 -10.95 12.91 -14.53
C ILE A 261 -10.36 11.79 -15.41
N HIS A 262 -9.37 12.12 -16.24
CA HIS A 262 -8.58 11.12 -16.97
C HIS A 262 -7.87 10.13 -16.03
N ALA A 263 -7.23 10.64 -14.96
CA ALA A 263 -6.60 9.80 -13.94
C ALA A 263 -7.60 8.94 -13.15
N LEU A 264 -8.73 9.52 -12.79
CA LEU A 264 -9.78 8.81 -12.07
C LEU A 264 -10.29 7.63 -12.89
N HIS A 265 -10.45 7.81 -14.19
CA HIS A 265 -10.86 6.71 -15.07
C HIS A 265 -9.88 5.54 -15.03
N VAL A 266 -8.58 5.80 -15.10
CA VAL A 266 -7.63 4.71 -15.01
C VAL A 266 -7.66 3.99 -13.68
N LEU A 267 -7.90 4.71 -12.58
CA LEU A 267 -8.13 4.06 -11.27
C LEU A 267 -9.35 3.14 -11.31
N GLU A 268 -10.46 3.64 -11.83
CA GLU A 268 -11.69 2.87 -11.98
C GLU A 268 -11.50 1.62 -12.82
N SER A 269 -10.75 1.75 -13.91
CA SER A 269 -10.52 0.64 -14.84
C SER A 269 -9.74 -0.49 -14.18
N GLY A 270 -8.91 -0.19 -13.19
CA GLY A 270 -8.25 -1.22 -12.39
C GLY A 270 -9.04 -1.75 -11.20
N GLY A 271 -10.26 -1.26 -10.98
CA GLY A 271 -11.03 -1.67 -9.83
C GLY A 271 -10.41 -1.17 -8.51
N PHE A 272 -9.79 0.01 -8.54
CA PHE A 272 -9.19 0.66 -7.37
C PHE A 272 -10.04 0.60 -6.10
N ARG A 273 -11.31 0.97 -6.22
CA ARG A 273 -12.20 0.97 -5.08
C ARG A 273 -12.37 -0.43 -4.50
N SER A 274 -12.58 -1.43 -5.38
CA SER A 274 -12.70 -2.83 -4.93
C SER A 274 -11.48 -3.32 -4.13
N LEU A 275 -10.29 -2.85 -4.49
CA LEU A 275 -9.08 -3.28 -3.84
C LEU A 275 -9.04 -2.83 -2.39
N LEU A 276 -9.50 -1.61 -2.15
CA LEU A 276 -9.54 -1.05 -0.79
C LEU A 276 -10.62 -1.71 0.07
N ILE A 277 -11.77 -1.99 -0.55
CA ILE A 277 -12.83 -2.77 0.11
C ILE A 277 -12.27 -4.17 0.45
N ASN A 278 -11.61 -4.80 -0.52
CA ASN A 278 -10.98 -6.11 -0.32
C ASN A 278 -10.02 -6.09 0.87
N ALA A 279 -9.20 -5.04 0.98
CA ALA A 279 -8.22 -4.90 2.04
C ALA A 279 -8.88 -4.81 3.45
N VAL A 280 -9.86 -3.93 3.59
CA VAL A 280 -10.56 -3.77 4.86
C VAL A 280 -11.21 -5.09 5.27
N GLU A 281 -11.84 -5.77 4.31
CA GLU A 281 -12.47 -7.06 4.56
C GLU A 281 -11.44 -8.12 4.98
N ALA A 282 -10.32 -8.18 4.26
CA ALA A 282 -9.29 -9.20 4.51
C ALA A 282 -8.65 -9.03 5.89
N SER A 283 -8.37 -7.79 6.27
CA SER A 283 -7.86 -7.49 7.63
C SER A 283 -8.88 -7.83 8.73
N CYS A 284 -10.15 -7.42 8.54
CA CYS A 284 -11.21 -7.76 9.49
C CYS A 284 -11.38 -9.27 9.62
N ILE A 285 -11.42 -9.99 8.50
CA ILE A 285 -11.63 -11.44 8.54
C ILE A 285 -10.46 -12.14 9.24
N ARG A 286 -9.24 -11.68 8.96
CA ARG A 286 -8.07 -12.27 9.58
C ARG A 286 -8.07 -12.01 11.09
N THR A 287 -8.44 -10.80 11.47
CA THR A 287 -8.62 -10.41 12.88
C THR A 287 -9.60 -11.38 13.59
N ARG A 288 -10.68 -11.72 12.92
CA ARG A 288 -11.66 -12.66 13.46
C ARG A 288 -11.07 -14.08 13.59
N GLU A 289 -10.19 -14.47 12.66
CA GLU A 289 -9.48 -15.75 12.75
C GLU A 289 -8.44 -15.78 13.85
N LEU A 290 -7.70 -14.69 14.01
CA LEU A 290 -6.71 -14.57 15.08
C LEU A 290 -7.35 -14.91 16.43
N GLN A 291 -8.61 -14.50 16.63
CA GLN A 291 -9.33 -14.82 17.86
C GLN A 291 -9.82 -16.27 17.91
N SER A 292 -10.53 -16.70 16.86
CA SER A 292 -11.11 -18.05 16.80
C SER A 292 -10.13 -19.20 17.08
N MET A 293 -8.85 -19.02 16.74
CA MET A 293 -7.82 -20.04 16.99
C MET A 293 -6.89 -19.66 18.15
N ASN B 17 2.80 35.48 12.29
CA ASN B 17 2.77 36.98 12.41
C ASN B 17 3.04 37.68 11.07
N LEU B 18 2.65 37.01 9.99
CA LEU B 18 2.80 37.55 8.65
C LEU B 18 1.54 38.32 8.27
N TYR B 19 1.72 39.43 7.55
CA TYR B 19 0.59 40.21 7.02
C TYR B 19 1.06 41.18 5.94
N PHE B 20 0.42 41.09 4.76
CA PHE B 20 0.73 41.95 3.61
C PHE B 20 -0.21 43.19 3.55
N GLN B 21 0.13 44.21 4.34
CA GLN B 21 -0.75 45.39 4.50
C GLN B 21 -0.82 46.30 3.26
N SER B 22 0.19 46.24 2.40
CA SER B 22 0.18 47.04 1.18
C SER B 22 -0.14 46.19 -0.06
N MET B 23 -0.49 44.92 0.13
CA MET B 23 -0.72 44.03 -1.00
C MET B 23 -2.20 43.87 -1.32
N SER B 24 -2.57 44.16 -2.55
CA SER B 24 -3.92 43.88 -3.05
C SER B 24 -3.87 42.65 -3.96
N VAL B 25 -4.75 41.70 -3.69
CA VAL B 25 -4.83 40.47 -4.43
C VAL B 25 -6.10 40.41 -5.27
N GLY B 26 -5.96 39.97 -6.51
CA GLY B 26 -7.11 39.74 -7.37
C GLY B 26 -7.13 38.34 -7.94
N PHE B 27 -8.33 37.83 -8.15
CA PHE B 27 -8.53 36.60 -8.91
C PHE B 27 -9.35 36.88 -10.15
N ILE B 28 -8.80 36.52 -11.31
CA ILE B 28 -9.61 36.39 -12.51
C ILE B 28 -10.12 34.95 -12.52
N GLY B 29 -11.44 34.81 -12.39
CA GLY B 29 -12.08 33.54 -12.07
C GLY B 29 -12.50 33.54 -10.62
N ALA B 30 -13.71 33.05 -10.36
CA ALA B 30 -14.30 33.05 -9.03
C ALA B 30 -14.86 31.67 -8.70
N GLY B 31 -14.09 30.64 -9.02
CA GLY B 31 -14.53 29.26 -8.92
C GLY B 31 -13.91 28.57 -7.74
N GLN B 32 -13.67 27.26 -7.89
CA GLN B 32 -13.22 26.40 -6.81
C GLN B 32 -11.88 26.84 -6.24
N LEU B 33 -10.92 27.12 -7.14
CA LEU B 33 -9.56 27.49 -6.72
C LEU B 33 -9.51 28.89 -6.09
N ALA B 34 -10.19 29.86 -6.71
CA ALA B 34 -10.25 31.22 -6.17
C ALA B 34 -10.84 31.20 -4.76
N PHE B 35 -11.95 30.49 -4.57
CA PHE B 35 -12.53 30.30 -3.25
C PHE B 35 -11.54 29.65 -2.27
N ALA B 36 -10.90 28.56 -2.70
CA ALA B 36 -9.99 27.81 -1.84
C ALA B 36 -8.83 28.69 -1.35
N LEU B 37 -8.17 29.36 -2.29
CA LEU B 37 -7.08 30.29 -1.96
C LEU B 37 -7.53 31.48 -1.11
N ALA B 38 -8.65 32.13 -1.48
CA ALA B 38 -9.15 33.27 -0.69
C ALA B 38 -9.46 32.85 0.75
N LYS B 39 -10.12 31.71 0.91
CA LYS B 39 -10.45 31.17 2.22
C LYS B 39 -9.18 30.86 3.02
N GLY B 40 -8.20 30.24 2.39
CA GLY B 40 -6.94 29.94 3.05
C GLY B 40 -6.19 31.18 3.53
N PHE B 41 -5.99 32.13 2.61
CA PHE B 41 -5.30 33.39 2.93
C PHE B 41 -5.96 34.14 4.09
N THR B 42 -7.29 34.24 4.05
CA THR B 42 -8.03 34.95 5.09
C THR B 42 -8.03 34.20 6.43
N ALA B 43 -8.11 32.86 6.40
CA ALA B 43 -7.96 32.04 7.60
C ALA B 43 -6.55 32.17 8.19
N ALA B 44 -5.55 32.26 7.33
CA ALA B 44 -4.16 32.45 7.75
C ALA B 44 -3.91 33.84 8.36
N GLY B 45 -4.82 34.78 8.08
CA GLY B 45 -4.71 36.15 8.57
C GLY B 45 -3.73 37.01 7.82
N VAL B 46 -3.19 36.51 6.71
CA VAL B 46 -2.18 37.25 5.95
C VAL B 46 -2.82 38.31 5.03
N LEU B 47 -4.12 38.20 4.79
CA LEU B 47 -4.89 39.16 3.99
C LEU B 47 -6.29 39.37 4.57
N ALA B 48 -6.74 40.63 4.60
CA ALA B 48 -8.13 40.94 4.90
C ALA B 48 -8.93 40.63 3.63
N ALA B 49 -10.11 40.02 3.79
CA ALA B 49 -10.96 39.65 2.66
C ALA B 49 -11.36 40.85 1.77
N HIS B 50 -11.50 42.04 2.37
CA HIS B 50 -11.84 43.25 1.59
C HIS B 50 -10.68 43.75 0.69
N LYS B 51 -9.46 43.26 0.93
CA LYS B 51 -8.31 43.52 0.06
C LYS B 51 -8.20 42.50 -1.09
N ILE B 52 -9.17 41.60 -1.17
CA ILE B 52 -9.27 40.62 -2.24
C ILE B 52 -10.46 40.94 -3.14
N MET B 53 -10.24 40.90 -4.45
CA MET B 53 -11.30 41.03 -5.43
C MET B 53 -11.28 39.84 -6.40
N ALA B 54 -12.45 39.32 -6.76
CA ALA B 54 -12.54 38.27 -7.76
C ALA B 54 -13.57 38.64 -8.83
N SER B 55 -13.32 38.18 -10.05
CA SER B 55 -14.19 38.44 -11.18
C SER B 55 -14.59 37.15 -11.88
N SER B 56 -15.85 37.10 -12.31
CA SER B 56 -16.36 36.03 -13.15
C SER B 56 -17.56 36.53 -13.92
N PRO B 57 -17.78 36.02 -15.15
CA PRO B 57 -18.97 36.37 -15.91
C PRO B 57 -20.27 35.79 -15.33
N ASP B 58 -20.16 34.76 -14.50
CA ASP B 58 -21.32 34.14 -13.84
C ASP B 58 -21.33 34.49 -12.35
N MET B 59 -22.11 35.51 -12.01
CA MET B 59 -22.12 36.04 -10.65
C MET B 59 -23.18 35.37 -9.78
N ASP B 60 -23.60 34.16 -10.17
CA ASP B 60 -24.65 33.42 -9.46
C ASP B 60 -24.19 31.98 -9.18
N LEU B 61 -22.88 31.82 -8.96
CA LEU B 61 -22.26 30.54 -8.61
C LEU B 61 -22.18 30.41 -7.10
N ALA B 62 -22.11 29.17 -6.60
CA ALA B 62 -21.97 28.90 -5.18
C ALA B 62 -20.64 29.44 -4.64
N THR B 63 -19.59 29.35 -5.46
CA THR B 63 -18.28 29.86 -5.12
C THR B 63 -18.30 31.39 -5.03
N VAL B 64 -19.03 32.04 -5.93
CA VAL B 64 -19.22 33.49 -5.86
C VAL B 64 -20.00 33.89 -4.59
N SER B 65 -21.09 33.17 -4.29
CA SER B 65 -21.85 33.38 -3.04
C SER B 65 -20.97 33.20 -1.80
N ALA B 66 -20.14 32.16 -1.83
CA ALA B 66 -19.24 31.85 -0.71
C ALA B 66 -18.17 32.94 -0.53
N LEU B 67 -17.66 33.45 -1.65
CA LEU B 67 -16.71 34.58 -1.63
C LEU B 67 -17.36 35.87 -1.12
N ARG B 68 -18.61 36.10 -1.51
CA ARG B 68 -19.36 37.29 -1.08
C ARG B 68 -19.56 37.32 0.43
N LYS B 69 -20.03 36.18 0.98
CA LYS B 69 -20.24 36.00 2.42
C LYS B 69 -18.94 36.24 3.21
N MET B 70 -17.82 35.85 2.61
CA MET B 70 -16.50 35.95 3.21
C MET B 70 -15.96 37.39 3.25
N GLY B 71 -16.57 38.32 2.50
CA GLY B 71 -16.13 39.73 2.48
C GLY B 71 -15.28 40.12 1.28
N VAL B 72 -15.12 39.19 0.33
CA VAL B 72 -14.34 39.43 -0.89
C VAL B 72 -15.12 40.34 -1.83
N LYS B 73 -14.44 41.26 -2.49
CA LYS B 73 -15.08 42.09 -3.50
C LYS B 73 -15.28 41.29 -4.77
N LEU B 74 -16.48 41.40 -5.35
CA LEU B 74 -16.82 40.71 -6.57
C LEU B 74 -17.18 41.72 -7.66
N THR B 75 -16.82 41.38 -8.90
CA THR B 75 -17.17 42.18 -10.07
C THR B 75 -17.30 41.26 -11.28
N PRO B 76 -18.23 41.57 -12.21
CA PRO B 76 -18.21 40.85 -13.49
C PRO B 76 -16.99 41.18 -14.39
N HIS B 77 -16.31 42.28 -14.12
CA HIS B 77 -15.36 42.85 -15.07
C HIS B 77 -13.91 42.60 -14.68
N ASN B 78 -13.20 41.87 -15.55
CA ASN B 78 -11.83 41.46 -15.29
C ASN B 78 -10.88 42.66 -15.25
N LYS B 79 -11.19 43.71 -16.00
CA LYS B 79 -10.35 44.91 -15.99
C LYS B 79 -10.37 45.59 -14.59
N GLU B 80 -11.47 45.44 -13.87
CA GLU B 80 -11.56 45.99 -12.52
C GLU B 80 -10.71 45.24 -11.51
N THR B 81 -10.70 43.91 -11.59
CA THR B 81 -9.77 43.10 -10.83
C THR B 81 -8.32 43.53 -11.08
N VAL B 82 -7.94 43.71 -12.35
CA VAL B 82 -6.57 44.11 -12.69
C VAL B 82 -6.22 45.47 -12.07
N GLN B 83 -7.12 46.44 -12.20
CA GLN B 83 -6.91 47.77 -11.65
C GLN B 83 -6.84 47.82 -10.12
N HIS B 84 -7.55 46.90 -9.47
CA HIS B 84 -7.50 46.74 -8.01
C HIS B 84 -6.20 46.08 -7.55
N SER B 85 -5.70 45.14 -8.34
CA SER B 85 -4.72 44.17 -7.86
C SER B 85 -3.28 44.60 -8.03
N ASP B 86 -2.45 44.13 -7.12
CA ASP B 86 -1.00 44.12 -7.25
C ASP B 86 -0.58 42.69 -7.65
N VAL B 87 -1.03 41.71 -6.87
CA VAL B 87 -0.84 40.32 -7.22
C VAL B 87 -2.12 39.83 -7.91
N LEU B 88 -1.97 39.34 -9.13
CA LEU B 88 -3.10 38.88 -9.94
C LEU B 88 -3.04 37.39 -10.23
N PHE B 89 -3.98 36.64 -9.63
CA PHE B 89 -4.11 35.21 -9.85
C PHE B 89 -5.01 34.92 -11.04
N LEU B 90 -4.51 34.12 -11.96
CA LEU B 90 -5.34 33.66 -13.08
C LEU B 90 -5.90 32.30 -12.67
N ALA B 91 -7.20 32.31 -12.40
CA ALA B 91 -7.89 31.17 -11.80
C ALA B 91 -9.05 30.73 -12.69
N VAL B 92 -8.74 30.70 -13.99
CA VAL B 92 -9.68 30.25 -15.00
C VAL B 92 -9.14 28.98 -15.66
N LYS B 93 -10.02 28.30 -16.38
CA LYS B 93 -9.65 27.10 -17.11
C LYS B 93 -8.57 27.40 -18.15
N PRO B 94 -7.68 26.41 -18.38
CA PRO B 94 -6.52 26.61 -19.26
C PRO B 94 -6.87 27.23 -20.60
N HIS B 95 -7.95 26.76 -21.22
CA HIS B 95 -8.34 27.26 -22.54
C HIS B 95 -8.89 28.69 -22.52
N ILE B 96 -9.23 29.19 -21.33
CA ILE B 96 -9.73 30.57 -21.17
C ILE B 96 -8.58 31.55 -20.97
N ILE B 97 -7.42 31.06 -20.51
CA ILE B 97 -6.23 31.92 -20.29
C ILE B 97 -5.92 32.85 -21.48
N PRO B 98 -5.73 32.31 -22.70
CA PRO B 98 -5.44 33.20 -23.83
C PRO B 98 -6.46 34.33 -24.04
N PHE B 99 -7.75 34.04 -23.87
CA PHE B 99 -8.78 35.06 -23.98
C PHE B 99 -8.63 36.18 -22.96
N ILE B 100 -8.48 35.81 -21.70
CA ILE B 100 -8.37 36.85 -20.67
C ILE B 100 -7.06 37.67 -20.80
N LEU B 101 -5.99 37.05 -21.32
CA LEU B 101 -4.72 37.76 -21.54
C LEU B 101 -4.87 38.82 -22.63
N ASP B 102 -5.56 38.47 -23.72
CA ASP B 102 -5.93 39.43 -24.77
C ASP B 102 -6.81 40.56 -24.20
N GLU B 103 -7.71 40.19 -23.29
CA GLU B 103 -8.68 41.11 -22.73
C GLU B 103 -8.01 42.16 -21.84
N ILE B 104 -7.14 41.71 -20.93
CA ILE B 104 -6.56 42.62 -19.92
C ILE B 104 -5.07 42.95 -20.10
N GLY B 105 -4.43 42.41 -21.15
CA GLY B 105 -3.01 42.67 -21.43
C GLY B 105 -2.60 44.14 -21.46
N ALA B 106 -3.45 44.97 -22.06
CA ALA B 106 -3.23 46.42 -22.13
C ALA B 106 -3.36 47.12 -20.77
N ASP B 107 -3.96 46.43 -19.79
CA ASP B 107 -4.14 46.98 -18.43
C ASP B 107 -3.04 46.55 -17.46
N ILE B 108 -2.12 45.71 -17.90
CA ILE B 108 -1.02 45.30 -17.03
C ILE B 108 -0.06 46.47 -16.83
N GLU B 109 0.44 46.60 -15.61
CA GLU B 109 1.28 47.72 -15.22
C GLU B 109 2.58 47.20 -14.66
N ASP B 110 3.54 48.11 -14.46
CA ASP B 110 4.82 47.79 -13.84
C ASP B 110 4.63 47.00 -12.55
N ARG B 111 3.64 47.40 -11.75
CA ARG B 111 3.44 46.86 -10.41
C ARG B 111 2.92 45.41 -10.39
N HIS B 112 2.36 44.93 -11.49
CA HIS B 112 1.67 43.64 -11.47
C HIS B 112 2.63 42.46 -11.44
N ILE B 113 2.31 41.51 -10.56
CA ILE B 113 2.84 40.16 -10.62
C ILE B 113 1.67 39.28 -11.06
N VAL B 114 1.81 38.65 -12.21
CA VAL B 114 0.78 37.79 -12.75
C VAL B 114 1.12 36.34 -12.38
N VAL B 115 0.25 35.73 -11.59
CA VAL B 115 0.45 34.38 -11.10
C VAL B 115 -0.59 33.44 -11.74
N SER B 116 -0.14 32.64 -12.71
CA SER B 116 -1.02 31.71 -13.39
C SER B 116 -1.10 30.43 -12.57
N CYS B 117 -2.34 30.02 -12.31
CA CYS B 117 -2.63 28.76 -11.63
C CYS B 117 -3.12 27.69 -12.60
N ALA B 118 -3.27 28.05 -13.88
CA ALA B 118 -3.84 27.13 -14.87
C ALA B 118 -2.95 25.93 -15.11
N ALA B 119 -3.59 24.76 -15.15
CA ALA B 119 -2.91 23.50 -15.48
C ALA B 119 -2.38 23.57 -16.92
N GLY B 120 -1.11 23.17 -17.09
CA GLY B 120 -0.51 23.00 -18.40
C GLY B 120 0.05 24.24 -19.07
N VAL B 121 -0.49 25.43 -18.74
CA VAL B 121 -0.19 26.67 -19.49
C VAL B 121 1.21 27.20 -19.16
N THR B 122 2.04 27.31 -20.19
CA THR B 122 3.44 27.64 -19.97
C THR B 122 3.65 29.15 -19.71
N ILE B 123 4.70 29.44 -18.97
CA ILE B 123 5.15 30.82 -18.76
C ILE B 123 5.40 31.47 -20.12
N SER B 124 6.01 30.71 -21.03
CA SER B 124 6.33 31.19 -22.37
C SER B 124 5.12 31.76 -23.08
N SER B 125 4.03 30.98 -23.08
CA SER B 125 2.81 31.37 -23.77
C SER B 125 2.15 32.62 -23.16
N ILE B 126 2.18 32.71 -21.83
CA ILE B 126 1.65 33.86 -21.12
C ILE B 126 2.51 35.09 -21.39
N GLU B 127 3.83 34.95 -21.27
CA GLU B 127 4.75 36.05 -21.54
C GLU B 127 4.63 36.55 -22.99
N LYS B 128 4.49 35.64 -23.94
CA LYS B 128 4.31 36.00 -25.36
C LYS B 128 3.06 36.89 -25.58
N LYS B 129 1.93 36.51 -24.99
CA LYS B 129 0.67 37.29 -25.09
C LYS B 129 0.76 38.66 -24.45
N LEU B 130 1.21 38.70 -23.20
CA LEU B 130 1.30 39.95 -22.47
C LEU B 130 2.38 40.89 -23.05
N SER B 131 3.47 40.33 -23.56
CA SER B 131 4.55 41.15 -24.15
C SER B 131 4.12 41.93 -25.38
N ALA B 132 3.08 41.46 -26.07
CA ALA B 132 2.49 42.19 -27.20
C ALA B 132 1.96 43.55 -26.79
N PHE B 133 1.54 43.68 -25.53
CA PHE B 133 0.97 44.94 -25.03
C PHE B 133 1.98 45.80 -24.33
N ARG B 134 2.94 45.18 -23.66
CA ARG B 134 3.83 45.90 -22.78
C ARG B 134 4.98 44.97 -22.41
N PRO B 135 6.22 45.41 -22.59
CA PRO B 135 7.31 44.45 -22.37
C PRO B 135 7.55 44.16 -20.88
N ALA B 136 8.27 43.08 -20.62
CA ALA B 136 8.69 42.69 -19.28
C ALA B 136 7.55 42.39 -18.27
N PRO B 137 6.54 41.61 -18.68
CA PRO B 137 5.52 41.19 -17.70
C PRO B 137 6.17 40.28 -16.65
N ARG B 138 5.89 40.54 -15.38
CA ARG B 138 6.39 39.74 -14.26
C ARG B 138 5.41 38.57 -14.06
N VAL B 139 5.84 37.38 -14.44
CA VAL B 139 4.95 36.21 -14.48
C VAL B 139 5.52 35.10 -13.62
N ILE B 140 4.63 34.50 -12.83
CA ILE B 140 4.93 33.31 -12.05
C ILE B 140 3.86 32.25 -12.37
N ARG B 141 4.31 31.03 -12.59
CA ARG B 141 3.41 29.91 -12.80
C ARG B 141 3.40 29.06 -11.54
N CYS B 142 2.21 28.68 -11.10
CA CYS B 142 2.10 27.78 -9.97
C CYS B 142 1.17 26.61 -10.26
N MET B 143 1.40 25.53 -9.50
CA MET B 143 0.43 24.46 -9.37
C MET B 143 0.14 24.27 -7.88
N THR B 144 -1.14 24.30 -7.53
CA THR B 144 -1.53 24.14 -6.15
C THR B 144 -2.59 23.04 -6.08
N ASN B 145 -3.39 23.04 -5.02
CA ASN B 145 -4.49 22.10 -4.87
C ASN B 145 -5.54 22.61 -3.90
N THR B 146 -6.72 21.96 -3.89
CA THR B 146 -7.85 22.48 -3.10
C THR B 146 -7.63 22.56 -1.59
N PRO B 147 -6.84 21.63 -1.00
CA PRO B 147 -6.53 21.72 0.45
C PRO B 147 -5.89 22.99 1.00
N VAL B 148 -5.46 23.92 0.15
CA VAL B 148 -5.17 25.29 0.63
C VAL B 148 -6.35 25.88 1.42
N VAL B 149 -7.56 25.38 1.14
CA VAL B 149 -8.76 25.83 1.86
C VAL B 149 -8.70 25.48 3.36
N VAL B 150 -7.97 24.43 3.74
CA VAL B 150 -7.71 24.10 5.15
C VAL B 150 -6.23 24.32 5.49
N ARG B 151 -5.58 25.20 4.75
CA ARG B 151 -4.17 25.56 4.93
C ARG B 151 -3.21 24.36 4.93
N GLU B 152 -3.52 23.34 4.13
CA GLU B 152 -2.66 22.19 4.01
C GLU B 152 -2.46 21.84 2.54
N GLY B 153 -2.30 22.89 1.72
CA GLY B 153 -1.99 22.75 0.33
C GLY B 153 -0.58 22.28 0.06
N ALA B 154 -0.39 21.85 -1.17
CA ALA B 154 0.91 21.49 -1.76
C ALA B 154 1.07 22.35 -3.01
N THR B 155 2.00 23.31 -2.95
CA THR B 155 2.15 24.30 -4.00
C THR B 155 3.59 24.30 -4.49
N VAL B 156 3.75 24.32 -5.80
CA VAL B 156 5.02 24.61 -6.43
C VAL B 156 4.86 25.83 -7.33
N TYR B 157 5.96 26.51 -7.61
CA TYR B 157 5.95 27.66 -8.49
C TYR B 157 7.26 27.76 -9.25
N ALA B 158 7.18 28.36 -10.43
CA ALA B 158 8.35 28.70 -11.23
C ALA B 158 8.27 30.19 -11.59
N THR B 159 9.42 30.87 -11.57
CA THR B 159 9.49 32.28 -11.88
C THR B 159 9.77 32.52 -13.35
N GLY B 160 9.11 33.53 -13.91
CA GLY B 160 9.30 33.90 -15.31
C GLY B 160 10.55 34.69 -15.58
N THR B 161 10.71 35.07 -16.85
CA THR B 161 11.89 35.76 -17.37
C THR B 161 12.14 37.07 -16.66
N HIS B 162 11.05 37.81 -16.42
CA HIS B 162 11.12 39.19 -15.91
C HIS B 162 10.69 39.29 -14.45
N ALA B 163 10.50 38.15 -13.79
CA ALA B 163 10.15 38.13 -12.37
C ALA B 163 11.38 38.54 -11.57
N GLN B 164 11.20 39.45 -10.63
CA GLN B 164 12.29 39.86 -9.74
C GLN B 164 12.50 38.73 -8.70
N VAL B 165 13.68 38.69 -8.07
CA VAL B 165 13.95 37.65 -7.03
C VAL B 165 13.04 37.87 -5.82
N GLU B 166 12.75 39.13 -5.52
CA GLU B 166 11.76 39.48 -4.49
C GLU B 166 10.32 39.03 -4.85
N ASP B 167 10.02 38.87 -6.15
CA ASP B 167 8.71 38.36 -6.58
C ASP B 167 8.52 36.89 -6.18
N GLY B 168 9.52 36.05 -6.43
CA GLY B 168 9.45 34.64 -6.04
C GLY B 168 9.35 34.48 -4.53
N ARG B 169 10.21 35.21 -3.82
CA ARG B 169 10.24 35.24 -2.36
C ARG B 169 8.85 35.60 -1.78
N LEU B 170 8.24 36.65 -2.33
CA LEU B 170 6.92 37.11 -1.89
C LEU B 170 5.86 36.05 -2.13
N MET B 171 5.86 35.46 -3.32
CA MET B 171 4.89 34.43 -3.65
C MET B 171 5.05 33.21 -2.77
N GLU B 172 6.28 32.81 -2.49
CA GLU B 172 6.50 31.69 -1.58
C GLU B 172 5.98 32.01 -0.16
N GLN B 173 6.26 33.23 0.30
CA GLN B 173 5.73 33.71 1.59
C GLN B 173 4.22 33.59 1.63
N LEU B 174 3.55 34.15 0.64
CA LEU B 174 2.11 34.07 0.52
C LEU B 174 1.61 32.61 0.47
N LEU B 175 2.11 31.82 -0.47
CA LEU B 175 1.59 30.46 -0.65
C LEU B 175 1.95 29.51 0.49
N SER B 176 3.06 29.80 1.19
CA SER B 176 3.42 29.03 2.39
C SER B 176 2.44 29.22 3.55
N SER B 177 1.62 30.28 3.52
CA SER B 177 0.63 30.52 4.56
C SER B 177 -0.55 29.55 4.47
N VAL B 178 -0.67 28.84 3.34
CA VAL B 178 -1.80 27.94 3.11
C VAL B 178 -1.35 26.50 2.83
N GLY B 179 -0.08 26.19 3.10
CA GLY B 179 0.42 24.83 2.91
C GLY B 179 1.90 24.80 2.58
N PHE B 180 2.34 23.65 2.10
CA PHE B 180 3.71 23.49 1.62
C PHE B 180 3.92 24.27 0.32
N CYS B 181 5.05 24.95 0.21
CA CYS B 181 5.35 25.68 -1.01
C CYS B 181 6.84 25.65 -1.29
N THR B 182 7.18 25.37 -2.55
CA THR B 182 8.57 25.36 -2.94
C THR B 182 8.74 25.75 -4.42
N GLU B 183 9.88 26.36 -4.74
CA GLU B 183 10.22 26.68 -6.11
C GLU B 183 10.69 25.41 -6.82
N VAL B 184 10.29 25.28 -8.08
CA VAL B 184 10.74 24.24 -8.95
C VAL B 184 11.08 24.81 -10.32
N GLU B 185 11.81 24.03 -11.10
CA GLU B 185 11.94 24.28 -12.54
C GLU B 185 10.59 24.05 -13.21
N GLU B 186 10.25 24.93 -14.15
CA GLU B 186 8.93 24.85 -14.79
C GLU B 186 8.65 23.49 -15.43
N ASP B 187 9.69 22.81 -15.93
CA ASP B 187 9.48 21.53 -16.60
C ASP B 187 9.07 20.37 -15.68
N LEU B 188 9.06 20.59 -14.36
CA LEU B 188 8.47 19.63 -13.43
C LEU B 188 6.97 19.84 -13.14
N ILE B 189 6.39 20.96 -13.57
CA ILE B 189 5.06 21.33 -13.11
C ILE B 189 3.91 20.43 -13.62
N ASP B 190 3.98 19.98 -14.86
CA ASP B 190 2.97 19.04 -15.36
C ASP B 190 2.96 17.72 -14.56
N ALA B 191 4.13 17.24 -14.14
CA ALA B 191 4.24 16.04 -13.29
C ALA B 191 3.69 16.32 -11.88
N VAL B 192 3.96 17.50 -11.33
CA VAL B 192 3.40 17.88 -10.02
C VAL B 192 1.88 17.90 -10.14
N THR B 193 1.36 18.39 -11.26
CA THR B 193 -0.09 18.45 -11.49
C THR B 193 -0.69 17.05 -11.37
N GLY B 194 -0.02 16.07 -11.96
CA GLY B 194 -0.43 14.67 -11.91
C GLY B 194 -0.38 14.00 -10.54
N LEU B 195 0.49 14.50 -9.67
CA LEU B 195 0.68 13.96 -8.33
C LEU B 195 -0.15 14.73 -7.29
N SER B 196 0.26 15.96 -6.98
CA SER B 196 -0.39 16.75 -5.93
C SER B 196 -1.59 17.58 -6.40
N GLY B 197 -1.62 17.97 -7.68
CA GLY B 197 -2.78 18.69 -8.21
C GLY B 197 -4.04 17.83 -8.25
N SER B 198 -3.89 16.67 -8.89
CA SER B 198 -4.92 15.64 -8.97
C SER B 198 -5.02 14.77 -7.70
N GLY B 199 -3.95 14.74 -6.91
CA GLY B 199 -3.86 13.95 -5.67
C GLY B 199 -5.05 13.92 -4.72
N PRO B 200 -5.60 15.08 -4.36
CA PRO B 200 -6.79 15.07 -3.50
C PRO B 200 -7.93 14.20 -4.04
N ALA B 201 -8.21 14.25 -5.35
CA ALA B 201 -9.25 13.39 -5.95
C ALA B 201 -8.96 11.89 -5.78
N TYR B 202 -7.70 11.50 -5.89
CA TYR B 202 -7.32 10.11 -5.65
C TYR B 202 -7.64 9.73 -4.20
N ALA B 203 -7.28 10.62 -3.28
CA ALA B 203 -7.57 10.45 -1.86
C ALA B 203 -9.07 10.38 -1.57
N PHE B 204 -9.88 11.25 -2.17
CA PHE B 204 -11.33 11.24 -1.90
C PHE B 204 -11.96 9.92 -2.37
N THR B 205 -11.49 9.43 -3.52
CA THR B 205 -11.91 8.12 -4.07
C THR B 205 -11.54 6.96 -3.13
N ALA B 206 -10.31 7.00 -2.64
CA ALA B 206 -9.78 6.02 -1.70
C ALA B 206 -10.55 6.01 -0.39
N LEU B 207 -10.88 7.20 0.12
CA LEU B 207 -11.63 7.35 1.36
C LEU B 207 -13.09 6.86 1.23
N ASP B 208 -13.71 7.11 0.08
CA ASP B 208 -15.06 6.61 -0.19
C ASP B 208 -15.06 5.07 -0.20
N ALA B 209 -14.06 4.49 -0.83
CA ALA B 209 -13.92 3.03 -0.95
C ALA B 209 -13.58 2.38 0.39
N LEU B 210 -12.64 2.98 1.12
CA LEU B 210 -12.30 2.50 2.46
C LEU B 210 -13.52 2.55 3.39
N ALA B 211 -14.30 3.62 3.31
CA ALA B 211 -15.55 3.72 4.05
C ALA B 211 -16.55 2.62 3.66
N ASP B 212 -16.69 2.34 2.36
CA ASP B 212 -17.53 1.24 1.86
C ASP B 212 -17.05 -0.10 2.45
N GLY B 213 -15.74 -0.28 2.57
CA GLY B 213 -15.16 -1.47 3.20
C GLY B 213 -15.51 -1.60 4.66
N GLY B 214 -15.41 -0.49 5.41
CA GLY B 214 -15.85 -0.43 6.80
C GLY B 214 -17.32 -0.77 6.97
N VAL B 215 -18.17 -0.18 6.13
CA VAL B 215 -19.61 -0.46 6.12
C VAL B 215 -19.88 -1.94 5.82
N LYS B 216 -19.18 -2.51 4.84
CA LYS B 216 -19.38 -3.92 4.53
C LYS B 216 -19.14 -4.80 5.75
N MET B 217 -18.12 -4.44 6.53
CA MET B 217 -17.74 -5.23 7.70
C MET B 217 -18.48 -4.85 8.99
N GLY B 218 -19.45 -3.93 8.88
CA GLY B 218 -20.41 -3.67 9.95
C GLY B 218 -20.37 -2.30 10.60
N LEU B 219 -19.50 -1.42 10.12
CA LEU B 219 -19.41 -0.07 10.70
C LEU B 219 -20.50 0.86 10.16
N PRO B 220 -21.03 1.74 11.01
CA PRO B 220 -21.84 2.86 10.53
C PRO B 220 -21.00 3.72 9.60
N ARG B 221 -21.65 4.25 8.56
CA ARG B 221 -20.98 5.02 7.52
C ARG B 221 -20.22 6.21 8.09
N ARG B 222 -20.87 6.96 8.98
CA ARG B 222 -20.27 8.15 9.55
C ARG B 222 -18.96 7.84 10.28
N LEU B 223 -18.97 6.80 11.12
CA LEU B 223 -17.77 6.32 11.79
C LEU B 223 -16.69 5.83 10.81
N ALA B 224 -17.11 5.05 9.81
CA ALA B 224 -16.20 4.56 8.77
C ALA B 224 -15.48 5.72 8.05
N VAL B 225 -16.22 6.75 7.68
CA VAL B 225 -15.62 7.92 7.01
C VAL B 225 -14.59 8.61 7.91
N ARG B 226 -14.96 8.81 9.18
CA ARG B 226 -14.12 9.51 10.14
C ARG B 226 -12.83 8.75 10.37
N LEU B 227 -12.95 7.45 10.60
CA LEU B 227 -11.80 6.60 10.89
C LEU B 227 -10.87 6.46 9.70
N GLY B 228 -11.43 6.30 8.50
CA GLY B 228 -10.60 6.20 7.29
C GLY B 228 -9.80 7.46 7.02
N ALA B 229 -10.48 8.62 7.11
CA ALA B 229 -9.85 9.92 6.89
C ALA B 229 -8.79 10.17 7.95
N GLN B 230 -9.10 9.82 9.21
CA GLN B 230 -8.12 9.97 10.28
C GLN B 230 -6.89 9.10 10.06
N ALA B 231 -7.10 7.86 9.61
CA ALA B 231 -6.00 6.93 9.25
C ALA B 231 -5.07 7.51 8.19
N LEU B 232 -5.65 8.11 7.14
CA LEU B 232 -4.89 8.67 6.03
C LEU B 232 -4.15 9.90 6.48
N LEU B 233 -4.85 10.77 7.21
CA LEU B 233 -4.26 11.99 7.72
C LEU B 233 -3.05 11.69 8.61
N GLY B 234 -3.24 10.77 9.55
CA GLY B 234 -2.21 10.40 10.51
C GLY B 234 -1.01 9.79 9.84
N ALA B 235 -1.26 8.90 8.89
CA ALA B 235 -0.21 8.22 8.13
C ALA B 235 0.64 9.20 7.30
N ALA B 236 -0.06 10.07 6.57
CA ALA B 236 0.58 11.18 5.86
C ALA B 236 1.43 12.03 6.80
N LYS B 237 0.89 12.43 7.95
CA LYS B 237 1.68 13.23 8.90
C LYS B 237 2.90 12.46 9.37
N MET B 238 2.74 11.18 9.73
CA MET B 238 3.87 10.35 10.14
C MET B 238 5.01 10.37 9.15
N LEU B 239 4.68 10.14 7.87
CA LEU B 239 5.71 10.11 6.82
C LEU B 239 6.41 11.47 6.69
N LEU B 240 5.64 12.55 6.76
CA LEU B 240 6.18 13.91 6.65
C LEU B 240 7.16 14.24 7.76
N HIS B 241 6.92 13.71 8.96
CA HIS B 241 7.76 13.99 10.12
C HIS B 241 8.81 12.92 10.38
N SER B 242 8.87 11.91 9.53
CA SER B 242 9.77 10.79 9.72
C SER B 242 10.98 10.92 8.79
N GLU B 243 12.08 10.27 9.16
CA GLU B 243 13.25 10.14 8.28
C GLU B 243 13.28 8.75 7.62
N GLN B 244 12.28 7.93 7.89
CA GLN B 244 12.23 6.56 7.41
C GLN B 244 11.50 6.48 6.08
N HIS B 245 11.81 5.43 5.32
CA HIS B 245 11.17 5.17 4.05
C HIS B 245 9.71 4.75 4.32
N PRO B 246 8.76 5.11 3.43
CA PRO B 246 7.39 4.62 3.60
C PRO B 246 7.26 3.09 3.74
N GLY B 247 8.15 2.36 3.07
CA GLY B 247 8.29 0.92 3.28
C GLY B 247 8.57 0.52 4.73
N GLN B 248 9.44 1.27 5.41
CA GLN B 248 9.74 0.96 6.81
C GLN B 248 8.55 1.23 7.72
N LEU B 249 7.82 2.32 7.47
CA LEU B 249 6.65 2.65 8.27
C LEU B 249 5.57 1.57 8.09
N LYS B 250 5.41 1.13 6.84
CA LYS B 250 4.53 0.01 6.49
C LYS B 250 4.90 -1.25 7.28
N ASP B 251 6.19 -1.59 7.28
CA ASP B 251 6.71 -2.76 8.03
C ASP B 251 6.35 -2.76 9.51
N ASN B 252 6.31 -1.56 10.12
CA ASN B 252 6.04 -1.43 11.55
C ASN B 252 4.57 -1.68 11.89
N VAL B 253 3.69 -1.44 10.91
CA VAL B 253 2.27 -1.74 11.06
C VAL B 253 1.99 -3.24 10.88
N SER B 254 2.87 -3.92 10.13
CA SER B 254 2.60 -5.29 9.66
C SER B 254 3.15 -6.36 10.58
N SER B 255 2.41 -6.68 11.66
CA SER B 255 2.77 -7.77 12.56
C SER B 255 2.82 -9.08 11.80
N PRO B 256 3.85 -9.92 12.03
CA PRO B 256 3.92 -11.21 11.34
C PRO B 256 2.68 -12.08 11.49
N GLY B 257 2.21 -12.64 10.38
CA GLY B 257 0.98 -13.43 10.35
C GLY B 257 -0.33 -12.67 10.60
N GLY B 258 -0.25 -11.35 10.70
CA GLY B 258 -1.37 -10.55 11.18
C GLY B 258 -2.37 -10.05 10.15
N ALA B 259 -3.29 -9.23 10.64
CA ALA B 259 -4.37 -8.69 9.85
C ALA B 259 -3.86 -7.78 8.71
N THR B 260 -2.93 -6.91 9.05
CA THR B 260 -2.45 -5.91 8.10
C THR B 260 -1.74 -6.56 6.90
N ILE B 261 -0.83 -7.50 7.19
CA ILE B 261 -0.08 -8.15 6.12
C ILE B 261 -1.02 -8.97 5.20
N HIS B 262 -2.06 -9.57 5.76
CA HIS B 262 -3.11 -10.20 4.94
C HIS B 262 -3.81 -9.20 4.01
N ALA B 263 -4.15 -8.02 4.51
CA ALA B 263 -4.78 -7.01 3.68
C ALA B 263 -3.82 -6.46 2.63
N LEU B 264 -2.55 -6.28 2.99
CA LEU B 264 -1.57 -5.79 2.02
C LEU B 264 -1.44 -6.75 0.83
N HIS B 265 -1.48 -8.06 1.09
CA HIS B 265 -1.41 -9.05 0.03
C HIS B 265 -2.54 -8.91 -0.99
N VAL B 266 -3.78 -8.71 -0.53
CA VAL B 266 -4.89 -8.51 -1.47
C VAL B 266 -4.75 -7.22 -2.28
N LEU B 267 -4.19 -6.18 -1.69
CA LEU B 267 -3.83 -4.97 -2.45
C LEU B 267 -2.82 -5.27 -3.55
N GLU B 268 -1.75 -5.99 -3.18
CA GLU B 268 -0.72 -6.38 -4.15
C GLU B 268 -1.28 -7.24 -5.29
N SER B 269 -2.17 -8.16 -4.94
CA SER B 269 -2.73 -9.08 -5.90
C SER B 269 -3.54 -8.36 -6.98
N GLY B 270 -4.16 -7.24 -6.62
CA GLY B 270 -4.85 -6.37 -7.59
C GLY B 270 -3.99 -5.32 -8.30
N GLY B 271 -2.68 -5.32 -8.06
CA GLY B 271 -1.82 -4.32 -8.68
C GLY B 271 -2.11 -2.88 -8.22
N PHE B 272 -2.51 -2.73 -6.97
CA PHE B 272 -2.82 -1.45 -6.32
C PHE B 272 -1.77 -0.37 -6.64
N ARG B 273 -0.49 -0.71 -6.47
CA ARG B 273 0.60 0.24 -6.71
C ARG B 273 0.60 0.73 -8.14
N SER B 274 0.46 -0.20 -9.10
CA SER B 274 0.42 0.14 -10.52
C SER B 274 -0.70 1.14 -10.87
N LEU B 275 -1.85 1.01 -10.21
CA LEU B 275 -2.99 1.87 -10.49
C LEU B 275 -2.67 3.32 -10.14
N LEU B 276 -2.03 3.53 -8.99
CA LEU B 276 -1.66 4.87 -8.59
C LEU B 276 -0.57 5.45 -9.49
N ILE B 277 0.37 4.61 -9.92
CA ILE B 277 1.35 5.05 -10.90
C ILE B 277 0.62 5.41 -12.22
N ASN B 278 -0.34 4.58 -12.62
CA ASN B 278 -1.13 4.83 -13.83
C ASN B 278 -1.84 6.18 -13.76
N ALA B 279 -2.40 6.49 -12.58
CA ALA B 279 -3.14 7.75 -12.36
C ALA B 279 -2.22 8.98 -12.54
N VAL B 280 -1.10 9.00 -11.83
CA VAL B 280 -0.14 10.13 -11.93
C VAL B 280 0.28 10.30 -13.40
N GLU B 281 0.60 9.19 -14.08
CA GLU B 281 0.97 9.23 -15.48
C GLU B 281 -0.12 9.82 -16.35
N ALA B 282 -1.35 9.34 -16.16
CA ALA B 282 -2.47 9.74 -17.01
C ALA B 282 -2.82 11.21 -16.84
N SER B 283 -2.80 11.69 -15.59
CA SER B 283 -3.04 13.10 -15.32
C SER B 283 -1.93 13.99 -15.92
N CYS B 284 -0.67 13.59 -15.71
CA CYS B 284 0.47 14.33 -16.31
C CYS B 284 0.37 14.37 -17.84
N ILE B 285 0.13 13.22 -18.46
CA ILE B 285 0.05 13.11 -19.92
C ILE B 285 -1.09 13.98 -20.46
N ARG B 286 -2.27 13.88 -19.85
CA ARG B 286 -3.40 14.73 -20.24
C ARG B 286 -3.08 16.21 -20.14
N THR B 287 -2.40 16.59 -19.06
CA THR B 287 -1.96 17.99 -18.85
C THR B 287 -1.07 18.48 -19.99
N ARG B 288 -0.10 17.66 -20.38
CA ARG B 288 0.81 17.94 -21.49
C ARG B 288 0.09 18.02 -22.85
N GLU B 289 -0.87 17.13 -23.06
CA GLU B 289 -1.60 17.04 -24.32
C GLU B 289 -2.52 18.21 -24.54
N LEU B 290 -3.12 18.70 -23.47
CA LEU B 290 -4.01 19.82 -23.55
C LEU B 290 -3.23 21.06 -23.97
N GLN B 291 -2.08 21.26 -23.35
CA GLN B 291 -1.24 22.41 -23.70
C GLN B 291 -0.72 22.28 -25.14
N SER B 292 -0.33 21.07 -25.52
CA SER B 292 0.15 20.80 -26.88
C SER B 292 -0.92 21.18 -27.91
N MET B 293 -2.19 20.89 -27.62
CA MET B 293 -3.32 21.33 -28.47
C MET B 293 -3.51 22.86 -28.46
N ALA B 294 -3.35 23.46 -27.27
CA ALA B 294 -3.41 24.92 -27.12
C ALA B 294 -2.31 25.61 -27.93
N ASP B 295 -1.09 25.09 -27.78
CA ASP B 295 0.08 25.59 -28.49
C ASP B 295 0.25 24.86 -29.84
N SER C 22 36.80 -31.55 13.20
CA SER C 22 37.78 -32.58 13.68
C SER C 22 37.08 -33.75 14.38
N MET C 23 35.88 -34.03 13.89
CA MET C 23 34.92 -34.98 14.47
C MET C 23 34.26 -35.72 13.32
N SER C 24 33.49 -36.76 13.64
CA SER C 24 32.90 -37.60 12.61
C SER C 24 31.45 -37.19 12.32
N VAL C 25 31.15 -36.97 11.04
CA VAL C 25 29.83 -36.56 10.58
C VAL C 25 29.27 -37.61 9.62
N GLY C 26 27.96 -37.84 9.69
CA GLY C 26 27.30 -38.81 8.82
C GLY C 26 26.06 -38.24 8.16
N PHE C 27 25.74 -38.77 6.97
CA PHE C 27 24.50 -38.42 6.26
C PHE C 27 23.66 -39.67 5.98
N ILE C 28 22.44 -39.71 6.50
CA ILE C 28 21.45 -40.70 6.06
C ILE C 28 20.72 -40.06 4.89
N GLY C 29 20.85 -40.67 3.70
CA GLY C 29 20.50 -40.03 2.43
C GLY C 29 21.75 -39.49 1.75
N ALA C 30 21.91 -39.77 0.46
CA ALA C 30 23.09 -39.32 -0.30
C ALA C 30 22.66 -38.60 -1.57
N GLY C 31 21.78 -37.61 -1.40
CA GLY C 31 21.17 -36.91 -2.51
C GLY C 31 21.68 -35.49 -2.63
N GLN C 32 20.81 -34.61 -3.13
CA GLN C 32 21.19 -33.23 -3.42
C GLN C 32 21.74 -32.52 -2.19
N LEU C 33 21.07 -32.68 -1.06
CA LEU C 33 21.45 -31.93 0.13
C LEU C 33 22.74 -32.44 0.79
N ALA C 34 22.88 -33.77 0.91
CA ALA C 34 24.08 -34.40 1.48
C ALA C 34 25.29 -33.93 0.71
N PHE C 35 25.21 -33.98 -0.63
CA PHE C 35 26.29 -33.47 -1.47
C PHE C 35 26.59 -31.99 -1.26
N ALA C 36 25.57 -31.13 -1.29
CA ALA C 36 25.76 -29.70 -1.11
C ALA C 36 26.46 -29.40 0.22
N LEU C 37 25.98 -30.04 1.29
CA LEU C 37 26.55 -29.81 2.64
C LEU C 37 27.96 -30.33 2.76
N ALA C 38 28.21 -31.54 2.26
CA ALA C 38 29.56 -32.12 2.32
C ALA C 38 30.56 -31.26 1.54
N LYS C 39 30.18 -30.87 0.32
CA LYS C 39 30.99 -29.96 -0.50
C LYS C 39 31.25 -28.63 0.21
N GLY C 40 30.20 -28.02 0.77
CA GLY C 40 30.37 -26.79 1.55
C GLY C 40 31.32 -26.93 2.74
N PHE C 41 31.12 -27.97 3.54
CA PHE C 41 31.91 -28.19 4.76
C PHE C 41 33.39 -28.44 4.45
N THR C 42 33.67 -29.21 3.41
CA THR C 42 35.05 -29.52 3.05
C THR C 42 35.74 -28.33 2.38
N ALA C 43 35.00 -27.62 1.52
CA ALA C 43 35.48 -26.36 0.93
C ALA C 43 35.83 -25.33 2.02
N ALA C 44 35.07 -25.34 3.11
CA ALA C 44 35.25 -24.41 4.24
C ALA C 44 36.43 -24.77 5.12
N GLY C 45 36.88 -26.02 5.02
CA GLY C 45 38.00 -26.51 5.83
C GLY C 45 37.58 -26.86 7.24
N VAL C 46 36.28 -26.95 7.50
CA VAL C 46 35.81 -27.29 8.84
C VAL C 46 35.75 -28.81 9.06
N LEU C 47 35.60 -29.56 7.97
CA LEU C 47 35.55 -31.03 8.01
C LEU C 47 36.42 -31.62 6.91
N ALA C 48 37.04 -32.76 7.21
CA ALA C 48 37.78 -33.56 6.23
C ALA C 48 36.83 -34.53 5.53
N ALA C 49 37.01 -34.69 4.21
CA ALA C 49 36.14 -35.57 3.43
C ALA C 49 36.09 -36.99 4.00
N HIS C 50 37.23 -37.49 4.46
CA HIS C 50 37.32 -38.86 4.96
C HIS C 50 36.56 -39.07 6.27
N LYS C 51 36.25 -37.98 6.98
CA LYS C 51 35.52 -38.04 8.24
C LYS C 51 33.99 -37.99 8.03
N ILE C 52 33.57 -37.98 6.77
CA ILE C 52 32.16 -37.95 6.39
C ILE C 52 31.78 -39.27 5.73
N MET C 53 30.68 -39.85 6.20
CA MET C 53 30.10 -41.04 5.59
C MET C 53 28.67 -40.70 5.18
N ALA C 54 28.24 -41.23 4.04
CA ALA C 54 26.86 -41.05 3.57
C ALA C 54 26.30 -42.40 3.13
N SER C 55 25.00 -42.59 3.34
CA SER C 55 24.34 -43.84 2.98
C SER C 55 23.08 -43.63 2.12
N SER C 56 22.87 -44.58 1.22
CA SER C 56 21.73 -44.57 0.32
C SER C 56 21.49 -46.00 -0.17
N PRO C 57 20.21 -46.44 -0.24
CA PRO C 57 19.93 -47.79 -0.74
C PRO C 57 20.43 -48.05 -2.17
N ASP C 58 20.38 -47.03 -3.03
CA ASP C 58 20.95 -47.12 -4.38
C ASP C 58 22.31 -46.40 -4.45
N MET C 59 23.39 -47.18 -4.42
CA MET C 59 24.75 -46.62 -4.49
C MET C 59 25.16 -46.26 -5.92
N ASP C 60 24.16 -45.98 -6.77
CA ASP C 60 24.39 -45.67 -8.18
C ASP C 60 23.95 -44.26 -8.59
N LEU C 61 23.25 -43.54 -7.72
CA LEU C 61 22.76 -42.20 -8.05
C LEU C 61 23.92 -41.25 -8.42
N ALA C 62 23.65 -40.26 -9.26
CA ALA C 62 24.68 -39.30 -9.70
C ALA C 62 25.26 -38.47 -8.55
N THR C 63 24.42 -38.18 -7.56
CA THR C 63 24.88 -37.53 -6.33
C THR C 63 25.85 -38.41 -5.52
N VAL C 64 25.64 -39.73 -5.56
CA VAL C 64 26.55 -40.69 -4.91
C VAL C 64 27.92 -40.74 -5.61
N SER C 65 27.93 -40.65 -6.95
CA SER C 65 29.17 -40.59 -7.72
C SER C 65 29.94 -39.30 -7.41
N ALA C 66 29.21 -38.20 -7.29
CA ALA C 66 29.78 -36.90 -6.93
C ALA C 66 30.42 -36.92 -5.52
N LEU C 67 29.68 -37.45 -4.55
CA LEU C 67 30.18 -37.61 -3.18
C LEU C 67 31.42 -38.52 -3.13
N ARG C 68 31.45 -39.52 -4.01
CA ARG C 68 32.56 -40.48 -4.10
C ARG C 68 33.83 -39.83 -4.65
N LYS C 69 33.65 -38.96 -5.66
CA LYS C 69 34.76 -38.19 -6.23
C LYS C 69 35.32 -37.19 -5.21
N MET C 70 34.46 -36.73 -4.32
CA MET C 70 34.84 -35.87 -3.19
C MET C 70 35.76 -36.50 -2.15
N GLY C 71 35.69 -37.82 -2.01
CA GLY C 71 36.43 -38.53 -0.95
C GLY C 71 35.59 -38.88 0.27
N VAL C 72 34.27 -38.69 0.18
CA VAL C 72 33.33 -39.11 1.22
C VAL C 72 33.20 -40.64 1.21
N LYS C 73 33.08 -41.26 2.39
CA LYS C 73 32.81 -42.70 2.50
C LYS C 73 31.33 -42.99 2.24
N LEU C 74 31.07 -43.98 1.40
CA LEU C 74 29.73 -44.33 0.97
C LEU C 74 29.38 -45.76 1.38
N THR C 75 28.17 -45.95 1.86
CA THR C 75 27.70 -47.29 2.21
C THR C 75 26.18 -47.38 2.00
N PRO C 76 25.68 -48.56 1.58
CA PRO C 76 24.23 -48.73 1.53
C PRO C 76 23.56 -48.95 2.90
N HIS C 77 24.34 -49.17 3.95
CA HIS C 77 23.82 -49.57 5.24
C HIS C 77 23.78 -48.38 6.18
N ASN C 78 22.58 -47.96 6.55
CA ASN C 78 22.39 -46.81 7.45
C ASN C 78 22.97 -47.03 8.86
N LYS C 79 23.04 -48.29 9.29
CA LYS C 79 23.63 -48.62 10.60
C LYS C 79 25.12 -48.30 10.66
N GLU C 80 25.83 -48.48 9.55
CA GLU C 80 27.26 -48.10 9.45
C GLU C 80 27.47 -46.59 9.61
N THR C 81 26.61 -45.81 8.97
CA THR C 81 26.66 -44.36 9.06
C THR C 81 26.45 -43.89 10.51
N VAL C 82 25.50 -44.51 11.19
CA VAL C 82 25.24 -44.20 12.61
C VAL C 82 26.48 -44.54 13.47
N GLN C 83 27.03 -45.75 13.28
CA GLN C 83 28.21 -46.20 14.02
C GLN C 83 29.45 -45.34 13.78
N HIS C 84 29.62 -44.85 12.55
CA HIS C 84 30.72 -43.92 12.17
C HIS C 84 30.64 -42.55 12.86
N SER C 85 29.42 -42.05 13.04
CA SER C 85 29.16 -40.63 13.28
C SER C 85 29.07 -40.16 14.72
N ASP C 86 29.39 -38.89 14.93
CA ASP C 86 29.08 -38.15 16.15
C ASP C 86 27.87 -37.24 15.89
N VAL C 87 27.96 -36.44 14.82
CA VAL C 87 26.87 -35.63 14.34
C VAL C 87 26.24 -36.37 13.15
N LEU C 88 24.95 -36.64 13.23
CA LEU C 88 24.27 -37.40 12.19
C LEU C 88 23.16 -36.56 11.54
N PHE C 89 23.36 -36.24 10.26
CA PHE C 89 22.36 -35.53 9.48
C PHE C 89 21.36 -36.50 8.85
N LEU C 90 20.06 -36.21 9.02
CA LEU C 90 19.02 -36.92 8.28
C LEU C 90 18.69 -36.12 7.03
N ALA C 91 19.07 -36.67 5.89
CA ALA C 91 18.99 -36.00 4.60
C ALA C 91 18.18 -36.84 3.61
N VAL C 92 17.05 -37.36 4.10
CA VAL C 92 16.12 -38.10 3.28
C VAL C 92 14.84 -37.28 3.15
N LYS C 93 14.03 -37.67 2.16
CA LYS C 93 12.73 -37.08 1.99
C LYS C 93 11.87 -37.24 3.26
N PRO C 94 11.01 -36.24 3.56
CA PRO C 94 10.25 -36.22 4.81
C PRO C 94 9.49 -37.52 5.15
N HIS C 95 8.92 -38.18 4.15
CA HIS C 95 8.16 -39.42 4.38
C HIS C 95 9.04 -40.63 4.68
N ILE C 96 10.33 -40.53 4.41
CA ILE C 96 11.29 -41.57 4.75
C ILE C 96 11.79 -41.43 6.20
N ILE C 97 11.71 -40.24 6.77
CA ILE C 97 12.21 -40.02 8.14
C ILE C 97 11.71 -41.07 9.16
N PRO C 98 10.39 -41.30 9.25
CA PRO C 98 9.90 -42.27 10.25
C PRO C 98 10.48 -43.67 10.09
N PHE C 99 10.61 -44.12 8.84
CA PHE C 99 11.21 -45.40 8.53
C PHE C 99 12.69 -45.51 8.97
N ILE C 100 13.50 -44.51 8.69
CA ILE C 100 14.91 -44.59 9.11
C ILE C 100 15.04 -44.47 10.62
N LEU C 101 14.15 -43.71 11.28
CA LEU C 101 14.16 -43.60 12.74
C LEU C 101 13.86 -44.96 13.41
N ASP C 102 12.93 -45.71 12.82
CA ASP C 102 12.67 -47.07 13.29
C ASP C 102 13.85 -47.98 13.01
N GLU C 103 14.51 -47.77 11.87
CA GLU C 103 15.59 -48.63 11.42
C GLU C 103 16.83 -48.52 12.31
N ILE C 104 17.21 -47.30 12.67
CA ILE C 104 18.45 -47.06 13.41
C ILE C 104 18.23 -46.47 14.83
N GLY C 105 16.98 -46.35 15.25
CA GLY C 105 16.67 -45.84 16.61
C GLY C 105 17.43 -46.53 17.73
N ALA C 106 17.55 -47.86 17.64
CA ALA C 106 18.27 -48.66 18.65
C ALA C 106 19.79 -48.46 18.60
N ASP C 107 20.30 -47.90 17.50
CA ASP C 107 21.74 -47.67 17.35
C ASP C 107 22.18 -46.28 17.79
N ILE C 108 21.24 -45.40 18.12
CA ILE C 108 21.59 -44.07 18.60
C ILE C 108 22.22 -44.20 20.00
N GLU C 109 23.25 -43.41 20.25
CA GLU C 109 24.06 -43.49 21.45
C GLU C 109 24.02 -42.14 22.16
N ASP C 110 24.56 -42.10 23.37
CA ASP C 110 24.61 -40.86 24.14
C ASP C 110 25.37 -39.77 23.41
N ARG C 111 26.38 -40.16 22.63
CA ARG C 111 27.24 -39.20 21.92
C ARG C 111 26.59 -38.47 20.73
N HIS C 112 25.52 -39.04 20.20
CA HIS C 112 24.94 -38.58 18.95
C HIS C 112 24.16 -37.27 19.10
N ILE C 113 24.40 -36.35 18.17
CA ILE C 113 23.49 -35.22 17.92
C ILE C 113 22.80 -35.54 16.59
N VAL C 114 21.48 -35.70 16.64
CA VAL C 114 20.70 -35.99 15.44
C VAL C 114 20.16 -34.70 14.88
N VAL C 115 20.59 -34.37 13.66
CA VAL C 115 20.20 -33.15 12.97
C VAL C 115 19.29 -33.49 11.80
N SER C 116 18.00 -33.22 11.95
CA SER C 116 17.09 -33.43 10.85
C SER C 116 17.08 -32.21 9.96
N CYS C 117 17.21 -32.47 8.66
CA CYS C 117 17.15 -31.44 7.63
C CYS C 117 15.84 -31.48 6.87
N ALA C 118 14.98 -32.44 7.19
CA ALA C 118 13.80 -32.71 6.38
C ALA C 118 12.77 -31.59 6.52
N ALA C 119 12.22 -31.15 5.39
CA ALA C 119 11.13 -30.17 5.39
C ALA C 119 9.94 -30.67 6.22
N GLY C 120 9.39 -29.80 7.06
CA GLY C 120 8.14 -30.05 7.73
C GLY C 120 8.19 -30.90 8.98
N VAL C 121 9.17 -31.81 9.10
CA VAL C 121 9.18 -32.85 10.15
C VAL C 121 9.54 -32.24 11.52
N THR C 122 8.63 -32.40 12.50
CA THR C 122 8.78 -31.75 13.80
C THR C 122 9.80 -32.48 14.69
N ILE C 123 10.46 -31.70 15.55
CA ILE C 123 11.32 -32.25 16.60
C ILE C 123 10.55 -33.24 17.48
N SER C 124 9.30 -32.92 17.82
CA SER C 124 8.50 -33.81 18.63
C SER C 124 8.28 -35.19 17.99
N SER C 125 8.02 -35.24 16.67
CA SER C 125 7.85 -36.52 15.98
C SER C 125 9.13 -37.35 16.00
N ILE C 126 10.26 -36.69 15.87
CA ILE C 126 11.56 -37.35 15.88
C ILE C 126 11.89 -37.84 17.28
N GLU C 127 11.70 -36.98 18.27
CA GLU C 127 11.96 -37.33 19.66
C GLU C 127 11.10 -38.50 20.09
N LYS C 128 9.83 -38.52 19.66
CA LYS C 128 8.90 -39.61 20.01
C LYS C 128 9.37 -40.97 19.49
N LYS C 129 9.77 -41.06 18.23
CA LYS C 129 10.28 -42.33 17.66
C LYS C 129 11.56 -42.80 18.37
N LEU C 130 12.50 -41.88 18.54
CA LEU C 130 13.81 -42.22 19.12
C LEU C 130 13.74 -42.53 20.62
N SER C 131 12.90 -41.79 21.34
CA SER C 131 12.74 -41.96 22.79
C SER C 131 12.23 -43.37 23.19
N ALA C 132 11.63 -44.08 22.23
CA ALA C 132 11.23 -45.49 22.43
C ALA C 132 12.43 -46.42 22.64
N PHE C 133 13.59 -46.04 22.13
CA PHE C 133 14.79 -46.88 22.20
C PHE C 133 15.72 -46.46 23.33
N ARG C 134 15.94 -45.15 23.45
CA ARG C 134 16.83 -44.57 24.44
C ARG C 134 16.24 -43.21 24.83
N PRO C 135 16.12 -42.92 26.14
CA PRO C 135 15.51 -41.63 26.45
C PRO C 135 16.50 -40.47 26.21
N ALA C 136 15.96 -39.27 26.17
CA ALA C 136 16.79 -38.06 26.02
C ALA C 136 17.66 -38.03 24.74
N PRO C 137 17.07 -38.34 23.58
CA PRO C 137 17.83 -38.15 22.34
C PRO C 137 18.17 -36.66 22.13
N ARG C 138 19.37 -36.37 21.64
CA ARG C 138 19.78 -34.99 21.34
C ARG C 138 19.40 -34.66 19.90
N VAL C 139 18.37 -33.83 19.75
CA VAL C 139 17.78 -33.55 18.45
C VAL C 139 17.85 -32.05 18.13
N ILE C 140 18.26 -31.75 16.89
CA ILE C 140 18.25 -30.41 16.33
C ILE C 140 17.56 -30.50 14.97
N ARG C 141 16.62 -29.58 14.76
CA ARG C 141 15.99 -29.45 13.48
C ARG C 141 16.58 -28.25 12.75
N CYS C 142 16.94 -28.44 11.49
CA CYS C 142 17.39 -27.33 10.67
C CYS C 142 16.63 -27.23 9.34
N MET C 143 16.66 -26.02 8.78
CA MET C 143 16.30 -25.78 7.40
C MET C 143 17.42 -24.96 6.78
N THR C 144 17.93 -25.44 5.65
CA THR C 144 19.03 -24.84 4.95
C THR C 144 18.64 -24.77 3.46
N ASN C 145 19.61 -24.62 2.57
CA ASN C 145 19.32 -24.60 1.15
C ASN C 145 20.55 -25.01 0.36
N THR C 146 20.36 -25.21 -0.94
CA THR C 146 21.40 -25.75 -1.82
C THR C 146 22.70 -24.88 -1.95
N PRO C 147 22.60 -23.53 -1.90
CA PRO C 147 23.80 -22.67 -1.91
C PRO C 147 24.88 -22.87 -0.82
N VAL C 148 24.64 -23.71 0.19
CA VAL C 148 25.73 -24.17 1.08
C VAL C 148 26.89 -24.73 0.26
N VAL C 149 26.56 -25.30 -0.91
CA VAL C 149 27.53 -25.82 -1.87
C VAL C 149 28.59 -24.78 -2.34
N VAL C 150 28.23 -23.50 -2.29
CA VAL C 150 29.18 -22.42 -2.56
C VAL C 150 29.41 -21.55 -1.31
N ARG C 151 29.07 -22.11 -0.15
CA ARG C 151 29.26 -21.48 1.17
C ARG C 151 28.48 -20.17 1.34
N GLU C 152 27.32 -20.11 0.69
CA GLU C 152 26.42 -18.97 0.81
C GLU C 152 24.99 -19.46 1.07
N GLY C 153 24.88 -20.47 1.92
CA GLY C 153 23.58 -20.95 2.35
C GLY C 153 22.90 -20.02 3.33
N ALA C 154 21.60 -20.29 3.51
CA ALA C 154 20.78 -19.63 4.53
C ALA C 154 20.22 -20.73 5.43
N THR C 155 20.68 -20.78 6.67
CA THR C 155 20.33 -21.88 7.57
C THR C 155 19.72 -21.36 8.88
N VAL C 156 18.61 -21.99 9.28
CA VAL C 156 18.06 -21.82 10.60
C VAL C 156 18.01 -23.19 11.29
N TYR C 157 18.02 -23.16 12.63
CA TYR C 157 17.89 -24.38 13.42
C TYR C 157 17.13 -24.13 14.73
N ALA C 158 16.43 -25.15 15.20
CA ALA C 158 15.83 -25.16 16.54
C ALA C 158 16.44 -26.35 17.29
N THR C 159 16.74 -26.14 18.56
CA THR C 159 17.24 -27.18 19.45
C THR C 159 16.10 -27.94 20.13
N GLY C 160 16.24 -29.27 20.19
CA GLY C 160 15.28 -30.14 20.87
C GLY C 160 15.29 -30.06 22.39
N THR C 161 14.37 -30.81 23.00
CA THR C 161 14.18 -30.86 24.45
C THR C 161 15.46 -31.21 25.20
N HIS C 162 16.21 -32.19 24.68
CA HIS C 162 17.39 -32.73 25.36
C HIS C 162 18.70 -32.34 24.69
N ALA C 163 18.65 -31.38 23.77
CA ALA C 163 19.85 -30.80 23.21
C ALA C 163 20.60 -30.09 24.34
N GLN C 164 21.90 -30.31 24.40
CA GLN C 164 22.75 -29.61 25.38
C GLN C 164 22.99 -28.19 24.84
N VAL C 165 23.44 -27.27 25.69
CA VAL C 165 23.64 -25.86 25.26
C VAL C 165 24.77 -25.78 24.21
N GLU C 166 25.82 -26.55 24.45
CA GLU C 166 26.93 -26.62 23.49
C GLU C 166 26.55 -27.29 22.16
N ASP C 167 25.46 -28.06 22.13
CA ASP C 167 25.01 -28.69 20.90
C ASP C 167 24.56 -27.64 19.88
N GLY C 168 23.76 -26.67 20.31
CA GLY C 168 23.30 -25.57 19.45
C GLY C 168 24.44 -24.65 19.03
N ARG C 169 25.40 -24.45 19.94
CA ARG C 169 26.60 -23.65 19.65
C ARG C 169 27.48 -24.35 18.60
N LEU C 170 27.68 -25.65 18.76
CA LEU C 170 28.44 -26.45 17.79
C LEU C 170 27.80 -26.41 16.43
N MET C 171 26.48 -26.52 16.42
CA MET C 171 25.72 -26.53 15.18
C MET C 171 25.80 -25.21 14.44
N GLU C 172 25.70 -24.11 15.18
CA GLU C 172 25.80 -22.78 14.59
C GLU C 172 27.19 -22.53 14.06
N GLN C 173 28.20 -23.00 14.79
CA GLN C 173 29.58 -22.93 14.32
C GLN C 173 29.78 -23.66 13.00
N LEU C 174 29.31 -24.89 12.94
CA LEU C 174 29.47 -25.72 11.74
C LEU C 174 28.70 -25.15 10.54
N LEU C 175 27.42 -24.84 10.75
CA LEU C 175 26.59 -24.35 9.65
C LEU C 175 26.94 -22.92 9.21
N SER C 176 27.49 -22.11 10.13
CA SER C 176 27.99 -20.78 9.79
C SER C 176 29.18 -20.80 8.82
N SER C 177 29.87 -21.94 8.74
CA SER C 177 30.98 -22.10 7.81
C SER C 177 30.50 -22.17 6.35
N VAL C 178 29.22 -22.43 6.14
CA VAL C 178 28.67 -22.56 4.78
C VAL C 178 27.56 -21.56 4.44
N GLY C 179 27.40 -20.54 5.29
CA GLY C 179 26.46 -19.46 5.02
C GLY C 179 25.98 -18.78 6.29
N PHE C 180 24.90 -18.02 6.16
CA PHE C 180 24.20 -17.45 7.31
C PHE C 180 23.57 -18.55 8.14
N CYS C 181 23.72 -18.45 9.46
CA CYS C 181 23.09 -19.40 10.37
C CYS C 181 22.57 -18.68 11.60
N THR C 182 21.33 -18.98 11.98
CA THR C 182 20.78 -18.43 13.21
C THR C 182 19.83 -19.43 13.84
N GLU C 183 19.71 -19.35 15.17
CA GLU C 183 18.74 -20.16 15.89
C GLU C 183 17.38 -19.48 15.78
N VAL C 184 16.34 -20.28 15.64
CA VAL C 184 14.96 -19.79 15.66
C VAL C 184 14.09 -20.69 16.52
N GLU C 185 12.97 -20.15 16.98
CA GLU C 185 11.88 -21.00 17.46
C GLU C 185 11.45 -21.94 16.33
N GLU C 186 11.20 -23.20 16.68
CA GLU C 186 10.78 -24.21 15.70
C GLU C 186 9.54 -23.80 14.91
N ASP C 187 8.64 -23.05 15.52
CA ASP C 187 7.40 -22.66 14.84
C ASP C 187 7.55 -21.70 13.65
N LEU C 188 8.77 -21.19 13.46
CA LEU C 188 9.12 -20.40 12.28
C LEU C 188 9.72 -21.22 11.13
N ILE C 189 10.09 -22.48 11.34
CA ILE C 189 10.85 -23.20 10.31
C ILE C 189 10.08 -23.48 9.00
N ASP C 190 8.79 -23.84 9.08
CA ASP C 190 7.98 -24.04 7.86
C ASP C 190 7.92 -22.78 6.95
N ALA C 191 7.79 -21.62 7.58
CA ALA C 191 7.82 -20.34 6.87
C ALA C 191 9.20 -20.05 6.29
N VAL C 192 10.25 -20.32 7.05
CA VAL C 192 11.62 -20.20 6.52
C VAL C 192 11.80 -21.11 5.28
N THR C 193 11.23 -22.31 5.34
CA THR C 193 11.25 -23.24 4.21
C THR C 193 10.64 -22.62 2.94
N GLY C 194 9.52 -21.91 3.11
CA GLY C 194 8.87 -21.24 1.99
C GLY C 194 9.63 -20.06 1.41
N LEU C 195 10.53 -19.49 2.21
CA LEU C 195 11.29 -18.30 1.83
C LEU C 195 12.69 -18.70 1.34
N SER C 196 13.56 -19.10 2.27
CA SER C 196 14.95 -19.40 1.92
C SER C 196 15.18 -20.84 1.47
N GLY C 197 14.38 -21.79 1.92
CA GLY C 197 14.52 -23.18 1.46
C GLY C 197 14.16 -23.30 -0.01
N SER C 198 13.00 -22.77 -0.38
CA SER C 198 12.53 -22.77 -1.77
C SER C 198 13.13 -21.61 -2.59
N GLY C 199 13.58 -20.57 -1.89
CA GLY C 199 14.10 -19.35 -2.50
C GLY C 199 15.06 -19.46 -3.67
N PRO C 200 16.07 -20.34 -3.57
CA PRO C 200 16.93 -20.53 -4.74
C PRO C 200 16.19 -20.88 -6.03
N ALA C 201 15.18 -21.76 -5.98
CA ALA C 201 14.38 -22.08 -7.18
C ALA C 201 13.68 -20.83 -7.78
N TYR C 202 13.17 -19.94 -6.92
CA TYR C 202 12.57 -18.68 -7.36
C TYR C 202 13.65 -17.85 -8.09
N ALA C 203 14.85 -17.80 -7.52
CA ALA C 203 15.96 -17.06 -8.14
C ALA C 203 16.35 -17.68 -9.49
N PHE C 204 16.44 -19.00 -9.58
CA PHE C 204 16.86 -19.67 -10.83
C PHE C 204 15.85 -19.40 -11.96
N THR C 205 14.55 -19.41 -11.60
CA THR C 205 13.47 -19.04 -12.52
C THR C 205 13.54 -17.58 -12.96
N ALA C 206 13.78 -16.68 -12.02
CA ALA C 206 13.95 -15.24 -12.32
C ALA C 206 15.14 -15.00 -13.24
N LEU C 207 16.22 -15.72 -13.00
CA LEU C 207 17.45 -15.57 -13.79
C LEU C 207 17.29 -16.09 -15.22
N ASP C 208 16.62 -17.23 -15.37
CA ASP C 208 16.33 -17.76 -16.71
C ASP C 208 15.48 -16.76 -17.53
N ALA C 209 14.43 -16.22 -16.90
CA ALA C 209 13.55 -15.21 -17.49
C ALA C 209 14.27 -13.89 -17.84
N LEU C 210 15.05 -13.37 -16.90
CA LEU C 210 15.83 -12.16 -17.12
C LEU C 210 16.80 -12.34 -18.32
N ALA C 211 17.38 -13.54 -18.42
CA ALA C 211 18.29 -13.88 -19.51
C ALA C 211 17.53 -13.91 -20.83
N ASP C 212 16.34 -14.54 -20.85
CA ASP C 212 15.41 -14.49 -22.00
C ASP C 212 15.07 -13.04 -22.44
N GLY C 213 14.86 -12.15 -21.47
CA GLY C 213 14.63 -10.75 -21.76
C GLY C 213 15.84 -10.06 -22.39
N GLY C 214 17.03 -10.34 -21.84
CA GLY C 214 18.30 -9.88 -22.41
C GLY C 214 18.49 -10.35 -23.84
N VAL C 215 18.22 -11.64 -24.06
CA VAL C 215 18.22 -12.24 -25.38
C VAL C 215 17.20 -11.60 -26.35
N LYS C 216 15.96 -11.39 -25.89
CA LYS C 216 14.97 -10.70 -26.73
C LYS C 216 15.47 -9.34 -27.21
N MET C 217 16.20 -8.64 -26.36
CA MET C 217 16.70 -7.31 -26.69
C MET C 217 18.06 -7.29 -27.40
N GLY C 218 18.60 -8.47 -27.72
CA GLY C 218 19.73 -8.59 -28.61
C GLY C 218 21.02 -9.12 -28.01
N LEU C 219 21.01 -9.45 -26.73
CA LEU C 219 22.21 -9.95 -26.07
C LEU C 219 22.42 -11.44 -26.34
N PRO C 220 23.68 -11.85 -26.50
CA PRO C 220 23.99 -13.28 -26.44
C PRO C 220 23.56 -13.91 -25.12
N ARG C 221 23.10 -15.17 -25.18
CA ARG C 221 22.59 -15.88 -24.01
C ARG C 221 23.62 -15.95 -22.88
N ARG C 222 24.86 -16.27 -23.21
CA ARG C 222 25.91 -16.40 -22.22
C ARG C 222 26.14 -15.09 -21.48
N LEU C 223 26.26 -14.00 -22.24
CA LEU C 223 26.40 -12.70 -21.63
C LEU C 223 25.16 -12.33 -20.80
N ALA C 224 23.95 -12.59 -21.33
CA ALA C 224 22.70 -12.30 -20.61
C ALA C 224 22.63 -13.04 -19.27
N VAL C 225 23.03 -14.32 -19.25
CA VAL C 225 23.02 -15.11 -18.00
C VAL C 225 24.01 -14.54 -16.96
N ARG C 226 25.22 -14.22 -17.41
CA ARG C 226 26.29 -13.70 -16.56
C ARG C 226 25.89 -12.37 -15.92
N LEU C 227 25.38 -11.43 -16.73
CA LEU C 227 24.99 -10.11 -16.23
C LEU C 227 23.75 -10.16 -15.34
N GLY C 228 22.75 -10.95 -15.73
CA GLY C 228 21.60 -11.16 -14.87
C GLY C 228 21.97 -11.67 -13.48
N ALA C 229 22.77 -12.73 -13.45
CA ALA C 229 23.23 -13.34 -12.20
C ALA C 229 24.10 -12.40 -11.37
N GLN C 230 25.01 -11.66 -12.03
CA GLN C 230 25.80 -10.65 -11.32
C GLN C 230 24.94 -9.54 -10.72
N ALA C 231 23.90 -9.14 -11.45
CA ALA C 231 22.97 -8.10 -10.97
C ALA C 231 22.27 -8.54 -9.69
N LEU C 232 21.79 -9.78 -9.67
CA LEU C 232 21.08 -10.32 -8.52
C LEU C 232 22.03 -10.54 -7.33
N LEU C 233 23.21 -11.09 -7.58
CA LEU C 233 24.22 -11.25 -6.54
C LEU C 233 24.59 -9.92 -5.94
N GLY C 234 24.92 -8.95 -6.80
CA GLY C 234 25.31 -7.62 -6.35
C GLY C 234 24.25 -6.90 -5.54
N ALA C 235 23.00 -6.96 -5.99
CA ALA C 235 21.86 -6.33 -5.29
C ALA C 235 21.63 -6.96 -3.91
N ALA C 236 21.66 -8.29 -3.86
CA ALA C 236 21.53 -9.01 -2.61
C ALA C 236 22.67 -8.66 -1.64
N LYS C 237 23.91 -8.60 -2.11
CA LYS C 237 25.02 -8.20 -1.25
C LYS C 237 24.84 -6.76 -0.73
N MET C 238 24.48 -5.84 -1.63
CA MET C 238 24.18 -4.46 -1.22
C MET C 238 23.19 -4.39 -0.08
N LEU C 239 22.07 -5.10 -0.21
CA LEU C 239 21.02 -5.11 0.82
C LEU C 239 21.57 -5.65 2.17
N LEU C 240 22.27 -6.78 2.11
CA LEU C 240 22.86 -7.38 3.30
C LEU C 240 23.84 -6.44 4.02
N HIS C 241 24.60 -5.66 3.26
CA HIS C 241 25.57 -4.74 3.83
C HIS C 241 25.03 -3.34 4.14
N SER C 242 23.76 -3.10 3.83
CA SER C 242 23.14 -1.80 3.99
C SER C 242 22.33 -1.66 5.29
N GLU C 243 22.24 -0.44 5.78
CA GLU C 243 21.34 -0.09 6.88
C GLU C 243 19.95 0.34 6.36
N GLN C 244 19.81 0.45 5.04
CA GLN C 244 18.63 1.02 4.45
C GLN C 244 17.62 -0.03 4.02
N HIS C 245 16.38 0.42 3.88
CA HIS C 245 15.25 -0.41 3.43
C HIS C 245 15.45 -0.72 1.95
N PRO C 246 15.04 -1.93 1.48
CA PRO C 246 15.14 -2.22 0.04
C PRO C 246 14.42 -1.22 -0.87
N GLY C 247 13.33 -0.64 -0.36
CA GLY C 247 12.63 0.46 -1.02
C GLY C 247 13.53 1.66 -1.27
N GLN C 248 14.38 2.01 -0.31
CA GLN C 248 15.29 3.13 -0.49
C GLN C 248 16.36 2.83 -1.53
N LEU C 249 16.91 1.61 -1.50
CA LEU C 249 17.91 1.19 -2.46
C LEU C 249 17.32 1.12 -3.87
N LYS C 250 16.06 0.69 -3.96
CA LYS C 250 15.31 0.76 -5.21
C LYS C 250 15.12 2.22 -5.68
N ASP C 251 14.80 3.11 -4.74
CA ASP C 251 14.71 4.53 -5.05
C ASP C 251 15.99 5.10 -5.68
N ASN C 252 17.14 4.59 -5.26
CA ASN C 252 18.44 5.11 -5.70
C ASN C 252 18.78 4.68 -7.12
N VAL C 253 18.29 3.52 -7.52
CA VAL C 253 18.45 3.04 -8.88
C VAL C 253 17.48 3.73 -9.86
N SER C 254 16.35 4.24 -9.36
CA SER C 254 15.30 4.76 -10.24
C SER C 254 15.42 6.26 -10.53
N SER C 255 16.28 6.63 -11.48
CA SER C 255 16.42 8.02 -11.92
C SER C 255 15.09 8.54 -12.46
N PRO C 256 14.72 9.79 -12.11
CA PRO C 256 13.44 10.32 -12.61
C PRO C 256 13.30 10.29 -14.14
N GLY C 257 12.16 9.76 -14.60
CA GLY C 257 11.87 9.65 -16.02
C GLY C 257 12.65 8.56 -16.75
N GLY C 258 13.46 7.80 -16.02
CA GLY C 258 14.44 6.93 -16.64
C GLY C 258 13.96 5.51 -16.96
N ALA C 259 14.91 4.72 -17.44
CA ALA C 259 14.67 3.36 -17.89
C ALA C 259 14.17 2.46 -16.79
N THR C 260 14.80 2.54 -15.62
CA THR C 260 14.44 1.65 -14.50
C THR C 260 12.98 1.83 -13.99
N ILE C 261 12.56 3.06 -13.76
CA ILE C 261 11.21 3.35 -13.27
C ILE C 261 10.16 2.91 -14.29
N HIS C 262 10.50 3.00 -15.58
CA HIS C 262 9.62 2.47 -16.63
C HIS C 262 9.46 0.94 -16.51
N ALA C 263 10.56 0.25 -16.26
CA ALA C 263 10.50 -1.18 -16.08
C ALA C 263 9.80 -1.60 -14.80
N LEU C 264 10.02 -0.87 -13.70
CA LEU C 264 9.35 -1.14 -12.43
C LEU C 264 7.84 -1.03 -12.59
N HIS C 265 7.37 -0.05 -13.35
CA HIS C 265 5.94 0.07 -13.63
C HIS C 265 5.38 -1.19 -14.25
N VAL C 266 6.07 -1.76 -15.25
CA VAL C 266 5.51 -2.95 -15.89
C VAL C 266 5.54 -4.15 -14.95
N LEU C 267 6.54 -4.28 -14.08
CA LEU C 267 6.48 -5.29 -13.02
C LEU C 267 5.25 -5.09 -12.13
N GLU C 268 5.05 -3.85 -11.68
CA GLU C 268 3.90 -3.52 -10.84
C GLU C 268 2.59 -3.85 -11.53
N SER C 269 2.47 -3.52 -12.81
CA SER C 269 1.23 -3.77 -13.53
C SER C 269 0.91 -5.25 -13.59
N GLY C 270 1.94 -6.10 -13.52
CA GLY C 270 1.73 -7.56 -13.49
C GLY C 270 1.51 -8.16 -12.11
N GLY C 271 1.50 -7.33 -11.07
CA GLY C 271 1.41 -7.81 -9.70
C GLY C 271 2.61 -8.66 -9.30
N PHE C 272 3.79 -8.28 -9.78
CA PHE C 272 5.06 -8.99 -9.51
C PHE C 272 5.24 -9.34 -8.02
N ARG C 273 5.04 -8.32 -7.17
CA ARG C 273 5.24 -8.48 -5.74
C ARG C 273 4.28 -9.53 -5.19
N SER C 274 3.01 -9.47 -5.59
CA SER C 274 2.03 -10.46 -5.16
C SER C 274 2.43 -11.91 -5.52
N LEU C 275 3.05 -12.10 -6.67
CA LEU C 275 3.48 -13.44 -7.08
C LEU C 275 4.49 -14.06 -6.13
N LEU C 276 5.49 -13.28 -5.71
CA LEU C 276 6.49 -13.72 -4.76
C LEU C 276 5.89 -13.97 -3.38
N ILE C 277 4.94 -13.13 -2.97
CA ILE C 277 4.18 -13.39 -1.76
C ILE C 277 3.43 -14.72 -1.87
N ASN C 278 2.74 -14.93 -3.00
CA ASN C 278 2.03 -16.19 -3.29
C ASN C 278 2.95 -17.42 -3.19
N ALA C 279 4.17 -17.26 -3.70
CA ALA C 279 5.16 -18.32 -3.76
C ALA C 279 5.60 -18.75 -2.34
N VAL C 280 6.01 -17.78 -1.53
CA VAL C 280 6.36 -18.07 -0.14
C VAL C 280 5.21 -18.75 0.61
N GLU C 281 4.00 -18.21 0.44
CA GLU C 281 2.85 -18.77 1.10
C GLU C 281 2.57 -20.21 0.66
N ALA C 282 2.64 -20.46 -0.64
CA ALA C 282 2.31 -21.76 -1.19
C ALA C 282 3.31 -22.84 -0.73
N SER C 283 4.59 -22.48 -0.70
CA SER C 283 5.63 -23.41 -0.24
C SER C 283 5.47 -23.71 1.25
N CYS C 284 5.26 -22.67 2.05
CA CYS C 284 4.97 -22.84 3.49
C CYS C 284 3.76 -23.74 3.75
N ILE C 285 2.65 -23.45 3.08
CA ILE C 285 1.39 -24.19 3.27
C ILE C 285 1.55 -25.66 2.87
N ARG C 286 2.24 -25.92 1.77
CA ARG C 286 2.48 -27.29 1.32
C ARG C 286 3.39 -28.04 2.34
N THR C 287 4.39 -27.35 2.86
CA THR C 287 5.25 -27.89 3.94
C THR C 287 4.41 -28.29 5.17
N ARG C 288 3.53 -27.40 5.62
CA ARG C 288 2.66 -27.67 6.77
C ARG C 288 1.69 -28.83 6.49
N GLU C 289 1.07 -28.75 5.33
CA GLU C 289 0.09 -29.72 4.84
C GLU C 289 0.67 -31.13 4.74
N LEU C 290 1.89 -31.22 4.26
CA LEU C 290 2.55 -32.52 4.16
C LEU C 290 2.75 -33.11 5.55
N GLN C 291 3.18 -32.30 6.51
CA GLN C 291 3.41 -32.78 7.88
C GLN C 291 2.09 -33.19 8.58
N SER C 292 0.98 -32.50 8.28
CA SER C 292 -0.34 -32.93 8.77
C SER C 292 -0.70 -34.34 8.31
N MET C 293 -0.44 -34.63 7.03
CA MET C 293 -0.62 -35.98 6.48
C MET C 293 0.27 -37.00 7.20
N ALA C 294 1.54 -36.63 7.40
CA ALA C 294 2.50 -37.42 8.18
C ALA C 294 2.01 -37.69 9.61
N ASP C 295 1.50 -36.66 10.28
CA ASP C 295 0.99 -36.77 11.66
C ASP C 295 -0.27 -37.65 11.75
N GLN C 296 -1.20 -37.49 10.81
CA GLN C 296 -2.38 -38.35 10.70
C GLN C 296 -1.98 -39.81 10.40
N GLU C 297 -1.00 -39.98 9.51
CA GLU C 297 -0.38 -41.29 9.23
C GLU C 297 0.72 -41.59 10.24
N LEU D 18 49.86 -0.09 -12.19
CA LEU D 18 50.54 1.11 -12.82
C LEU D 18 49.51 2.06 -13.44
N TYR D 19 48.38 1.51 -13.86
CA TYR D 19 47.23 2.31 -14.36
C TYR D 19 46.71 3.29 -13.31
N PHE D 20 46.64 2.83 -12.06
CA PHE D 20 46.05 3.62 -10.98
C PHE D 20 47.07 4.44 -10.20
N GLN D 21 48.34 4.26 -10.56
CA GLN D 21 49.48 4.84 -9.85
C GLN D 21 49.34 6.33 -9.56
N SER D 22 48.97 7.12 -10.57
CA SER D 22 48.80 8.56 -10.41
C SER D 22 47.53 9.07 -11.10
N MET D 23 46.62 8.17 -11.43
CA MET D 23 45.37 8.51 -12.11
C MET D 23 44.50 9.41 -11.23
N SER D 24 43.91 10.42 -11.86
CA SER D 24 42.94 11.30 -11.22
C SER D 24 41.60 11.07 -11.89
N VAL D 25 40.56 10.91 -11.09
CA VAL D 25 39.24 10.63 -11.59
C VAL D 25 38.32 11.81 -11.28
N GLY D 26 37.41 12.10 -12.19
CA GLY D 26 36.40 13.13 -11.96
C GLY D 26 35.00 12.64 -12.30
N PHE D 27 34.02 13.21 -11.61
CA PHE D 27 32.61 12.92 -11.88
C PHE D 27 31.85 14.21 -12.18
N ILE D 28 31.36 14.37 -13.41
CA ILE D 28 30.38 15.41 -13.69
C ILE D 28 29.03 14.86 -13.26
N GLY D 29 28.54 15.36 -12.12
CA GLY D 29 27.39 14.81 -11.42
C GLY D 29 27.86 14.27 -10.07
N ALA D 30 27.15 14.62 -9.01
CA ALA D 30 27.49 14.13 -7.66
C ALA D 30 26.26 13.45 -7.07
N GLY D 31 25.74 12.48 -7.82
CA GLY D 31 24.53 11.77 -7.46
C GLY D 31 24.78 10.34 -7.03
N GLN D 32 23.79 9.48 -7.29
CA GLN D 32 23.81 8.08 -6.82
C GLN D 32 24.94 7.26 -7.43
N LEU D 33 25.14 7.40 -8.75
CA LEU D 33 26.19 6.66 -9.48
C LEU D 33 27.59 7.15 -9.12
N ALA D 34 27.77 8.47 -9.12
CA ALA D 34 29.05 9.06 -8.71
C ALA D 34 29.44 8.60 -7.31
N PHE D 35 28.50 8.65 -6.37
CA PHE D 35 28.75 8.10 -5.03
C PHE D 35 29.06 6.60 -5.03
N ALA D 36 28.25 5.82 -5.75
CA ALA D 36 28.42 4.37 -5.79
C ALA D 36 29.81 4.00 -6.32
N LEU D 37 30.21 4.60 -7.45
CA LEU D 37 31.53 4.32 -8.02
C LEU D 37 32.68 4.82 -7.14
N ALA D 38 32.53 5.99 -6.55
CA ALA D 38 33.57 6.53 -5.67
C ALA D 38 33.76 5.64 -4.46
N LYS D 39 32.65 5.18 -3.87
CA LYS D 39 32.71 4.28 -2.71
C LYS D 39 33.38 2.96 -3.09
N GLY D 40 32.99 2.40 -4.23
CA GLY D 40 33.58 1.18 -4.77
C GLY D 40 35.07 1.27 -5.06
N PHE D 41 35.47 2.32 -5.79
CA PHE D 41 36.88 2.51 -6.15
C PHE D 41 37.75 2.67 -4.92
N THR D 42 37.27 3.41 -3.93
CA THR D 42 38.03 3.65 -2.71
C THR D 42 38.04 2.41 -1.79
N ALA D 43 36.89 1.74 -1.67
CA ALA D 43 36.82 0.45 -0.98
C ALA D 43 37.78 -0.59 -1.60
N ALA D 44 37.88 -0.57 -2.93
CA ALA D 44 38.78 -1.46 -3.67
C ALA D 44 40.28 -1.16 -3.45
N GLY D 45 40.59 0.05 -2.99
CA GLY D 45 41.98 0.49 -2.81
C GLY D 45 42.64 0.87 -4.12
N VAL D 46 41.82 1.20 -5.13
CA VAL D 46 42.31 1.56 -6.47
C VAL D 46 42.81 3.00 -6.48
N LEU D 47 42.01 3.91 -5.94
CA LEU D 47 42.37 5.32 -5.90
C LEU D 47 42.12 5.89 -4.50
N ALA D 48 42.99 6.79 -4.06
CA ALA D 48 42.78 7.53 -2.82
C ALA D 48 41.60 8.50 -3.00
N ALA D 49 40.81 8.66 -1.94
CA ALA D 49 39.60 9.49 -1.99
C ALA D 49 39.86 10.91 -2.48
N HIS D 50 40.95 11.52 -2.02
CA HIS D 50 41.30 12.89 -2.39
C HIS D 50 41.69 13.07 -3.87
N LYS D 51 42.06 11.97 -4.54
CA LYS D 51 42.32 11.98 -5.97
C LYS D 51 41.03 11.99 -6.81
N ILE D 52 39.87 12.02 -6.16
CA ILE D 52 38.58 12.07 -6.83
C ILE D 52 37.90 13.43 -6.63
N MET D 53 37.34 13.99 -7.71
CA MET D 53 36.56 15.23 -7.66
C MET D 53 35.19 15.04 -8.27
N ALA D 54 34.17 15.68 -7.69
CA ALA D 54 32.81 15.61 -8.22
C ALA D 54 32.14 16.99 -8.23
N SER D 55 31.32 17.25 -9.26
CA SER D 55 30.65 18.53 -9.40
C SER D 55 29.13 18.41 -9.64
N SER D 56 28.39 19.30 -8.99
CA SER D 56 26.93 19.38 -9.10
C SER D 56 26.48 20.82 -8.87
N PRO D 57 25.40 21.28 -9.55
CA PRO D 57 24.85 22.61 -9.27
C PRO D 57 24.36 22.75 -7.83
N ASP D 58 23.61 21.76 -7.35
CA ASP D 58 23.12 21.76 -5.96
C ASP D 58 24.04 20.93 -5.08
N MET D 59 24.72 21.62 -4.16
CA MET D 59 25.69 21.02 -3.26
C MET D 59 25.04 20.62 -1.91
N ASP D 60 23.71 20.57 -1.88
CA ASP D 60 22.97 20.24 -0.66
C ASP D 60 22.17 18.93 -0.81
N LEU D 61 22.49 18.13 -1.84
CA LEU D 61 21.91 16.79 -1.97
C LEU D 61 22.53 15.87 -0.93
N ALA D 62 21.79 14.82 -0.54
CA ALA D 62 22.32 13.82 0.39
C ALA D 62 23.52 13.06 -0.16
N THR D 63 23.62 12.98 -1.49
CA THR D 63 24.73 12.31 -2.15
C THR D 63 26.04 13.13 -2.08
N VAL D 64 25.93 14.45 -2.22
CA VAL D 64 27.08 15.35 -2.06
C VAL D 64 27.65 15.29 -0.63
N SER D 65 26.77 15.20 0.36
CA SER D 65 27.17 15.07 1.77
C SER D 65 27.94 13.77 2.04
N ALA D 66 27.46 12.67 1.45
CA ALA D 66 28.10 11.36 1.60
C ALA D 66 29.50 11.36 0.98
N LEU D 67 29.60 11.91 -0.23
CA LEU D 67 30.89 12.08 -0.90
C LEU D 67 31.86 12.94 -0.09
N ARG D 68 31.35 14.01 0.55
CA ARG D 68 32.21 14.90 1.36
C ARG D 68 32.83 14.16 2.57
N LYS D 69 32.02 13.40 3.30
CA LYS D 69 32.51 12.60 4.44
C LYS D 69 33.47 11.50 4.00
N MET D 70 33.32 11.05 2.76
CA MET D 70 34.26 10.10 2.13
C MET D 70 35.67 10.65 1.92
N GLY D 71 35.78 11.97 1.79
CA GLY D 71 37.06 12.63 1.54
C GLY D 71 37.22 13.06 0.07
N VAL D 72 36.16 12.91 -0.70
CA VAL D 72 36.17 13.29 -2.12
C VAL D 72 36.04 14.81 -2.25
N LYS D 73 36.87 15.40 -3.11
CA LYS D 73 36.82 16.84 -3.37
C LYS D 73 35.56 17.18 -4.16
N LEU D 74 34.86 18.22 -3.73
CA LEU D 74 33.64 18.68 -4.39
C LEU D 74 33.79 20.12 -4.87
N THR D 75 33.08 20.46 -5.94
CA THR D 75 33.06 21.82 -6.47
C THR D 75 31.78 22.01 -7.27
N PRO D 76 31.22 23.24 -7.28
CA PRO D 76 30.08 23.52 -8.17
C PRO D 76 30.47 23.64 -9.65
N HIS D 77 31.76 23.78 -9.94
CA HIS D 77 32.23 24.14 -11.27
C HIS D 77 32.72 22.92 -12.02
N ASN D 78 31.99 22.55 -13.08
CA ASN D 78 32.35 21.41 -13.92
C ASN D 78 33.70 21.59 -14.61
N LYS D 79 34.06 22.85 -14.92
CA LYS D 79 35.37 23.17 -15.47
C LYS D 79 36.51 22.73 -14.55
N GLU D 80 36.33 22.91 -13.24
CA GLU D 80 37.33 22.52 -12.25
C GLU D 80 37.51 21.00 -12.18
N THR D 81 36.40 20.27 -12.32
CA THR D 81 36.44 18.80 -12.39
C THR D 81 37.22 18.34 -13.62
N VAL D 82 36.98 19.00 -14.75
CA VAL D 82 37.67 18.67 -16.02
C VAL D 82 39.19 18.90 -15.91
N GLN D 83 39.59 20.02 -15.32
CA GLN D 83 41.02 20.34 -15.14
C GLN D 83 41.74 19.36 -14.20
N HIS D 84 41.05 18.91 -13.17
CA HIS D 84 41.59 17.93 -12.21
C HIS D 84 41.76 16.52 -12.79
N SER D 85 40.87 16.12 -13.70
CA SER D 85 40.71 14.71 -14.05
C SER D 85 41.55 14.23 -15.23
N ASP D 86 42.00 12.98 -15.15
CA ASP D 86 42.58 12.25 -16.27
C ASP D 86 41.47 11.43 -16.94
N VAL D 87 40.72 10.69 -16.10
CA VAL D 87 39.55 9.95 -16.51
C VAL D 87 38.34 10.69 -15.97
N LEU D 88 37.42 11.07 -16.87
CA LEU D 88 36.29 11.94 -16.54
C LEU D 88 34.97 11.22 -16.77
N PHE D 89 34.28 10.90 -15.67
CA PHE D 89 32.99 10.22 -15.72
C PHE D 89 31.84 11.22 -15.85
N LEU D 90 31.01 11.04 -16.87
CA LEU D 90 29.80 11.83 -17.02
C LEU D 90 28.64 11.08 -16.35
N ALA D 91 28.22 11.57 -15.19
CA ALA D 91 27.23 10.89 -14.35
C ALA D 91 26.01 11.79 -14.15
N VAL D 92 25.46 12.28 -15.26
CA VAL D 92 24.26 13.12 -15.28
C VAL D 92 23.16 12.44 -16.10
N LYS D 93 21.91 12.89 -15.90
CA LYS D 93 20.79 12.39 -16.69
C LYS D 93 21.06 12.60 -18.19
N PRO D 94 20.61 11.66 -19.05
CA PRO D 94 20.93 11.70 -20.49
C PRO D 94 20.66 13.03 -21.19
N HIS D 95 19.55 13.68 -20.84
CA HIS D 95 19.18 14.98 -21.40
C HIS D 95 20.10 16.14 -20.99
N ILE D 96 20.92 15.92 -19.97
CA ILE D 96 21.90 16.92 -19.53
C ILE D 96 23.26 16.77 -20.23
N ILE D 97 23.51 15.61 -20.84
CA ILE D 97 24.81 15.33 -21.46
C ILE D 97 25.23 16.37 -22.53
N PRO D 98 24.33 16.69 -23.49
CA PRO D 98 24.68 17.71 -24.49
C PRO D 98 24.88 19.11 -23.89
N PHE D 99 24.11 19.45 -22.86
CA PHE D 99 24.30 20.70 -22.13
C PHE D 99 25.71 20.81 -21.52
N ILE D 100 26.19 19.76 -20.87
CA ILE D 100 27.52 19.82 -20.23
C ILE D 100 28.67 19.64 -21.25
N LEU D 101 28.45 18.92 -22.34
CA LEU D 101 29.45 18.86 -23.43
C LEU D 101 29.66 20.22 -24.09
N ASP D 102 28.60 21.00 -24.24
CA ASP D 102 28.70 22.39 -24.70
C ASP D 102 29.45 23.27 -23.72
N GLU D 103 29.17 23.07 -22.43
CA GLU D 103 29.83 23.81 -21.36
C GLU D 103 31.33 23.58 -21.32
N ILE D 104 31.76 22.33 -21.12
CA ILE D 104 33.18 22.04 -20.85
C ILE D 104 33.97 21.43 -22.02
N GLY D 105 33.37 21.41 -23.21
CA GLY D 105 34.00 20.85 -24.41
C GLY D 105 35.32 21.52 -24.81
N ALA D 106 35.41 22.84 -24.63
CA ALA D 106 36.63 23.58 -24.91
C ALA D 106 37.72 23.32 -23.86
N ASP D 107 37.33 22.76 -22.71
CA ASP D 107 38.26 22.39 -21.65
C ASP D 107 38.74 20.93 -21.77
N ILE D 108 38.07 20.15 -22.61
CA ILE D 108 38.49 18.75 -22.85
C ILE D 108 39.74 18.73 -23.70
N GLU D 109 40.86 18.34 -23.07
CA GLU D 109 42.14 18.28 -23.74
C GLU D 109 42.38 16.90 -24.35
N ASP D 110 43.47 16.79 -25.12
CA ASP D 110 43.82 15.55 -25.81
C ASP D 110 44.06 14.41 -24.82
N ARG D 111 44.53 14.78 -23.62
CA ARG D 111 44.89 13.84 -22.57
C ARG D 111 43.70 13.09 -21.92
N HIS D 112 42.52 13.68 -22.00
CA HIS D 112 41.35 13.18 -21.27
C HIS D 112 40.82 11.88 -21.86
N ILE D 113 40.37 10.99 -20.98
CA ILE D 113 39.51 9.88 -21.36
C ILE D 113 38.14 10.24 -20.80
N VAL D 114 37.14 10.38 -21.67
CA VAL D 114 35.79 10.74 -21.25
C VAL D 114 34.96 9.47 -21.20
N VAL D 115 34.43 9.17 -20.02
CA VAL D 115 33.63 7.96 -19.80
C VAL D 115 32.19 8.34 -19.53
N SER D 116 31.33 8.16 -20.53
CA SER D 116 29.91 8.42 -20.35
C SER D 116 29.22 7.21 -19.72
N CYS D 117 28.59 7.45 -18.58
CA CYS D 117 27.78 6.44 -17.89
C CYS D 117 26.29 6.63 -18.13
N ALA D 118 25.94 7.65 -18.91
CA ALA D 118 24.54 8.00 -19.11
C ALA D 118 23.80 6.94 -19.92
N ALA D 119 22.61 6.57 -19.46
CA ALA D 119 21.77 5.63 -20.19
C ALA D 119 21.48 6.18 -21.59
N GLY D 120 21.70 5.33 -22.61
CA GLY D 120 21.26 5.62 -23.97
C GLY D 120 22.15 6.46 -24.85
N VAL D 121 22.95 7.34 -24.24
CA VAL D 121 23.73 8.36 -24.98
C VAL D 121 24.88 7.73 -25.77
N THR D 122 24.87 7.91 -27.09
CA THR D 122 25.79 7.21 -27.95
C THR D 122 27.17 7.85 -27.97
N ILE D 123 28.19 7.02 -28.16
CA ILE D 123 29.56 7.47 -28.41
C ILE D 123 29.57 8.50 -29.54
N SER D 124 28.90 8.18 -30.65
CA SER D 124 28.80 9.08 -31.80
C SER D 124 28.40 10.49 -31.41
N SER D 125 27.33 10.60 -30.62
CA SER D 125 26.79 11.90 -30.26
C SER D 125 27.79 12.72 -29.42
N ILE D 126 28.49 12.03 -28.52
CA ILE D 126 29.49 12.66 -27.66
C ILE D 126 30.69 13.12 -28.49
N GLU D 127 31.14 12.23 -29.38
CA GLU D 127 32.25 12.55 -30.27
C GLU D 127 31.92 13.71 -31.21
N LYS D 128 30.68 13.78 -31.69
CA LYS D 128 30.28 14.84 -32.61
C LYS D 128 30.39 16.19 -31.92
N LYS D 129 29.92 16.24 -30.67
CA LYS D 129 30.02 17.46 -29.85
C LYS D 129 31.46 17.86 -29.60
N LEU D 130 32.24 16.96 -28.99
CA LEU D 130 33.60 17.29 -28.58
C LEU D 130 34.59 17.45 -29.75
N SER D 131 34.32 16.80 -30.88
CA SER D 131 35.19 16.90 -32.08
C SER D 131 35.21 18.32 -32.67
N ALA D 132 34.13 19.07 -32.42
CA ALA D 132 34.04 20.46 -32.84
C ALA D 132 35.08 21.34 -32.16
N PHE D 133 35.59 20.91 -31.01
CA PHE D 133 36.62 21.64 -30.27
C PHE D 133 38.02 21.10 -30.56
N ARG D 134 38.23 19.80 -30.36
CA ARG D 134 39.49 19.13 -30.66
C ARG D 134 39.23 17.82 -31.43
N PRO D 135 40.14 17.44 -32.34
CA PRO D 135 39.82 16.41 -33.33
C PRO D 135 39.73 14.95 -32.85
N ALA D 136 40.44 14.58 -31.80
CA ALA D 136 40.51 13.16 -31.41
C ALA D 136 40.10 12.90 -29.96
N PRO D 137 38.87 13.28 -29.57
CA PRO D 137 38.46 13.06 -28.17
C PRO D 137 38.36 11.56 -27.88
N ARG D 138 38.96 11.12 -26.78
CA ARG D 138 38.96 9.72 -26.37
C ARG D 138 37.75 9.43 -25.50
N VAL D 139 36.81 8.66 -26.07
CA VAL D 139 35.49 8.49 -25.48
C VAL D 139 35.21 7.00 -25.23
N ILE D 140 34.81 6.69 -24.00
CA ILE D 140 34.32 5.36 -23.64
C ILE D 140 32.89 5.50 -23.14
N ARG D 141 32.02 4.61 -23.61
CA ARG D 141 30.68 4.48 -23.08
C ARG D 141 30.65 3.27 -22.17
N CYS D 142 29.94 3.43 -21.07
CA CYS D 142 29.90 2.45 -20.02
C CYS D 142 28.44 2.27 -19.61
N MET D 143 28.08 1.05 -19.20
CA MET D 143 26.88 0.84 -18.38
C MET D 143 27.29 0.01 -17.17
N THR D 144 26.95 0.51 -16.00
CA THR D 144 27.31 -0.14 -14.75
C THR D 144 26.05 -0.23 -13.88
N ASN D 145 26.24 -0.51 -12.59
CA ASN D 145 25.11 -0.53 -11.66
C ASN D 145 25.56 -0.21 -10.23
N THR D 146 24.60 0.02 -9.33
CA THR D 146 24.93 0.48 -7.98
C THR D 146 25.73 -0.51 -7.11
N PRO D 147 25.55 -1.83 -7.31
CA PRO D 147 26.38 -2.77 -6.55
C PRO D 147 27.91 -2.67 -6.68
N VAL D 148 28.44 -1.77 -7.51
CA VAL D 148 29.88 -1.44 -7.47
C VAL D 148 30.29 -0.95 -6.07
N VAL D 149 29.31 -0.42 -5.33
CA VAL D 149 29.50 0.07 -3.97
C VAL D 149 29.96 -1.05 -3.00
N VAL D 150 29.56 -2.30 -3.29
CA VAL D 150 30.05 -3.48 -2.58
C VAL D 150 30.98 -4.35 -3.46
N ARG D 151 31.58 -3.73 -4.47
CA ARG D 151 32.50 -4.37 -5.38
C ARG D 151 31.91 -5.60 -6.08
N GLU D 152 30.60 -5.55 -6.34
CA GLU D 152 29.92 -6.63 -7.03
C GLU D 152 29.03 -6.09 -8.15
N GLY D 153 29.55 -5.08 -8.83
CA GLY D 153 28.90 -4.49 -9.98
C GLY D 153 28.94 -5.37 -11.21
N ALA D 154 28.11 -5.00 -12.18
CA ALA D 154 28.11 -5.61 -13.49
C ALA D 154 28.30 -4.49 -14.50
N THR D 155 29.45 -4.47 -15.15
CA THR D 155 29.82 -3.36 -16.02
C THR D 155 30.19 -3.81 -17.43
N VAL D 156 29.66 -3.11 -18.44
CA VAL D 156 30.11 -3.27 -19.80
C VAL D 156 30.63 -1.91 -20.30
N TYR D 157 31.55 -1.95 -21.26
CA TYR D 157 32.02 -0.73 -21.90
C TYR D 157 32.29 -0.97 -23.39
N ALA D 158 32.15 0.10 -24.17
CA ALA D 158 32.56 0.11 -25.56
C ALA D 158 33.51 1.30 -25.74
N THR D 159 34.57 1.08 -26.52
CA THR D 159 35.56 2.11 -26.76
C THR D 159 35.22 2.90 -28.04
N GLY D 160 35.43 4.21 -27.99
CA GLY D 160 35.15 5.08 -29.12
C GLY D 160 36.21 5.03 -30.23
N THR D 161 36.02 5.89 -31.22
CA THR D 161 36.85 5.91 -32.43
C THR D 161 38.32 6.16 -32.15
N HIS D 162 38.59 7.05 -31.20
CA HIS D 162 39.93 7.55 -30.92
C HIS D 162 40.49 7.04 -29.59
N ALA D 163 39.74 6.18 -28.92
CA ALA D 163 40.23 5.55 -27.69
C ALA D 163 41.41 4.67 -28.05
N GLN D 164 42.51 4.82 -27.31
CA GLN D 164 43.72 4.04 -27.57
C GLN D 164 43.58 2.66 -26.90
N VAL D 165 44.43 1.70 -27.28
CA VAL D 165 44.30 0.33 -26.75
C VAL D 165 44.45 0.28 -25.22
N GLU D 166 45.36 1.08 -24.67
CA GLU D 166 45.53 1.16 -23.22
C GLU D 166 44.37 1.84 -22.49
N ASP D 167 43.60 2.65 -23.21
CA ASP D 167 42.45 3.33 -22.61
C ASP D 167 41.38 2.30 -22.21
N GLY D 168 41.16 1.33 -23.10
CA GLY D 168 40.24 0.23 -22.83
C GLY D 168 40.74 -0.70 -21.75
N ARG D 169 42.05 -0.96 -21.75
CA ARG D 169 42.66 -1.79 -20.71
C ARG D 169 42.61 -1.12 -19.34
N LEU D 170 42.87 0.19 -19.30
CA LEU D 170 42.74 0.97 -18.07
C LEU D 170 41.32 0.89 -17.55
N MET D 171 40.36 1.06 -18.46
CA MET D 171 38.93 1.03 -18.14
C MET D 171 38.50 -0.34 -17.60
N GLU D 172 38.89 -1.42 -18.29
CA GLU D 172 38.65 -2.79 -17.79
C GLU D 172 39.26 -3.03 -16.41
N GLN D 173 40.52 -2.65 -16.23
CA GLN D 173 41.17 -2.78 -14.93
C GLN D 173 40.43 -2.00 -13.84
N LEU D 174 40.13 -0.74 -14.11
CA LEU D 174 39.43 0.13 -13.16
C LEU D 174 38.05 -0.42 -12.78
N LEU D 175 37.25 -0.80 -13.77
CA LEU D 175 35.88 -1.26 -13.50
C LEU D 175 35.81 -2.71 -13.01
N SER D 176 36.87 -3.49 -13.27
CA SER D 176 36.99 -4.83 -12.71
C SER D 176 37.33 -4.85 -11.23
N SER D 177 37.86 -3.74 -10.72
CA SER D 177 38.11 -3.61 -9.28
C SER D 177 36.80 -3.57 -8.47
N VAL D 178 35.68 -3.29 -9.13
CA VAL D 178 34.39 -3.12 -8.45
C VAL D 178 33.31 -4.08 -8.95
N GLY D 179 33.72 -5.12 -9.68
CA GLY D 179 32.81 -6.19 -10.06
C GLY D 179 33.14 -6.82 -11.40
N PHE D 180 32.13 -7.41 -12.03
CA PHE D 180 32.27 -7.95 -13.36
C PHE D 180 32.45 -6.83 -14.36
N CYS D 181 33.35 -7.04 -15.32
CA CYS D 181 33.55 -6.11 -16.40
C CYS D 181 34.00 -6.78 -17.68
N THR D 182 33.40 -6.37 -18.79
CA THR D 182 33.76 -6.87 -20.10
C THR D 182 33.48 -5.83 -21.17
N GLU D 183 34.30 -5.84 -22.20
CA GLU D 183 34.08 -5.01 -23.38
C GLU D 183 32.97 -5.64 -24.22
N VAL D 184 32.10 -4.78 -24.77
CA VAL D 184 31.06 -5.20 -25.69
C VAL D 184 30.99 -4.24 -26.86
N GLU D 185 30.34 -4.68 -27.93
CA GLU D 185 29.93 -3.75 -29.01
C GLU D 185 28.91 -2.76 -28.46
N GLU D 186 29.03 -1.50 -28.85
CA GLU D 186 28.13 -0.46 -28.32
C GLU D 186 26.66 -0.76 -28.51
N ASP D 187 26.34 -1.47 -29.60
CA ASP D 187 24.96 -1.77 -29.91
C ASP D 187 24.29 -2.76 -28.95
N LEU D 188 25.07 -3.37 -28.04
CA LEU D 188 24.47 -4.17 -26.96
C LEU D 188 24.14 -3.34 -25.71
N ILE D 189 24.65 -2.13 -25.60
CA ILE D 189 24.60 -1.41 -24.32
C ILE D 189 23.19 -1.04 -23.84
N ASP D 190 22.29 -0.68 -24.74
CA ASP D 190 20.90 -0.39 -24.34
C ASP D 190 20.22 -1.60 -23.68
N ALA D 191 20.46 -2.78 -24.26
CA ALA D 191 19.97 -4.06 -23.71
C ALA D 191 20.56 -4.35 -22.35
N VAL D 192 21.88 -4.17 -22.21
CA VAL D 192 22.56 -4.34 -20.91
C VAL D 192 21.92 -3.42 -19.85
N THR D 193 21.60 -2.21 -20.26
CA THR D 193 20.94 -1.26 -19.36
C THR D 193 19.67 -1.88 -18.79
N GLY D 194 18.86 -2.49 -19.66
CA GLY D 194 17.59 -3.08 -19.26
C GLY D 194 17.75 -4.29 -18.36
N LEU D 195 18.88 -4.98 -18.50
CA LEU D 195 19.15 -6.21 -17.75
C LEU D 195 19.89 -5.92 -16.44
N SER D 196 21.17 -5.56 -16.52
CA SER D 196 22.00 -5.35 -15.34
C SER D 196 22.03 -3.90 -14.83
N GLY D 197 21.79 -2.92 -15.70
CA GLY D 197 21.66 -1.52 -15.25
C GLY D 197 20.47 -1.33 -14.31
N SER D 198 19.31 -1.75 -14.79
CA SER D 198 18.03 -1.71 -14.02
C SER D 198 17.88 -2.90 -13.06
N GLY D 199 18.62 -3.99 -13.34
CA GLY D 199 18.55 -5.24 -12.59
C GLY D 199 18.48 -5.17 -11.06
N PRO D 200 19.38 -4.41 -10.42
CA PRO D 200 19.28 -4.28 -8.96
C PRO D 200 17.91 -3.80 -8.47
N ALA D 201 17.27 -2.87 -9.17
CA ALA D 201 15.92 -2.42 -8.75
C ALA D 201 14.89 -3.56 -8.79
N TYR D 202 14.99 -4.44 -9.80
CA TYR D 202 14.13 -5.61 -9.89
C TYR D 202 14.35 -6.53 -8.69
N ALA D 203 15.63 -6.73 -8.36
CA ALA D 203 16.06 -7.51 -7.19
C ALA D 203 15.55 -6.91 -5.87
N PHE D 204 15.68 -5.59 -5.71
CA PHE D 204 15.22 -4.92 -4.49
C PHE D 204 13.68 -5.08 -4.32
N THR D 205 12.94 -4.94 -5.42
CA THR D 205 11.47 -5.14 -5.43
C THR D 205 11.13 -6.57 -5.03
N ALA D 206 11.84 -7.53 -5.61
CA ALA D 206 11.64 -8.95 -5.34
C ALA D 206 11.91 -9.29 -3.86
N LEU D 207 12.97 -8.70 -3.33
CA LEU D 207 13.40 -8.97 -1.95
C LEU D 207 12.42 -8.38 -0.94
N ASP D 208 11.90 -7.20 -1.24
CA ASP D 208 10.84 -6.56 -0.43
C ASP D 208 9.59 -7.45 -0.42
N ALA D 209 9.20 -7.94 -1.60
CA ALA D 209 8.03 -8.81 -1.73
C ALA D 209 8.21 -10.19 -1.06
N LEU D 210 9.39 -10.80 -1.25
CA LEU D 210 9.71 -12.04 -0.54
C LEU D 210 9.67 -11.90 0.98
N ALA D 211 10.26 -10.82 1.51
CA ALA D 211 10.15 -10.49 2.93
C ALA D 211 8.69 -10.32 3.39
N ASP D 212 7.85 -9.66 2.60
CA ASP D 212 6.41 -9.53 2.88
C ASP D 212 5.76 -10.92 2.98
N GLY D 213 6.18 -11.82 2.09
CA GLY D 213 5.75 -13.22 2.11
C GLY D 213 6.12 -13.97 3.37
N GLY D 214 7.39 -13.84 3.78
CA GLY D 214 7.88 -14.38 5.04
C GLY D 214 7.08 -13.87 6.21
N VAL D 215 6.86 -12.55 6.21
CA VAL D 215 6.06 -11.89 7.25
C VAL D 215 4.60 -12.37 7.29
N LYS D 216 3.96 -12.52 6.12
CA LYS D 216 2.59 -13.08 6.10
C LYS D 216 2.55 -14.46 6.75
N MET D 217 3.60 -15.25 6.55
CA MET D 217 3.66 -16.62 7.06
C MET D 217 4.25 -16.73 8.47
N GLY D 218 4.51 -15.59 9.12
CA GLY D 218 4.80 -15.53 10.55
C GLY D 218 6.22 -15.13 10.95
N LEU D 219 7.08 -14.84 9.98
CA LEU D 219 8.48 -14.46 10.26
C LEU D 219 8.58 -13.01 10.63
N PRO D 220 9.45 -12.68 11.60
CA PRO D 220 9.84 -11.28 11.84
C PRO D 220 10.44 -10.68 10.57
N ARG D 221 10.13 -9.41 10.32
CA ARG D 221 10.57 -8.68 9.13
C ARG D 221 12.10 -8.76 8.96
N ARG D 222 12.83 -8.49 10.03
CA ARG D 222 14.29 -8.46 9.96
C ARG D 222 14.88 -9.79 9.50
N LEU D 223 14.44 -10.88 10.09
CA LEU D 223 14.84 -12.22 9.64
C LEU D 223 14.39 -12.53 8.20
N ALA D 224 13.16 -12.15 7.84
CA ALA D 224 12.64 -12.39 6.48
C ALA D 224 13.51 -11.68 5.40
N VAL D 225 13.88 -10.43 5.66
CA VAL D 225 14.76 -9.67 4.75
C VAL D 225 16.12 -10.35 4.58
N ARG D 226 16.72 -10.72 5.71
CA ARG D 226 18.01 -11.37 5.77
C ARG D 226 18.04 -12.70 5.00
N LEU D 227 17.06 -13.55 5.26
CA LEU D 227 16.92 -14.86 4.62
C LEU D 227 16.62 -14.77 3.13
N GLY D 228 15.72 -13.87 2.74
CA GLY D 228 15.44 -13.63 1.33
C GLY D 228 16.67 -13.16 0.55
N ALA D 229 17.40 -12.20 1.12
CA ALA D 229 18.60 -11.63 0.48
C ALA D 229 19.70 -12.68 0.39
N GLN D 230 19.89 -13.43 1.47
CA GLN D 230 20.83 -14.53 1.47
C GLN D 230 20.49 -15.62 0.45
N ALA D 231 19.19 -15.94 0.32
CA ALA D 231 18.73 -16.90 -0.68
C ALA D 231 19.05 -16.46 -2.12
N LEU D 232 18.74 -15.21 -2.45
CA LEU D 232 19.09 -14.65 -3.75
C LEU D 232 20.59 -14.61 -4.03
N LEU D 233 21.36 -14.14 -3.05
CA LEU D 233 22.81 -14.07 -3.20
C LEU D 233 23.41 -15.45 -3.43
N GLY D 234 23.00 -16.42 -2.61
CA GLY D 234 23.50 -17.77 -2.73
C GLY D 234 23.15 -18.44 -4.05
N ALA D 235 21.92 -18.23 -4.52
CA ALA D 235 21.46 -18.80 -5.78
C ALA D 235 22.23 -18.20 -6.97
N ALA D 236 22.39 -16.87 -6.99
CA ALA D 236 23.16 -16.19 -8.02
C ALA D 236 24.57 -16.72 -8.08
N LYS D 237 25.21 -16.84 -6.91
CA LYS D 237 26.55 -17.43 -6.82
C LYS D 237 26.59 -18.85 -7.37
N MET D 238 25.61 -19.69 -7.00
CA MET D 238 25.61 -21.07 -7.50
C MET D 238 25.57 -21.07 -9.01
N LEU D 239 24.70 -20.24 -9.59
CA LEU D 239 24.58 -20.16 -11.04
C LEU D 239 25.90 -19.72 -11.70
N LEU D 240 26.52 -18.67 -11.17
CA LEU D 240 27.79 -18.20 -11.71
C LEU D 240 28.90 -19.25 -11.65
N HIS D 241 28.89 -20.11 -10.62
CA HIS D 241 29.92 -21.12 -10.44
C HIS D 241 29.58 -22.49 -11.03
N SER D 242 28.36 -22.63 -11.54
CA SER D 242 27.89 -23.88 -12.13
C SER D 242 28.08 -23.95 -13.65
N GLU D 243 28.23 -25.17 -14.15
CA GLU D 243 28.27 -25.42 -15.60
C GLU D 243 26.89 -25.84 -16.12
N GLN D 244 25.88 -25.76 -15.25
CA GLN D 244 24.56 -26.27 -15.55
C GLN D 244 23.58 -25.14 -15.88
N HIS D 245 22.55 -25.49 -16.64
CA HIS D 245 21.50 -24.55 -17.01
C HIS D 245 20.67 -24.19 -15.77
N PRO D 246 20.22 -22.92 -15.66
CA PRO D 246 19.34 -22.52 -14.57
C PRO D 246 18.15 -23.45 -14.35
N GLY D 247 17.57 -23.95 -15.43
CA GLY D 247 16.45 -24.92 -15.35
C GLY D 247 16.86 -26.23 -14.67
N GLN D 248 18.10 -26.67 -14.89
CA GLN D 248 18.59 -27.86 -14.18
C GLN D 248 18.79 -27.61 -12.69
N LEU D 249 19.28 -26.43 -12.34
CA LEU D 249 19.50 -26.09 -10.92
C LEU D 249 18.15 -26.02 -10.21
N LYS D 250 17.17 -25.43 -10.90
CA LYS D 250 15.77 -25.43 -10.45
C LYS D 250 15.28 -26.85 -10.14
N ASP D 251 15.52 -27.78 -11.07
CA ASP D 251 15.14 -29.18 -10.91
C ASP D 251 15.78 -29.87 -9.69
N ASN D 252 17.01 -29.49 -9.34
CA ASN D 252 17.69 -30.02 -8.14
C ASN D 252 17.06 -29.58 -6.82
N VAL D 253 16.29 -28.49 -6.83
CA VAL D 253 15.57 -28.02 -5.63
C VAL D 253 14.12 -28.50 -5.56
N SER D 254 13.58 -28.94 -6.70
CA SER D 254 12.15 -29.22 -6.81
C SER D 254 11.83 -30.69 -6.59
N SER D 255 11.71 -31.09 -5.33
CA SER D 255 11.35 -32.47 -5.01
C SER D 255 9.94 -32.80 -5.50
N PRO D 256 9.74 -34.01 -6.07
CA PRO D 256 8.42 -34.38 -6.54
C PRO D 256 7.31 -34.22 -5.47
N GLY D 257 6.23 -33.56 -5.84
CA GLY D 257 5.12 -33.33 -4.91
C GLY D 257 5.36 -32.29 -3.83
N GLY D 258 6.52 -31.65 -3.87
CA GLY D 258 7.02 -30.85 -2.76
C GLY D 258 6.60 -29.39 -2.70
N ALA D 259 7.10 -28.72 -1.67
CA ALA D 259 6.82 -27.32 -1.39
C ALA D 259 7.28 -26.40 -2.52
N THR D 260 8.49 -26.60 -2.98
CA THR D 260 9.09 -25.73 -4.00
C THR D 260 8.36 -25.79 -5.35
N ILE D 261 8.02 -26.99 -5.80
CA ILE D 261 7.31 -27.13 -7.08
C ILE D 261 5.89 -26.55 -7.01
N HIS D 262 5.26 -26.65 -5.83
CA HIS D 262 4.00 -25.96 -5.57
C HIS D 262 4.14 -24.43 -5.68
N ALA D 263 5.19 -23.86 -5.10
CA ALA D 263 5.44 -22.43 -5.22
C ALA D 263 5.75 -21.99 -6.66
N LEU D 264 6.52 -22.80 -7.38
CA LEU D 264 6.87 -22.50 -8.76
C LEU D 264 5.62 -22.43 -9.63
N HIS D 265 4.67 -23.34 -9.43
CA HIS D 265 3.40 -23.29 -10.13
C HIS D 265 2.69 -21.95 -9.94
N VAL D 266 2.61 -21.44 -8.71
CA VAL D 266 1.93 -20.15 -8.50
C VAL D 266 2.66 -19.00 -9.20
N LEU D 267 3.99 -19.05 -9.25
CA LEU D 267 4.77 -18.08 -10.04
C LEU D 267 4.42 -18.19 -11.53
N GLU D 268 4.40 -19.42 -12.06
CA GLU D 268 4.05 -19.65 -13.46
C GLU D 268 2.65 -19.15 -13.78
N SER D 269 1.71 -19.38 -12.86
CA SER D 269 0.32 -18.98 -13.05
C SER D 269 0.12 -17.48 -13.20
N GLY D 270 0.95 -16.67 -12.55
CA GLY D 270 0.94 -15.24 -12.77
C GLY D 270 1.81 -14.71 -13.91
N GLY D 271 2.47 -15.59 -14.66
CA GLY D 271 3.33 -15.15 -15.75
C GLY D 271 4.59 -14.43 -15.24
N PHE D 272 5.12 -14.89 -14.11
CA PHE D 272 6.33 -14.36 -13.44
C PHE D 272 7.44 -14.10 -14.46
N ARG D 273 7.73 -15.12 -15.26
CA ARG D 273 8.77 -15.04 -16.27
C ARG D 273 8.50 -13.93 -17.28
N SER D 274 7.26 -13.83 -17.77
CA SER D 274 6.89 -12.77 -18.71
C SER D 274 7.11 -11.37 -18.14
N LEU D 275 6.89 -11.21 -16.84
CA LEU D 275 7.02 -9.93 -16.20
C LEU D 275 8.45 -9.43 -16.23
N LEU D 276 9.38 -10.35 -15.97
CA LEU D 276 10.81 -10.05 -15.99
C LEU D 276 11.30 -9.73 -17.43
N ILE D 277 10.84 -10.50 -18.41
CA ILE D 277 11.09 -10.18 -19.82
C ILE D 277 10.55 -8.78 -20.16
N ASN D 278 9.29 -8.53 -19.77
CA ASN D 278 8.66 -7.23 -19.93
C ASN D 278 9.51 -6.10 -19.36
N ALA D 279 10.05 -6.31 -18.17
CA ALA D 279 10.87 -5.31 -17.50
C ALA D 279 12.18 -4.99 -18.29
N VAL D 280 12.94 -6.02 -18.64
CA VAL D 280 14.15 -5.85 -19.44
C VAL D 280 13.82 -5.11 -20.73
N GLU D 281 12.75 -5.51 -21.40
CA GLU D 281 12.29 -4.85 -22.62
C GLU D 281 11.92 -3.38 -22.45
N ALA D 282 11.12 -3.09 -21.42
CA ALA D 282 10.65 -1.72 -21.19
C ALA D 282 11.81 -0.79 -20.84
N SER D 283 12.78 -1.28 -20.07
CA SER D 283 13.95 -0.46 -19.73
C SER D 283 14.82 -0.20 -20.96
N CYS D 284 15.08 -1.23 -21.76
CA CYS D 284 15.83 -1.09 -23.01
C CYS D 284 15.13 -0.12 -23.97
N ILE D 285 13.84 -0.34 -24.21
CA ILE D 285 13.05 0.56 -25.07
C ILE D 285 13.06 2.01 -24.57
N ARG D 286 12.91 2.22 -23.27
CA ARG D 286 13.01 3.58 -22.72
C ARG D 286 14.43 4.18 -22.93
N THR D 287 15.46 3.37 -22.76
CA THR D 287 16.85 3.81 -22.99
C THR D 287 17.02 4.30 -24.43
N ARG D 288 16.48 3.53 -25.38
CA ARG D 288 16.45 3.94 -26.80
C ARG D 288 15.67 5.27 -27.03
N GLU D 289 14.55 5.45 -26.34
CA GLU D 289 13.81 6.74 -26.41
C GLU D 289 14.59 7.89 -25.82
N LEU D 290 15.30 7.64 -24.73
CA LEU D 290 16.09 8.68 -24.07
C LEU D 290 17.15 9.25 -25.03
N GLN D 291 17.69 8.42 -25.92
CA GLN D 291 18.66 8.88 -26.90
C GLN D 291 18.03 9.67 -28.06
N SER D 292 16.94 9.14 -28.63
CA SER D 292 16.16 9.91 -29.62
C SER D 292 15.78 11.31 -29.09
N MET D 293 15.23 11.35 -27.88
CA MET D 293 14.98 12.63 -27.19
C MET D 293 16.27 13.16 -26.54
N MET E 23 -57.81 4.88 9.18
CA MET E 23 -56.85 4.05 9.98
C MET E 23 -55.66 4.87 10.47
N SER E 24 -55.14 4.48 11.63
CA SER E 24 -53.94 5.08 12.19
C SER E 24 -52.75 4.16 11.90
N VAL E 25 -51.61 4.74 11.54
CA VAL E 25 -50.41 3.98 11.15
C VAL E 25 -49.24 4.28 12.09
N GLY E 26 -48.43 3.27 12.39
CA GLY E 26 -47.25 3.44 13.23
C GLY E 26 -45.99 2.82 12.62
N PHE E 27 -44.84 3.40 12.98
CA PHE E 27 -43.54 2.85 12.63
C PHE E 27 -42.73 2.60 13.88
N ILE E 28 -42.33 1.35 14.10
CA ILE E 28 -41.30 1.04 15.09
C ILE E 28 -39.96 1.11 14.34
N GLY E 29 -39.17 2.12 14.69
CA GLY E 29 -38.02 2.57 13.91
C GLY E 29 -38.34 3.90 13.25
N ALA E 30 -37.48 4.89 13.42
CA ALA E 30 -37.69 6.23 12.84
C ALA E 30 -36.52 6.60 11.94
N GLY E 31 -36.18 5.70 11.04
CA GLY E 31 -34.97 5.83 10.22
C GLY E 31 -35.28 6.11 8.77
N GLN E 32 -34.39 5.65 7.89
CA GLN E 32 -34.47 5.96 6.45
C GLN E 32 -35.79 5.46 5.85
N LEU E 33 -36.19 4.24 6.20
CA LEU E 33 -37.41 3.67 5.63
C LEU E 33 -38.69 4.29 6.16
N ALA E 34 -38.75 4.54 7.47
CA ALA E 34 -39.95 5.17 8.07
C ALA E 34 -40.15 6.55 7.46
N PHE E 35 -39.06 7.29 7.31
CA PHE E 35 -39.12 8.57 6.63
C PHE E 35 -39.65 8.47 5.20
N ALA E 36 -39.04 7.57 4.42
CA ALA E 36 -39.42 7.41 3.01
C ALA E 36 -40.90 7.07 2.84
N LEU E 37 -41.36 6.07 3.59
CA LEU E 37 -42.75 5.61 3.53
C LEU E 37 -43.75 6.68 3.99
N ALA E 38 -43.43 7.36 5.11
CA ALA E 38 -44.30 8.41 5.63
C ALA E 38 -44.40 9.60 4.69
N LYS E 39 -43.26 10.00 4.11
CA LYS E 39 -43.24 11.08 3.13
C LYS E 39 -44.09 10.73 1.90
N GLY E 40 -43.97 9.50 1.41
CA GLY E 40 -44.75 9.05 0.27
C GLY E 40 -46.25 8.99 0.52
N PHE E 41 -46.62 8.41 1.67
CA PHE E 41 -48.02 8.20 2.04
C PHE E 41 -48.73 9.54 2.15
N THR E 42 -48.09 10.49 2.83
CA THR E 42 -48.63 11.84 3.01
C THR E 42 -48.69 12.64 1.70
N ALA E 43 -47.66 12.49 0.86
CA ALA E 43 -47.65 13.13 -0.46
C ALA E 43 -48.79 12.58 -1.33
N ALA E 44 -49.03 11.28 -1.21
CA ALA E 44 -50.10 10.57 -1.93
C ALA E 44 -51.49 11.00 -1.49
N GLY E 45 -51.60 11.54 -0.27
CA GLY E 45 -52.88 11.95 0.28
C GLY E 45 -53.74 10.78 0.72
N VAL E 46 -53.13 9.61 0.89
CA VAL E 46 -53.86 8.44 1.39
C VAL E 46 -53.88 8.43 2.94
N LEU E 47 -53.11 9.32 3.55
CA LEU E 47 -52.88 9.31 4.98
C LEU E 47 -52.36 10.70 5.39
N ALA E 48 -53.08 11.36 6.30
CA ALA E 48 -52.61 12.61 6.88
C ALA E 48 -51.46 12.30 7.86
N ALA E 49 -50.50 13.22 7.95
CA ALA E 49 -49.31 13.00 8.77
C ALA E 49 -49.69 12.74 10.22
N HIS E 50 -50.77 13.38 10.67
CA HIS E 50 -51.25 13.25 12.04
C HIS E 50 -51.79 11.87 12.38
N LYS E 51 -52.05 11.04 11.38
CA LYS E 51 -52.46 9.67 11.60
C LYS E 51 -51.25 8.74 11.71
N ILE E 52 -50.03 9.29 11.53
CA ILE E 52 -48.78 8.52 11.60
C ILE E 52 -48.01 8.84 12.87
N MET E 53 -47.51 7.79 13.53
CA MET E 53 -46.62 7.90 14.69
C MET E 53 -45.40 7.03 14.48
N ALA E 54 -44.24 7.50 14.95
CA ALA E 54 -42.99 6.79 14.77
C ALA E 54 -42.13 6.86 16.02
N SER E 55 -41.47 5.75 16.36
CA SER E 55 -40.61 5.68 17.53
C SER E 55 -39.18 5.23 17.22
N SER E 56 -38.23 5.81 17.94
CA SER E 56 -36.84 5.40 17.92
C SER E 56 -36.21 5.76 19.27
N PRO E 57 -35.21 4.99 19.72
CA PRO E 57 -34.52 5.30 20.97
C PRO E 57 -33.70 6.60 20.95
N ASP E 58 -33.23 7.03 19.78
CA ASP E 58 -32.60 8.35 19.63
C ASP E 58 -33.54 9.35 18.95
N MET E 59 -34.00 10.34 19.73
CA MET E 59 -34.94 11.35 19.25
C MET E 59 -34.26 12.60 18.68
N ASP E 60 -32.93 12.58 18.64
CA ASP E 60 -32.15 13.65 18.00
C ASP E 60 -31.64 13.22 16.61
N LEU E 61 -32.19 12.14 16.08
CA LEU E 61 -31.77 11.64 14.75
C LEU E 61 -32.21 12.59 13.63
N ALA E 62 -31.48 12.57 12.52
CA ALA E 62 -31.80 13.39 11.36
C ALA E 62 -33.17 13.04 10.77
N THR E 63 -33.43 11.73 10.63
CA THR E 63 -34.69 11.23 10.08
C THR E 63 -35.87 11.53 11.01
N VAL E 64 -35.61 11.54 12.31
CA VAL E 64 -36.60 11.91 13.33
C VAL E 64 -36.96 13.40 13.24
N SER E 65 -35.96 14.25 13.02
CA SER E 65 -36.19 15.68 12.81
C SER E 65 -37.09 15.92 11.60
N ALA E 66 -36.79 15.23 10.49
CA ALA E 66 -37.54 15.40 9.24
C ALA E 66 -38.99 14.96 9.38
N LEU E 67 -39.20 13.81 10.03
CA LEU E 67 -40.56 13.31 10.29
C LEU E 67 -41.37 14.32 11.10
N ARG E 68 -40.73 14.93 12.10
CA ARG E 68 -41.41 15.90 12.96
C ARG E 68 -41.87 17.13 12.16
N LYS E 69 -41.04 17.57 11.21
CA LYS E 69 -41.37 18.74 10.39
C LYS E 69 -42.60 18.51 9.51
N MET E 70 -42.75 17.26 9.05
CA MET E 70 -43.87 16.87 8.20
C MET E 70 -45.20 16.76 8.94
N GLY E 71 -45.16 16.71 10.27
CA GLY E 71 -46.39 16.63 11.08
C GLY E 71 -46.66 15.23 11.62
N VAL E 72 -45.69 14.33 11.43
CA VAL E 72 -45.75 12.99 12.01
C VAL E 72 -45.52 13.05 13.54
N LYS E 73 -46.35 12.33 14.28
CA LYS E 73 -46.20 12.20 15.74
C LYS E 73 -44.96 11.36 16.06
N LEU E 74 -44.14 11.83 17.00
CA LEU E 74 -42.89 11.15 17.37
C LEU E 74 -42.89 10.78 18.85
N THR E 75 -42.36 9.60 19.18
CA THR E 75 -42.18 9.17 20.57
C THR E 75 -40.95 8.27 20.72
N PRO E 76 -40.25 8.34 21.87
CA PRO E 76 -39.22 7.32 22.13
C PRO E 76 -39.76 5.97 22.59
N HIS E 77 -41.06 5.89 22.90
CA HIS E 77 -41.65 4.70 23.49
C HIS E 77 -42.39 3.87 22.47
N ASN E 78 -41.86 2.68 22.21
CA ASN E 78 -42.45 1.77 21.23
C ASN E 78 -43.87 1.33 21.61
N LYS E 79 -44.16 1.27 22.91
CA LYS E 79 -45.50 0.92 23.40
C LYS E 79 -46.52 1.99 22.99
N GLU E 80 -46.11 3.26 23.01
CA GLU E 80 -46.97 4.36 22.60
C GLU E 80 -47.35 4.22 21.13
N THR E 81 -46.37 3.86 20.30
CA THR E 81 -46.59 3.62 18.88
C THR E 81 -47.61 2.50 18.66
N VAL E 82 -47.45 1.38 19.38
CA VAL E 82 -48.39 0.26 19.27
C VAL E 82 -49.83 0.69 19.60
N GLN E 83 -49.99 1.43 20.70
CA GLN E 83 -51.29 1.89 21.16
C GLN E 83 -52.00 2.86 20.20
N HIS E 84 -51.22 3.67 19.47
CA HIS E 84 -51.74 4.59 18.45
C HIS E 84 -52.24 3.85 17.21
N SER E 85 -51.57 2.75 16.86
CA SER E 85 -51.65 2.18 15.51
C SER E 85 -52.75 1.15 15.29
N ASP E 86 -53.29 1.15 14.07
CA ASP E 86 -54.06 0.05 13.52
C ASP E 86 -53.13 -0.83 12.69
N VAL E 87 -52.46 -0.20 11.73
CA VAL E 87 -51.41 -0.84 10.94
C VAL E 87 -50.05 -0.44 11.54
N LEU E 88 -49.27 -1.44 11.95
CA LEU E 88 -47.96 -1.20 12.57
C LEU E 88 -46.82 -1.75 11.71
N PHE E 89 -45.98 -0.84 11.21
CA PHE E 89 -44.81 -1.19 10.42
C PHE E 89 -43.59 -1.41 11.32
N LEU E 90 -42.89 -2.52 11.12
CA LEU E 90 -41.62 -2.75 11.78
C LEU E 90 -40.52 -2.33 10.82
N ALA E 91 -39.86 -1.21 11.17
CA ALA E 91 -38.86 -0.57 10.33
C ALA E 91 -37.54 -0.41 11.07
N VAL E 92 -37.13 -1.49 11.74
CA VAL E 92 -35.83 -1.57 12.41
C VAL E 92 -34.96 -2.59 11.66
N LYS E 93 -33.65 -2.54 11.92
CA LYS E 93 -32.71 -3.54 11.40
C LYS E 93 -33.21 -4.96 11.70
N PRO E 94 -32.94 -5.92 10.79
CA PRO E 94 -33.44 -7.29 11.01
C PRO E 94 -33.04 -7.94 12.35
N HIS E 95 -31.81 -7.74 12.81
CA HIS E 95 -31.37 -8.30 14.10
C HIS E 95 -32.06 -7.68 15.32
N ILE E 96 -32.67 -6.51 15.14
CA ILE E 96 -33.46 -5.84 16.20
C ILE E 96 -34.90 -6.38 16.28
N ILE E 97 -35.39 -7.01 15.23
CA ILE E 97 -36.80 -7.43 15.19
C ILE E 97 -37.21 -8.29 16.40
N PRO E 98 -36.45 -9.36 16.71
CA PRO E 98 -36.78 -10.20 17.87
C PRO E 98 -36.92 -9.45 19.19
N PHE E 99 -36.09 -8.42 19.38
CA PHE E 99 -36.12 -7.61 20.60
C PHE E 99 -37.38 -6.74 20.72
N ILE E 100 -37.80 -6.10 19.64
CA ILE E 100 -39.02 -5.31 19.72
C ILE E 100 -40.27 -6.21 19.78
N LEU E 101 -40.21 -7.40 19.20
CA LEU E 101 -41.33 -8.35 19.29
C LEU E 101 -41.52 -8.82 20.74
N ASP E 102 -40.42 -9.12 21.43
CA ASP E 102 -40.47 -9.46 22.84
C ASP E 102 -40.93 -8.26 23.69
N GLU E 103 -40.60 -7.05 23.27
CA GLU E 103 -40.95 -5.83 23.99
C GLU E 103 -42.43 -5.47 23.86
N ILE E 104 -42.98 -5.63 22.65
CA ILE E 104 -44.32 -5.13 22.31
C ILE E 104 -45.39 -6.22 22.19
N GLY E 105 -44.96 -7.48 22.27
CA GLY E 105 -45.84 -8.61 22.01
C GLY E 105 -47.09 -8.64 22.86
N ALA E 106 -46.93 -8.31 24.15
CA ALA E 106 -48.04 -8.24 25.08
C ALA E 106 -48.99 -7.05 24.83
N ASP E 107 -48.53 -6.08 24.04
CA ASP E 107 -49.36 -4.92 23.66
C ASP E 107 -50.14 -5.08 22.34
N ILE E 108 -49.88 -6.15 21.59
CA ILE E 108 -50.60 -6.40 20.34
C ILE E 108 -52.05 -6.79 20.63
N GLU E 109 -52.98 -6.26 19.83
CA GLU E 109 -54.42 -6.45 20.02
C GLU E 109 -55.02 -7.15 18.81
N ASP E 110 -56.32 -7.43 18.88
CA ASP E 110 -57.06 -8.03 17.78
C ASP E 110 -56.99 -7.15 16.53
N ARG E 111 -57.09 -5.85 16.74
CA ARG E 111 -57.16 -4.87 15.65
C ARG E 111 -55.89 -4.76 14.80
N HIS E 112 -54.74 -5.13 15.39
CA HIS E 112 -53.43 -4.82 14.82
C HIS E 112 -53.09 -5.66 13.58
N ILE E 113 -52.62 -4.98 12.53
CA ILE E 113 -51.93 -5.62 11.41
C ILE E 113 -50.46 -5.25 11.53
N VAL E 114 -49.62 -6.26 11.73
CA VAL E 114 -48.19 -6.07 11.92
C VAL E 114 -47.48 -6.31 10.59
N VAL E 115 -46.90 -5.25 10.03
CA VAL E 115 -46.26 -5.30 8.73
C VAL E 115 -44.75 -5.19 8.94
N SER E 116 -44.05 -6.31 8.73
CA SER E 116 -42.59 -6.31 8.84
C SER E 116 -41.95 -5.93 7.51
N CYS E 117 -41.07 -4.93 7.55
CA CYS E 117 -40.29 -4.47 6.40
C CYS E 117 -38.86 -4.98 6.43
N ALA E 118 -38.49 -5.67 7.50
CA ALA E 118 -37.12 -6.11 7.68
C ALA E 118 -36.69 -7.14 6.62
N ALA E 119 -35.52 -6.87 6.03
CA ALA E 119 -34.87 -7.80 5.10
C ALA E 119 -34.71 -9.21 5.72
N GLY E 120 -35.09 -10.23 4.97
CA GLY E 120 -34.79 -11.61 5.34
C GLY E 120 -35.66 -12.27 6.40
N VAL E 121 -36.31 -11.47 7.25
CA VAL E 121 -37.00 -11.98 8.45
C VAL E 121 -38.33 -12.61 8.11
N THR E 122 -38.47 -13.87 8.50
CA THR E 122 -39.61 -14.67 8.06
C THR E 122 -40.89 -14.38 8.85
N ILE E 123 -42.02 -14.55 8.16
CA ILE E 123 -43.33 -14.49 8.79
C ILE E 123 -43.41 -15.50 9.93
N SER E 124 -42.87 -16.71 9.72
CA SER E 124 -42.83 -17.74 10.76
C SER E 124 -42.16 -17.27 12.05
N SER E 125 -40.99 -16.64 11.92
CA SER E 125 -40.25 -16.19 13.08
C SER E 125 -41.02 -15.10 13.86
N ILE E 126 -41.72 -14.23 13.15
CA ILE E 126 -42.47 -13.14 13.75
C ILE E 126 -43.70 -13.70 14.46
N GLU E 127 -44.43 -14.55 13.74
CA GLU E 127 -45.62 -15.22 14.25
C GLU E 127 -45.31 -16.06 15.49
N LYS E 128 -44.21 -16.80 15.46
CA LYS E 128 -43.77 -17.59 16.59
C LYS E 128 -43.59 -16.69 17.83
N LYS E 129 -42.84 -15.59 17.65
CA LYS E 129 -42.52 -14.67 18.75
C LYS E 129 -43.75 -13.99 19.34
N LEU E 130 -44.65 -13.53 18.46
CA LEU E 130 -45.86 -12.82 18.90
C LEU E 130 -46.93 -13.73 19.50
N SER E 131 -47.05 -14.97 18.99
CA SER E 131 -48.07 -15.93 19.44
C SER E 131 -47.88 -16.38 20.88
N ALA E 132 -46.65 -16.24 21.39
CA ALA E 132 -46.35 -16.48 22.80
C ALA E 132 -47.16 -15.56 23.73
N PHE E 133 -47.52 -14.37 23.25
CA PHE E 133 -48.25 -13.38 24.05
C PHE E 133 -49.73 -13.37 23.75
N ARG E 134 -50.10 -13.53 22.49
CA ARG E 134 -51.50 -13.53 22.08
C ARG E 134 -51.64 -14.28 20.76
N PRO E 135 -52.59 -15.24 20.69
CA PRO E 135 -52.66 -16.04 19.47
C PRO E 135 -53.26 -15.27 18.27
N ALA E 136 -53.05 -15.82 17.08
CA ALA E 136 -53.57 -15.24 15.84
C ALA E 136 -53.07 -13.80 15.50
N PRO E 137 -51.77 -13.52 15.68
CA PRO E 137 -51.24 -12.23 15.22
C PRO E 137 -51.41 -12.08 13.71
N ARG E 138 -51.86 -10.91 13.26
CA ARG E 138 -52.08 -10.67 11.84
C ARG E 138 -50.80 -10.06 11.30
N VAL E 139 -50.04 -10.86 10.55
CA VAL E 139 -48.70 -10.48 10.11
C VAL E 139 -48.66 -10.45 8.58
N ILE E 140 -48.05 -9.39 8.04
CA ILE E 140 -47.68 -9.29 6.64
C ILE E 140 -46.19 -8.96 6.58
N ARG E 141 -45.50 -9.59 5.64
CA ARG E 141 -44.12 -9.29 5.37
C ARG E 141 -44.02 -8.52 4.07
N CYS E 142 -43.25 -7.44 4.06
CA CYS E 142 -43.02 -6.71 2.83
C CYS E 142 -41.54 -6.45 2.54
N MET E 143 -41.27 -6.21 1.26
CA MET E 143 -39.99 -5.68 0.82
C MET E 143 -40.33 -4.52 -0.09
N THR E 144 -39.78 -3.36 0.24
CA THR E 144 -40.01 -2.16 -0.53
C THR E 144 -38.62 -1.56 -0.82
N ASN E 145 -38.58 -0.28 -1.15
CA ASN E 145 -37.31 0.40 -1.38
C ASN E 145 -37.48 1.90 -1.15
N THR E 146 -36.37 2.63 -1.12
CA THR E 146 -36.39 4.04 -0.72
C THR E 146 -37.16 4.98 -1.68
N PRO E 147 -37.22 4.67 -3.00
CA PRO E 147 -38.04 5.49 -3.89
C PRO E 147 -39.55 5.66 -3.60
N VAL E 148 -40.10 4.96 -2.61
CA VAL E 148 -41.44 5.32 -2.10
C VAL E 148 -41.49 6.78 -1.65
N VAL E 149 -40.32 7.33 -1.29
CA VAL E 149 -40.16 8.75 -0.96
C VAL E 149 -40.58 9.70 -2.09
N VAL E 150 -40.50 9.25 -3.34
CA VAL E 150 -40.99 10.03 -4.50
C VAL E 150 -42.17 9.31 -5.19
N ARG E 151 -42.82 8.42 -4.44
CA ARG E 151 -43.98 7.65 -4.86
C ARG E 151 -43.72 6.80 -6.11
N GLU E 152 -42.50 6.28 -6.21
CA GLU E 152 -42.15 5.38 -7.30
C GLU E 152 -41.41 4.18 -6.75
N GLY E 153 -41.90 3.68 -5.61
CA GLY E 153 -41.34 2.51 -4.97
C GLY E 153 -41.67 1.24 -5.72
N ALA E 154 -40.99 0.16 -5.34
CA ALA E 154 -41.30 -1.18 -5.84
C ALA E 154 -41.49 -2.04 -4.62
N THR E 155 -42.73 -2.49 -4.41
CA THR E 155 -43.09 -3.17 -3.17
C THR E 155 -43.75 -4.51 -3.46
N VAL E 156 -43.28 -5.56 -2.78
CA VAL E 156 -43.98 -6.84 -2.71
C VAL E 156 -44.40 -7.14 -1.25
N TYR E 157 -45.46 -7.92 -1.09
CA TYR E 157 -45.87 -8.36 0.24
C TYR E 157 -46.36 -9.80 0.22
N ALA E 158 -46.20 -10.47 1.35
CA ALA E 158 -46.79 -11.79 1.61
C ALA E 158 -47.65 -11.74 2.88
N THR E 159 -48.81 -12.39 2.83
CA THR E 159 -49.76 -12.44 3.96
C THR E 159 -49.48 -13.64 4.88
N GLY E 160 -49.55 -13.39 6.18
CA GLY E 160 -49.31 -14.42 7.17
C GLY E 160 -50.44 -15.42 7.32
N THR E 161 -50.28 -16.31 8.28
CA THR E 161 -51.24 -17.37 8.60
C THR E 161 -52.62 -16.82 9.01
N HIS E 162 -52.62 -15.76 9.80
CA HIS E 162 -53.83 -15.20 10.40
C HIS E 162 -54.27 -13.90 9.74
N ALA E 163 -53.56 -13.48 8.70
CA ALA E 163 -53.90 -12.27 7.95
C ALA E 163 -55.20 -12.51 7.18
N GLN E 164 -56.16 -11.62 7.37
CA GLN E 164 -57.48 -11.73 6.72
C GLN E 164 -57.37 -11.27 5.25
N VAL E 165 -58.32 -11.71 4.41
CA VAL E 165 -58.32 -11.36 2.99
C VAL E 165 -58.37 -9.84 2.77
N GLU E 166 -59.18 -9.14 3.57
CA GLU E 166 -59.21 -7.68 3.56
C GLU E 166 -57.89 -7.03 4.01
N ASP E 167 -57.06 -7.75 4.77
CA ASP E 167 -55.75 -7.23 5.21
C ASP E 167 -54.78 -7.08 4.04
N GLY E 168 -54.68 -8.12 3.21
CA GLY E 168 -53.87 -8.06 1.99
C GLY E 168 -54.30 -6.92 1.06
N ARG E 169 -55.61 -6.79 0.86
CA ARG E 169 -56.17 -5.75 -0.02
C ARG E 169 -55.88 -4.36 0.52
N LEU E 170 -56.01 -4.18 1.83
CA LEU E 170 -55.68 -2.91 2.48
C LEU E 170 -54.22 -2.55 2.29
N MET E 171 -53.33 -3.51 2.53
CA MET E 171 -51.91 -3.24 2.35
C MET E 171 -51.54 -2.91 0.90
N GLU E 172 -52.14 -3.63 -0.05
CA GLU E 172 -51.92 -3.32 -1.47
C GLU E 172 -52.46 -1.93 -1.86
N GLN E 173 -53.62 -1.55 -1.33
CA GLN E 173 -54.13 -0.19 -1.54
C GLN E 173 -53.17 0.87 -1.01
N LEU E 174 -52.71 0.68 0.22
CA LEU E 174 -51.83 1.64 0.88
C LEU E 174 -50.46 1.76 0.16
N LEU E 175 -49.85 0.62 -0.17
CA LEU E 175 -48.51 0.62 -0.77
C LEU E 175 -48.54 0.89 -2.26
N SER E 176 -49.67 0.64 -2.92
CA SER E 176 -49.85 1.07 -4.31
C SER E 176 -49.81 2.60 -4.46
N SER E 177 -50.10 3.32 -3.38
CA SER E 177 -50.15 4.77 -3.40
C SER E 177 -48.75 5.38 -3.55
N VAL E 178 -47.70 4.59 -3.28
CA VAL E 178 -46.32 5.06 -3.29
C VAL E 178 -45.44 4.30 -4.29
N GLY E 179 -46.07 3.55 -5.19
CA GLY E 179 -45.36 2.84 -6.23
C GLY E 179 -46.04 1.56 -6.65
N PHE E 180 -45.28 0.71 -7.30
CA PHE E 180 -45.75 -0.60 -7.68
C PHE E 180 -45.89 -1.47 -6.43
N CYS E 181 -46.96 -2.24 -6.38
CA CYS E 181 -47.20 -3.17 -5.29
C CYS E 181 -47.91 -4.42 -5.82
N THR E 182 -47.40 -5.58 -5.45
CA THR E 182 -48.06 -6.82 -5.75
C THR E 182 -47.79 -7.85 -4.67
N GLU E 183 -48.75 -8.75 -4.49
CA GLU E 183 -48.60 -9.89 -3.60
C GLU E 183 -47.71 -10.94 -4.24
N VAL E 184 -46.86 -11.54 -3.42
CA VAL E 184 -46.03 -12.66 -3.83
C VAL E 184 -46.04 -13.72 -2.75
N GLU E 185 -45.70 -14.94 -3.14
CA GLU E 185 -45.35 -16.00 -2.19
C GLU E 185 -44.10 -15.58 -1.43
N GLU E 186 -44.05 -15.88 -0.13
CA GLU E 186 -42.94 -15.40 0.74
C GLU E 186 -41.57 -15.87 0.28
N ASP E 187 -41.50 -17.06 -0.33
CA ASP E 187 -40.21 -17.59 -0.77
C ASP E 187 -39.56 -16.81 -1.92
N LEU E 188 -40.28 -15.84 -2.52
CA LEU E 188 -39.69 -14.92 -3.49
C LEU E 188 -39.08 -13.65 -2.88
N ILE E 189 -39.34 -13.36 -1.61
CA ILE E 189 -39.00 -12.03 -1.09
C ILE E 189 -37.48 -11.77 -0.98
N ASP E 190 -36.70 -12.76 -0.59
CA ASP E 190 -35.24 -12.59 -0.57
C ASP E 190 -34.67 -12.18 -1.95
N ALA E 191 -35.18 -12.79 -3.02
CA ALA E 191 -34.75 -12.49 -4.37
C ALA E 191 -35.18 -11.09 -4.81
N VAL E 192 -36.41 -10.71 -4.48
CA VAL E 192 -36.87 -9.34 -4.69
C VAL E 192 -35.97 -8.35 -3.99
N THR E 193 -35.58 -8.66 -2.76
CA THR E 193 -34.63 -7.83 -2.01
C THR E 193 -33.35 -7.59 -2.80
N GLY E 194 -32.84 -8.64 -3.42
CA GLY E 194 -31.64 -8.54 -4.25
C GLY E 194 -31.77 -7.68 -5.50
N LEU E 195 -33.00 -7.59 -6.02
CA LEU E 195 -33.30 -6.92 -7.27
C LEU E 195 -33.78 -5.49 -7.02
N SER E 196 -34.98 -5.35 -6.48
CA SER E 196 -35.57 -4.03 -6.24
C SER E 196 -35.24 -3.40 -4.87
N GLY E 197 -34.94 -4.21 -3.85
CA GLY E 197 -34.57 -3.68 -2.54
C GLY E 197 -33.23 -2.98 -2.62
N SER E 198 -32.24 -3.69 -3.16
CA SER E 198 -30.89 -3.17 -3.39
C SER E 198 -30.75 -2.36 -4.68
N GLY E 199 -31.69 -2.53 -5.60
CA GLY E 199 -31.63 -1.90 -6.92
C GLY E 199 -31.31 -0.42 -6.99
N PRO E 200 -31.98 0.39 -6.16
CA PRO E 200 -31.63 1.81 -6.18
C PRO E 200 -30.14 2.11 -5.99
N ALA E 201 -29.46 1.37 -5.12
CA ALA E 201 -28.02 1.55 -4.94
C ALA E 201 -27.23 1.26 -6.21
N TYR E 202 -27.65 0.24 -6.97
CA TYR E 202 -26.99 -0.08 -8.24
C TYR E 202 -27.14 1.12 -9.18
N ALA E 203 -28.35 1.68 -9.21
CA ALA E 203 -28.67 2.85 -10.01
C ALA E 203 -27.88 4.09 -9.59
N PHE E 204 -27.72 4.34 -8.29
CA PHE E 204 -26.98 5.53 -7.85
C PHE E 204 -25.53 5.40 -8.23
N THR E 205 -25.00 4.18 -8.12
CA THR E 205 -23.63 3.87 -8.54
C THR E 205 -23.44 4.11 -10.04
N ALA E 206 -24.37 3.58 -10.83
CA ALA E 206 -24.41 3.75 -12.29
C ALA E 206 -24.46 5.21 -12.70
N LEU E 207 -25.28 5.99 -12.00
CA LEU E 207 -25.47 7.40 -12.32
C LEU E 207 -24.24 8.23 -11.99
N ASP E 208 -23.59 7.93 -10.87
CA ASP E 208 -22.31 8.57 -10.53
C ASP E 208 -21.25 8.33 -11.63
N ALA E 209 -21.14 7.07 -12.05
CA ALA E 209 -20.21 6.65 -13.10
C ALA E 209 -20.51 7.26 -14.47
N LEU E 210 -21.78 7.23 -14.87
CA LEU E 210 -22.23 7.85 -16.10
C LEU E 210 -21.97 9.37 -16.08
N ALA E 211 -22.19 10.01 -14.93
CA ALA E 211 -21.83 11.41 -14.78
C ALA E 211 -20.30 11.64 -14.96
N ASP E 212 -19.46 10.81 -14.33
CA ASP E 212 -18.00 10.85 -14.50
C ASP E 212 -17.64 10.73 -16.00
N GLY E 213 -18.32 9.85 -16.71
CA GLY E 213 -18.20 9.72 -18.16
C GLY E 213 -18.49 10.99 -18.93
N GLY E 214 -19.60 11.64 -18.59
CA GLY E 214 -19.98 12.92 -19.18
C GLY E 214 -18.92 13.97 -18.93
N VAL E 215 -18.43 14.01 -17.68
CA VAL E 215 -17.41 14.95 -17.27
C VAL E 215 -16.08 14.70 -18.01
N LYS E 216 -15.67 13.44 -18.11
CA LYS E 216 -14.49 13.10 -18.90
C LYS E 216 -14.57 13.64 -20.34
N MET E 217 -15.76 13.62 -20.92
CA MET E 217 -15.95 14.02 -22.30
C MET E 217 -16.28 15.50 -22.44
N GLY E 218 -16.23 16.24 -21.34
CA GLY E 218 -16.26 17.72 -21.37
C GLY E 218 -17.52 18.37 -20.84
N LEU E 219 -18.45 17.59 -20.31
CA LEU E 219 -19.65 18.16 -19.69
C LEU E 219 -19.44 18.64 -18.26
N PRO E 220 -20.08 19.76 -17.88
CA PRO E 220 -20.18 20.14 -16.46
C PRO E 220 -20.86 19.04 -15.63
N ARG E 221 -20.40 18.81 -14.41
CA ARG E 221 -20.90 17.74 -13.57
C ARG E 221 -22.41 17.81 -13.35
N ARG E 222 -22.90 19.00 -13.04
CA ARG E 222 -24.32 19.21 -12.78
C ARG E 222 -25.18 18.79 -13.96
N LEU E 223 -24.80 19.21 -15.15
CA LEU E 223 -25.49 18.83 -16.38
C LEU E 223 -25.38 17.32 -16.64
N ALA E 224 -24.19 16.74 -16.43
CA ALA E 224 -23.99 15.31 -16.65
C ALA E 224 -24.88 14.47 -15.71
N VAL E 225 -25.00 14.90 -14.45
CA VAL E 225 -25.84 14.19 -13.50
C VAL E 225 -27.32 14.21 -13.93
N ARG E 226 -27.77 15.40 -14.30
CA ARG E 226 -29.15 15.63 -14.73
C ARG E 226 -29.52 14.79 -15.97
N LEU E 227 -28.65 14.80 -16.97
CA LEU E 227 -28.88 14.07 -18.23
C LEU E 227 -28.81 12.57 -18.02
N GLY E 228 -27.85 12.13 -17.22
CA GLY E 228 -27.73 10.71 -16.91
C GLY E 228 -28.95 10.15 -16.18
N ALA E 229 -29.40 10.87 -15.16
CA ALA E 229 -30.59 10.50 -14.39
C ALA E 229 -31.85 10.53 -15.24
N GLN E 230 -32.01 11.58 -16.06
CA GLN E 230 -33.14 11.68 -16.97
C GLN E 230 -33.17 10.54 -17.99
N ALA E 231 -32.00 10.17 -18.52
CA ALA E 231 -31.86 9.07 -19.45
C ALA E 231 -32.33 7.75 -18.83
N LEU E 232 -31.90 7.46 -17.61
CA LEU E 232 -32.33 6.24 -16.89
C LEU E 232 -33.81 6.22 -16.51
N LEU E 233 -34.32 7.35 -16.04
CA LEU E 233 -35.73 7.49 -15.72
C LEU E 233 -36.61 7.27 -16.97
N GLY E 234 -36.23 7.92 -18.07
CA GLY E 234 -37.00 7.81 -19.32
C GLY E 234 -37.00 6.40 -19.90
N ALA E 235 -35.82 5.79 -19.92
CA ALA E 235 -35.67 4.42 -20.41
C ALA E 235 -36.47 3.41 -19.60
N ALA E 236 -36.42 3.54 -18.27
CA ALA E 236 -37.21 2.70 -17.37
C ALA E 236 -38.69 2.84 -17.69
N LYS E 237 -39.16 4.07 -17.81
CA LYS E 237 -40.56 4.35 -18.12
C LYS E 237 -40.99 3.78 -19.48
N MET E 238 -40.14 3.93 -20.50
CA MET E 238 -40.38 3.33 -21.81
C MET E 238 -40.61 1.84 -21.69
N LEU E 239 -39.72 1.16 -20.97
CA LEU E 239 -39.83 -0.29 -20.82
C LEU E 239 -41.14 -0.67 -20.10
N LEU E 240 -41.49 0.06 -19.05
CA LEU E 240 -42.72 -0.21 -18.29
C LEU E 240 -43.97 0.02 -19.13
N HIS E 241 -43.91 0.97 -20.07
CA HIS E 241 -45.06 1.29 -20.91
C HIS E 241 -45.10 0.49 -22.21
N SER E 242 -44.05 -0.25 -22.49
CA SER E 242 -43.93 -1.01 -23.72
C SER E 242 -44.38 -2.46 -23.56
N GLU E 243 -44.90 -3.00 -24.66
CA GLU E 243 -45.15 -4.44 -24.80
C GLU E 243 -43.88 -5.21 -25.23
N GLN E 244 -42.76 -4.50 -25.35
CA GLN E 244 -41.58 -5.01 -26.01
C GLN E 244 -40.56 -5.52 -25.03
N HIS E 245 -39.77 -6.47 -25.52
CA HIS E 245 -38.64 -7.00 -24.78
C HIS E 245 -37.56 -5.92 -24.69
N PRO E 246 -36.85 -5.83 -23.54
CA PRO E 246 -35.74 -4.85 -23.43
C PRO E 246 -34.68 -4.93 -24.52
N GLY E 247 -34.41 -6.13 -25.05
CA GLY E 247 -33.53 -6.30 -26.20
C GLY E 247 -34.08 -5.66 -27.46
N GLN E 248 -35.39 -5.75 -27.67
CA GLN E 248 -36.00 -5.11 -28.82
C GLN E 248 -35.86 -3.60 -28.72
N LEU E 249 -36.04 -3.06 -27.52
CA LEU E 249 -35.91 -1.63 -27.29
C LEU E 249 -34.44 -1.20 -27.47
N LYS E 250 -33.53 -2.06 -27.03
CA LYS E 250 -32.10 -1.89 -27.33
C LYS E 250 -31.86 -1.85 -28.84
N ASP E 251 -32.34 -2.88 -29.54
CA ASP E 251 -32.29 -2.94 -31.01
C ASP E 251 -32.81 -1.64 -31.66
N ASN E 252 -33.93 -1.13 -31.16
CA ASN E 252 -34.55 0.10 -31.70
C ASN E 252 -33.70 1.37 -31.60
N VAL E 253 -32.79 1.43 -30.63
CA VAL E 253 -31.95 2.61 -30.41
C VAL E 253 -30.54 2.50 -30.99
N SER E 254 -30.17 1.32 -31.47
CA SER E 254 -28.81 1.04 -31.93
C SER E 254 -28.72 1.08 -33.46
N SER E 255 -28.47 2.25 -34.02
CA SER E 255 -28.35 2.37 -35.47
C SER E 255 -27.07 1.69 -35.98
N PRO E 256 -27.16 1.06 -37.15
CA PRO E 256 -26.02 0.37 -37.72
C PRO E 256 -24.77 1.26 -37.82
N GLY E 257 -23.65 0.75 -37.31
CA GLY E 257 -22.39 1.47 -37.36
C GLY E 257 -22.25 2.65 -36.40
N GLY E 258 -23.28 2.91 -35.62
CA GLY E 258 -23.40 4.12 -34.86
C GLY E 258 -22.71 4.15 -33.51
N ALA E 259 -22.87 5.29 -32.86
CA ALA E 259 -22.33 5.55 -31.52
C ALA E 259 -22.83 4.59 -30.44
N THR E 260 -24.13 4.34 -30.41
CA THR E 260 -24.73 3.51 -29.37
C THR E 260 -24.21 2.07 -29.41
N ILE E 261 -24.24 1.45 -30.59
CA ILE E 261 -23.75 0.09 -30.74
C ILE E 261 -22.24 -0.03 -30.41
N HIS E 262 -21.43 0.97 -30.79
CA HIS E 262 -20.04 1.05 -30.31
C HIS E 262 -19.93 1.05 -28.77
N ALA E 263 -20.77 1.83 -28.11
CA ALA E 263 -20.77 1.88 -26.64
C ALA E 263 -21.26 0.56 -26.01
N LEU E 264 -22.24 -0.07 -26.64
CA LEU E 264 -22.77 -1.35 -26.13
C LEU E 264 -21.70 -2.43 -26.19
N HIS E 265 -20.88 -2.41 -27.23
CA HIS E 265 -19.77 -3.34 -27.33
C HIS E 265 -18.78 -3.20 -26.16
N VAL E 266 -18.38 -2.00 -25.80
CA VAL E 266 -17.46 -1.85 -24.67
C VAL E 266 -18.06 -2.34 -23.37
N LEU E 267 -19.37 -2.14 -23.16
CA LEU E 267 -20.04 -2.76 -22.01
C LEU E 267 -19.99 -4.29 -22.03
N GLU E 268 -20.27 -4.88 -23.19
CA GLU E 268 -20.22 -6.32 -23.35
C GLU E 268 -18.84 -6.87 -23.07
N SER E 269 -17.81 -6.14 -23.51
CA SER E 269 -16.42 -6.57 -23.38
C SER E 269 -15.95 -6.64 -21.90
N GLY E 270 -16.54 -5.81 -21.04
CA GLY E 270 -16.38 -5.86 -19.60
C GLY E 270 -17.30 -6.80 -18.81
N GLY E 271 -18.20 -7.50 -19.49
CA GLY E 271 -19.14 -8.37 -18.84
C GLY E 271 -20.13 -7.62 -17.96
N PHE E 272 -20.56 -6.45 -18.44
CA PHE E 272 -21.53 -5.59 -17.77
C PHE E 272 -22.76 -6.34 -17.28
N ARG E 273 -23.36 -7.13 -18.16
CA ARG E 273 -24.56 -7.90 -17.81
C ARG E 273 -24.25 -8.83 -16.64
N SER E 274 -23.12 -9.54 -16.72
CA SER E 274 -22.71 -10.49 -15.70
C SER E 274 -22.51 -9.84 -14.33
N LEU E 275 -22.06 -8.57 -14.29
CA LEU E 275 -21.87 -7.87 -13.01
C LEU E 275 -23.21 -7.59 -12.33
N LEU E 276 -24.22 -7.21 -13.10
CA LEU E 276 -25.53 -6.96 -12.56
C LEU E 276 -26.22 -8.26 -12.09
N ILE E 277 -26.03 -9.36 -12.81
CA ILE E 277 -26.48 -10.66 -12.34
C ILE E 277 -25.79 -11.01 -10.99
N ASN E 278 -24.47 -10.85 -10.97
CA ASN E 278 -23.67 -11.04 -9.73
C ASN E 278 -24.20 -10.26 -8.54
N ALA E 279 -24.59 -9.00 -8.78
CA ALA E 279 -25.07 -8.11 -7.73
C ALA E 279 -26.40 -8.61 -7.15
N VAL E 280 -27.35 -8.92 -8.02
CA VAL E 280 -28.65 -9.44 -7.56
C VAL E 280 -28.45 -10.73 -6.76
N GLU E 281 -27.67 -11.66 -7.31
CA GLU E 281 -27.30 -12.87 -6.61
C GLU E 281 -26.66 -12.62 -5.24
N ALA E 282 -25.67 -11.72 -5.16
CA ALA E 282 -24.92 -11.47 -3.94
C ALA E 282 -25.81 -10.88 -2.86
N SER E 283 -26.67 -9.95 -3.26
CA SER E 283 -27.63 -9.35 -2.32
C SER E 283 -28.63 -10.40 -1.81
N CYS E 284 -29.20 -11.19 -2.72
CA CYS E 284 -30.11 -12.26 -2.33
C CYS E 284 -29.42 -13.27 -1.39
N ILE E 285 -28.23 -13.75 -1.74
CA ILE E 285 -27.51 -14.72 -0.88
C ILE E 285 -27.19 -14.13 0.52
N ARG E 286 -26.75 -12.89 0.57
CA ARG E 286 -26.47 -12.26 1.85
C ARG E 286 -27.75 -12.14 2.72
N THR E 287 -28.88 -11.79 2.08
CA THR E 287 -30.18 -11.72 2.75
C THR E 287 -30.55 -13.08 3.35
N ARG E 288 -30.40 -14.16 2.58
CA ARG E 288 -30.63 -15.53 3.07
C ARG E 288 -29.67 -15.94 4.21
N GLU E 289 -28.38 -15.61 4.05
CA GLU E 289 -27.35 -15.82 5.08
C GLU E 289 -27.68 -15.19 6.41
N LEU E 290 -28.05 -13.93 6.37
CA LEU E 290 -28.34 -13.20 7.57
C LEU E 290 -29.46 -13.88 8.33
N GLN E 291 -30.50 -14.32 7.60
CA GLN E 291 -31.64 -14.97 8.27
C GLN E 291 -31.26 -16.34 8.85
N SER E 292 -30.43 -17.10 8.14
CA SER E 292 -29.89 -18.36 8.67
C SER E 292 -29.18 -18.19 10.00
N MET E 293 -28.39 -17.11 10.10
CA MET E 293 -27.71 -16.73 11.35
C MET E 293 -28.72 -16.35 12.45
N ALA E 294 -29.76 -15.61 12.07
CA ALA E 294 -30.89 -15.37 12.97
C ALA E 294 -31.71 -16.66 13.16
#